data_1FKY
# 
_entry.id   1FKY 
# 
_audit_conform.dict_name       mmcif_pdbx.dic 
_audit_conform.dict_version    5.392 
_audit_conform.dict_location   http://mmcif.pdb.org/dictionaries/ascii/mmcif_pdbx.dic 
# 
loop_
_database_2.database_id 
_database_2.database_code 
_database_2.pdbx_database_accession 
_database_2.pdbx_DOI 
PDB   1FKY         pdb_00001fky 10.2210/pdb1fky/pdb 
WWPDB D_1000173326 ?            ?                   
# 
loop_
_pdbx_audit_revision_history.ordinal 
_pdbx_audit_revision_history.data_content_type 
_pdbx_audit_revision_history.major_revision 
_pdbx_audit_revision_history.minor_revision 
_pdbx_audit_revision_history.revision_date 
1 'Structure model' 1 0 1997-04-01 
2 'Structure model' 1 1 2008-03-24 
3 'Structure model' 1 2 2011-07-13 
4 'Structure model' 1 3 2022-02-23 
5 'Structure model' 1 4 2024-05-22 
# 
_pdbx_audit_revision_details.ordinal             1 
_pdbx_audit_revision_details.revision_ordinal    1 
_pdbx_audit_revision_details.data_content_type   'Structure model' 
_pdbx_audit_revision_details.provider            repository 
_pdbx_audit_revision_details.type                'Initial release' 
_pdbx_audit_revision_details.description         ? 
_pdbx_audit_revision_details.details             ? 
# 
loop_
_pdbx_audit_revision_group.ordinal 
_pdbx_audit_revision_group.revision_ordinal 
_pdbx_audit_revision_group.data_content_type 
_pdbx_audit_revision_group.group 
1 2 'Structure model' 'Version format compliance' 
2 3 'Structure model' 'Version format compliance' 
3 4 'Structure model' 'Data collection'           
4 4 'Structure model' 'Database references'       
5 4 'Structure model' 'Derived calculations'      
6 4 'Structure model' Other                       
7 5 'Structure model' 'Data collection'           
# 
loop_
_pdbx_audit_revision_category.ordinal 
_pdbx_audit_revision_category.revision_ordinal 
_pdbx_audit_revision_category.data_content_type 
_pdbx_audit_revision_category.category 
1 4 'Structure model' database_2            
2 4 'Structure model' pdbx_database_status  
3 4 'Structure model' pdbx_nmr_software     
4 4 'Structure model' pdbx_struct_assembly  
5 4 'Structure model' pdbx_struct_oper_list 
6 5 'Structure model' chem_comp_atom        
7 5 'Structure model' chem_comp_bond        
# 
loop_
_pdbx_audit_revision_item.ordinal 
_pdbx_audit_revision_item.revision_ordinal 
_pdbx_audit_revision_item.data_content_type 
_pdbx_audit_revision_item.item 
1 4 'Structure model' '_database_2.pdbx_DOI'                
2 4 'Structure model' '_database_2.pdbx_database_accession' 
3 4 'Structure model' '_pdbx_database_status.process_site'  
4 4 'Structure model' '_pdbx_nmr_software.name'             
# 
_pdbx_database_status.status_code                     REL 
_pdbx_database_status.entry_id                        1FKY 
_pdbx_database_status.recvd_initial_deposition_date   1996-10-09 
_pdbx_database_status.deposit_site                    ? 
_pdbx_database_status.process_site                    BNL 
_pdbx_database_status.SG_entry                        . 
_pdbx_database_status.pdb_format_compatible           Y 
_pdbx_database_status.status_code_mr                  ? 
_pdbx_database_status.status_code_sf                  ? 
_pdbx_database_status.status_code_cs                  ? 
_pdbx_database_status.status_code_nmr_data            ? 
_pdbx_database_status.methods_development_category    ? 
# 
_pdbx_database_related.db_name        PDB 
_pdbx_database_related.db_id          1FKZ 
_pdbx_database_related.details        'ENSEMBLE OF 2 STRUCTURES' 
_pdbx_database_related.content_type   unspecified 
# 
loop_
_audit_author.name 
_audit_author.pdbx_ordinal 
'Boulard, Y.'      1 
'Cognet, J.A.H.'   2 
'Fazakerley, G.V.' 3 
# 
loop_
_citation.id 
_citation.title 
_citation.journal_abbrev 
_citation.journal_volume 
_citation.page_first 
_citation.page_last 
_citation.year 
_citation.journal_id_ASTM 
_citation.country 
_citation.journal_id_ISSN 
_citation.journal_id_CSD 
_citation.book_publisher 
_citation.pdbx_database_id_PubMed 
_citation.pdbx_database_id_DOI 
primary 
;Solution structure as a function of pH of two central mismatches, C . T and C . C, in the 29 to 39 K-ras gene sequence, by nuclear magnetic resonance and molecular dynamics.
;
J.Mol.Biol.    268 331 347 1997 JMOBAK UK 0022-2836 0070 ? 9159474 10.1006/jmbi.1997.0975 
1       
;Solution Structure of an Oncogenic DNA Duplex, the K-Ras Gene and the Sequence Containing a Central C.A or A.G Mismatch as a Function of Ph: Nuclear Magnetic Resonance and Molecular Dynamics Studies
;
J.Mol.Biol.    246 194 ?   1995 JMOBAK UK 0022-2836 0070 ? ?       ?                      
2       
;Helical Parameters, Fluctuations, Alternative Hydrogen Bonding, and Bending in Oligonucleotides Containing a Mismatched Base-Pair by Noesy Distance Restrained and Distance Free Molecular Dynamics
;
J.Mol.Biol.    246 209 ?   1995 JMOBAK UK 0022-2836 0070 ? ?       ?                      
3       
'Solution Structure of Two Mismatches A.A and T.T in the K-Ras Gene Context by Nuclear Magnetic Resonance and Molecular Dynamics' 
Eur.J.Biochem. 228 279 ?   1995 EJBCAI IX 0014-2956 0262 ? ?       ?                      
# 
loop_
_citation_author.citation_id 
_citation_author.name 
_citation_author.ordinal 
_citation_author.identifier_ORCID 
primary 'Boulard, Y.'      1  ? 
primary 'Cognet, J.A.'     2  ? 
primary 'Fazakerley, G.V.' 3  ? 
1       'Boulard, Y.'      4  ? 
1       'Cognet, J.A.'     5  ? 
1       'Gabarro-Arpa, J.' 6  ? 
1       'Le Bret, M.'      7  ? 
1       'Carbonnaux, C.'   8  ? 
1       'Fazakerley, G.V.' 9  ? 
2       'Cognet, J.A.'     10 ? 
2       'Boulard, Y.'      11 ? 
2       'Fazakerley, G.V.' 12 ? 
3       'Gervais, V.'      13 ? 
3       'Cognet, J.A.'     14 ? 
3       'Le Bret, M.'      15 ? 
3       'Sowers, L.C.'     16 ? 
3       'Fazakerley, G.V.' 17 ? 
# 
loop_
_entity.id 
_entity.type 
_entity.src_method 
_entity.pdbx_description 
_entity.formula_weight 
_entity.pdbx_number_of_molecules 
_entity.pdbx_ec 
_entity.pdbx_mutation 
_entity.pdbx_fragment 
_entity.details 
1 polymer syn 
;DNA (5'-D(*GP*CP*CP*AP*CP*CP*AP*GP*CP*TP*C)-3')
;
3279.151 1 ? ? ? ? 
2 polymer syn 
;DNA (5'-D(*GP*AP*GP*CP*TP*TP*GP*TP*GP*GP*C)-3')
;
3405.220 1 ? ? ? ? 
# 
loop_
_entity_poly.entity_id 
_entity_poly.type 
_entity_poly.nstd_linkage 
_entity_poly.nstd_monomer 
_entity_poly.pdbx_seq_one_letter_code 
_entity_poly.pdbx_seq_one_letter_code_can 
_entity_poly.pdbx_strand_id 
_entity_poly.pdbx_target_identifier 
1 polydeoxyribonucleotide no no '(DG)(DC)(DC)(DA)(DC)(DC)(DA)(DG)(DC)(DT)(DC)' GCCACCAGCTC A ? 
2 polydeoxyribonucleotide no no '(DG)(DA)(DG)(DC)(DT)(DT)(DG)(DT)(DG)(DG)(DC)' GAGCTTGTGGC B ? 
# 
loop_
_entity_poly_seq.entity_id 
_entity_poly_seq.num 
_entity_poly_seq.mon_id 
_entity_poly_seq.hetero 
1 1  DG n 
1 2  DC n 
1 3  DC n 
1 4  DA n 
1 5  DC n 
1 6  DC n 
1 7  DA n 
1 8  DG n 
1 9  DC n 
1 10 DT n 
1 11 DC n 
2 1  DG n 
2 2  DA n 
2 3  DG n 
2 4  DC n 
2 5  DT n 
2 6  DT n 
2 7  DG n 
2 8  DT n 
2 9  DG n 
2 10 DG n 
2 11 DC n 
# 
loop_
_chem_comp.id 
_chem_comp.type 
_chem_comp.mon_nstd_flag 
_chem_comp.name 
_chem_comp.pdbx_synonyms 
_chem_comp.formula 
_chem_comp.formula_weight 
DA 'DNA linking' y "2'-DEOXYADENOSINE-5'-MONOPHOSPHATE" ? 'C10 H14 N5 O6 P' 331.222 
DC 'DNA linking' y "2'-DEOXYCYTIDINE-5'-MONOPHOSPHATE"  ? 'C9 H14 N3 O7 P'  307.197 
DG 'DNA linking' y "2'-DEOXYGUANOSINE-5'-MONOPHOSPHATE" ? 'C10 H14 N5 O7 P' 347.221 
DT 'DNA linking' y "THYMIDINE-5'-MONOPHOSPHATE"         ? 'C10 H15 N2 O8 P' 322.208 
# 
loop_
_pdbx_poly_seq_scheme.asym_id 
_pdbx_poly_seq_scheme.entity_id 
_pdbx_poly_seq_scheme.seq_id 
_pdbx_poly_seq_scheme.mon_id 
_pdbx_poly_seq_scheme.ndb_seq_num 
_pdbx_poly_seq_scheme.pdb_seq_num 
_pdbx_poly_seq_scheme.auth_seq_num 
_pdbx_poly_seq_scheme.pdb_mon_id 
_pdbx_poly_seq_scheme.auth_mon_id 
_pdbx_poly_seq_scheme.pdb_strand_id 
_pdbx_poly_seq_scheme.pdb_ins_code 
_pdbx_poly_seq_scheme.hetero 
A 1 1  DG 1  1  1  DG G A . n 
A 1 2  DC 2  2  2  DC C A . n 
A 1 3  DC 3  3  3  DC C A . n 
A 1 4  DA 4  4  4  DA A A . n 
A 1 5  DC 5  5  5  DC C A . n 
A 1 6  DC 6  6  6  DC C A . n 
A 1 7  DA 7  7  7  DA A A . n 
A 1 8  DG 8  8  8  DG G A . n 
A 1 9  DC 9  9  9  DC C A . n 
A 1 10 DT 10 10 10 DT T A . n 
A 1 11 DC 11 11 11 DC C A . n 
B 2 1  DG 1  12 12 DG G B . n 
B 2 2  DA 2  13 13 DA A B . n 
B 2 3  DG 3  14 14 DG G B . n 
B 2 4  DC 4  15 15 DC C B . n 
B 2 5  DT 5  16 16 DT T B . n 
B 2 6  DT 6  17 17 DT T B . n 
B 2 7  DG 7  18 18 DG G B . n 
B 2 8  DT 8  19 19 DT T B . n 
B 2 9  DG 9  20 20 DG G B . n 
B 2 10 DG 10 21 21 DG G B . n 
B 2 11 DC 11 22 22 DC C B . n 
# 
_software.name             AMBER 
_software.classification   refinement 
_software.version          . 
_software.citation_id      ? 
_software.pdbx_ordinal     1 
# 
_cell.entry_id           1FKY 
_cell.length_a           1.000 
_cell.length_b           1.000 
_cell.length_c           1.000 
_cell.angle_alpha        90.00 
_cell.angle_beta         90.00 
_cell.angle_gamma        90.00 
_cell.Z_PDB              1 
_cell.pdbx_unique_axis   ? 
# 
_symmetry.entry_id                         1FKY 
_symmetry.space_group_name_H-M             'P 1' 
_symmetry.pdbx_full_space_group_name_H-M   ? 
_symmetry.cell_setting                     ? 
_symmetry.Int_Tables_number                1 
# 
_exptl.entry_id          1FKY 
_exptl.method            'SOLUTION NMR' 
_exptl.crystals_number   ? 
# 
_struct.entry_id                  1FKY 
_struct.title                     
'NMR STUDY OF B-DNA CONTAINING A MISMATCHED BASE PAIR IN THE 29-39 K-RAS GENE SEQUENCE: CC CT C+C C+T, 2 STRUCTURES' 
_struct.pdbx_model_details        ? 
_struct.pdbx_CASP_flag            ? 
_struct.pdbx_model_type_details   ? 
# 
_struct_keywords.entry_id        1FKY 
_struct_keywords.pdbx_keywords   DNA 
_struct_keywords.text            'DEOXYRIBONUCLEIC ACID, B-DNA, K-RAS, DNA' 
# 
loop_
_struct_asym.id 
_struct_asym.pdbx_blank_PDB_chainid_flag 
_struct_asym.pdbx_modified 
_struct_asym.entity_id 
_struct_asym.details 
A N N 1 ? 
B N N 2 ? 
# 
loop_
_struct_ref.id 
_struct_ref.entity_id 
_struct_ref.db_name 
_struct_ref.db_code 
_struct_ref.pdbx_db_accession 
_struct_ref.pdbx_db_isoform 
_struct_ref.pdbx_seq_one_letter_code 
_struct_ref.pdbx_align_begin 
1 1 PDB 1FKY 1FKY ? ? ? 
2 2 PDB 1FKY 1FKY ? ? ? 
# 
loop_
_struct_ref_seq.align_id 
_struct_ref_seq.ref_id 
_struct_ref_seq.pdbx_PDB_id_code 
_struct_ref_seq.pdbx_strand_id 
_struct_ref_seq.seq_align_beg 
_struct_ref_seq.pdbx_seq_align_beg_ins_code 
_struct_ref_seq.seq_align_end 
_struct_ref_seq.pdbx_seq_align_end_ins_code 
_struct_ref_seq.pdbx_db_accession 
_struct_ref_seq.db_align_beg 
_struct_ref_seq.pdbx_db_align_beg_ins_code 
_struct_ref_seq.db_align_end 
_struct_ref_seq.pdbx_db_align_end_ins_code 
_struct_ref_seq.pdbx_auth_seq_align_beg 
_struct_ref_seq.pdbx_auth_seq_align_end 
1 1 1FKY A 1 ? 11 ? 1FKY 1  ? 11 ? 1  11 
2 2 1FKY B 1 ? 11 ? 1FKY 12 ? 22 ? 12 22 
# 
_pdbx_struct_assembly.id                   1 
_pdbx_struct_assembly.details              author_defined_assembly 
_pdbx_struct_assembly.method_details       ? 
_pdbx_struct_assembly.oligomeric_details   dimeric 
_pdbx_struct_assembly.oligomeric_count     2 
# 
_pdbx_struct_assembly_gen.assembly_id       1 
_pdbx_struct_assembly_gen.oper_expression   1 
_pdbx_struct_assembly_gen.asym_id_list      A,B 
# 
_pdbx_struct_oper_list.id                   1 
_pdbx_struct_oper_list.type                 'identity operation' 
_pdbx_struct_oper_list.name                 1_555 
_pdbx_struct_oper_list.symmetry_operation   x,y,z 
_pdbx_struct_oper_list.matrix[1][1]         1.0000000000 
_pdbx_struct_oper_list.matrix[1][2]         0.0000000000 
_pdbx_struct_oper_list.matrix[1][3]         0.0000000000 
_pdbx_struct_oper_list.vector[1]            0.0000000000 
_pdbx_struct_oper_list.matrix[2][1]         0.0000000000 
_pdbx_struct_oper_list.matrix[2][2]         1.0000000000 
_pdbx_struct_oper_list.matrix[2][3]         0.0000000000 
_pdbx_struct_oper_list.vector[2]            0.0000000000 
_pdbx_struct_oper_list.matrix[3][1]         0.0000000000 
_pdbx_struct_oper_list.matrix[3][2]         0.0000000000 
_pdbx_struct_oper_list.matrix[3][3]         1.0000000000 
_pdbx_struct_oper_list.vector[3]            0.0000000000 
# 
_struct_biol.id   1 
# 
loop_
_struct_conn.id 
_struct_conn.conn_type_id 
_struct_conn.pdbx_leaving_atom_flag 
_struct_conn.pdbx_PDB_id 
_struct_conn.ptnr1_label_asym_id 
_struct_conn.ptnr1_label_comp_id 
_struct_conn.ptnr1_label_seq_id 
_struct_conn.ptnr1_label_atom_id 
_struct_conn.pdbx_ptnr1_label_alt_id 
_struct_conn.pdbx_ptnr1_PDB_ins_code 
_struct_conn.pdbx_ptnr1_standard_comp_id 
_struct_conn.ptnr1_symmetry 
_struct_conn.ptnr2_label_asym_id 
_struct_conn.ptnr2_label_comp_id 
_struct_conn.ptnr2_label_seq_id 
_struct_conn.ptnr2_label_atom_id 
_struct_conn.pdbx_ptnr2_label_alt_id 
_struct_conn.pdbx_ptnr2_PDB_ins_code 
_struct_conn.ptnr1_auth_asym_id 
_struct_conn.ptnr1_auth_comp_id 
_struct_conn.ptnr1_auth_seq_id 
_struct_conn.ptnr2_auth_asym_id 
_struct_conn.ptnr2_auth_comp_id 
_struct_conn.ptnr2_auth_seq_id 
_struct_conn.ptnr2_symmetry 
_struct_conn.pdbx_ptnr3_label_atom_id 
_struct_conn.pdbx_ptnr3_label_seq_id 
_struct_conn.pdbx_ptnr3_label_comp_id 
_struct_conn.pdbx_ptnr3_label_asym_id 
_struct_conn.pdbx_ptnr3_label_alt_id 
_struct_conn.pdbx_ptnr3_PDB_ins_code 
_struct_conn.details 
_struct_conn.pdbx_dist_value 
_struct_conn.pdbx_value_order 
_struct_conn.pdbx_role 
hydrog1  hydrog ? ? A DG 1  N1 ? ? ? 1_555 B DC 11 N3 ? ? A DG 1  B DC 22 1_555 ? ? ? ? ? ? WATSON-CRICK    ? ? ? 
hydrog2  hydrog ? ? A DG 1  N2 ? ? ? 1_555 B DC 11 O2 ? ? A DG 1  B DC 22 1_555 ? ? ? ? ? ? WATSON-CRICK    ? ? ? 
hydrog3  hydrog ? ? A DG 1  O6 ? ? ? 1_555 B DC 11 N4 ? ? A DG 1  B DC 22 1_555 ? ? ? ? ? ? WATSON-CRICK    ? ? ? 
hydrog4  hydrog ? ? A DC 2  N3 ? ? ? 1_555 B DG 10 N1 ? ? A DC 2  B DG 21 1_555 ? ? ? ? ? ? WATSON-CRICK    ? ? ? 
hydrog5  hydrog ? ? A DC 2  N4 ? ? ? 1_555 B DG 10 O6 ? ? A DC 2  B DG 21 1_555 ? ? ? ? ? ? WATSON-CRICK    ? ? ? 
hydrog6  hydrog ? ? A DC 2  O2 ? ? ? 1_555 B DG 10 N2 ? ? A DC 2  B DG 21 1_555 ? ? ? ? ? ? WATSON-CRICK    ? ? ? 
hydrog7  hydrog ? ? A DC 3  N3 ? ? ? 1_555 B DG 9  N1 ? ? A DC 3  B DG 20 1_555 ? ? ? ? ? ? WATSON-CRICK    ? ? ? 
hydrog8  hydrog ? ? A DC 3  N4 ? ? ? 1_555 B DG 9  O6 ? ? A DC 3  B DG 20 1_555 ? ? ? ? ? ? WATSON-CRICK    ? ? ? 
hydrog9  hydrog ? ? A DC 3  O2 ? ? ? 1_555 B DG 9  N2 ? ? A DC 3  B DG 20 1_555 ? ? ? ? ? ? WATSON-CRICK    ? ? ? 
hydrog10 hydrog ? ? A DA 4  N1 ? ? ? 1_555 B DT 8  N3 ? ? A DA 4  B DT 19 1_555 ? ? ? ? ? ? WATSON-CRICK    ? ? ? 
hydrog11 hydrog ? ? A DA 4  N6 ? ? ? 1_555 B DT 8  O4 ? ? A DA 4  B DT 19 1_555 ? ? ? ? ? ? WATSON-CRICK    ? ? ? 
hydrog12 hydrog ? ? A DC 5  N4 ? ? ? 1_555 B DT 6  O4 ? ? A DC 5  B DT 17 1_555 ? ? ? ? ? ? 'DC-DT MISPAIR' ? ? ? 
hydrog13 hydrog ? ? A DC 5  N3 ? ? ? 1_555 B DG 7  N1 ? ? A DC 5  B DG 18 1_555 ? ? ? ? ? ? WATSON-CRICK    ? ? ? 
hydrog14 hydrog ? ? A DC 5  N4 ? ? ? 1_555 B DG 7  O6 ? ? A DC 5  B DG 18 1_555 ? ? ? ? ? ? WATSON-CRICK    ? ? ? 
hydrog15 hydrog ? ? A DC 5  O2 ? ? ? 1_555 B DG 7  N2 ? ? A DC 5  B DG 18 1_555 ? ? ? ? ? ? WATSON-CRICK    ? ? ? 
hydrog16 hydrog ? ? A DC 6  N4 ? ? ? 1_555 B DT 5  O4 ? ? A DC 6  B DT 16 1_555 ? ? ? ? ? ? 'DC-DT MISPAIR' ? ? ? 
hydrog17 hydrog ? ? A DC 6  N3 ? ? ? 1_555 B DT 6  N3 ? ? A DC 6  B DT 17 1_555 ? ? ? ? ? ? TYPE_18_PAIR    ? ? ? 
hydrog18 hydrog ? ? A DC 6  N4 ? ? ? 1_555 B DT 6  O4 ? ? A DC 6  B DT 17 1_555 ? ? ? ? ? ? TYPE_18_PAIR    ? ? ? 
hydrog19 hydrog ? ? A DA 7  N1 ? ? ? 1_555 B DT 5  N3 ? ? A DA 7  B DT 16 1_555 ? ? ? ? ? ? WATSON-CRICK    ? ? ? 
hydrog20 hydrog ? ? A DA 7  N6 ? ? ? 1_555 B DT 5  O4 ? ? A DA 7  B DT 16 1_555 ? ? ? ? ? ? WATSON-CRICK    ? ? ? 
hydrog21 hydrog ? ? A DG 8  N1 ? ? ? 1_555 B DC 4  N3 ? ? A DG 8  B DC 15 1_555 ? ? ? ? ? ? WATSON-CRICK    ? ? ? 
hydrog22 hydrog ? ? A DG 8  N2 ? ? ? 1_555 B DC 4  O2 ? ? A DG 8  B DC 15 1_555 ? ? ? ? ? ? WATSON-CRICK    ? ? ? 
hydrog23 hydrog ? ? A DG 8  O6 ? ? ? 1_555 B DC 4  N4 ? ? A DG 8  B DC 15 1_555 ? ? ? ? ? ? WATSON-CRICK    ? ? ? 
hydrog24 hydrog ? ? A DC 9  N3 ? ? ? 1_555 B DG 3  N1 ? ? A DC 9  B DG 14 1_555 ? ? ? ? ? ? WATSON-CRICK    ? ? ? 
hydrog25 hydrog ? ? A DC 9  N4 ? ? ? 1_555 B DG 3  O6 ? ? A DC 9  B DG 14 1_555 ? ? ? ? ? ? WATSON-CRICK    ? ? ? 
hydrog26 hydrog ? ? A DC 9  O2 ? ? ? 1_555 B DG 3  N2 ? ? A DC 9  B DG 14 1_555 ? ? ? ? ? ? WATSON-CRICK    ? ? ? 
hydrog27 hydrog ? ? A DT 10 N3 ? ? ? 1_555 B DA 2  N1 ? ? A DT 10 B DA 13 1_555 ? ? ? ? ? ? WATSON-CRICK    ? ? ? 
hydrog28 hydrog ? ? A DT 10 O4 ? ? ? 1_555 B DA 2  N6 ? ? A DT 10 B DA 13 1_555 ? ? ? ? ? ? WATSON-CRICK    ? ? ? 
hydrog29 hydrog ? ? A DC 11 N3 ? ? ? 1_555 B DG 1  N1 ? ? A DC 11 B DG 12 1_555 ? ? ? ? ? ? WATSON-CRICK    ? ? ? 
hydrog30 hydrog ? ? A DC 11 N4 ? ? ? 1_555 B DG 1  O6 ? ? A DC 11 B DG 12 1_555 ? ? ? ? ? ? WATSON-CRICK    ? ? ? 
hydrog31 hydrog ? ? A DC 11 O2 ? ? ? 1_555 B DG 1  N2 ? ? A DC 11 B DG 12 1_555 ? ? ? ? ? ? WATSON-CRICK    ? ? ? 
# 
_struct_conn_type.id          hydrog 
_struct_conn_type.criteria    ? 
_struct_conn_type.reference   ? 
# 
loop_
_pdbx_validate_rmsd_angle.id 
_pdbx_validate_rmsd_angle.PDB_model_num 
_pdbx_validate_rmsd_angle.auth_atom_id_1 
_pdbx_validate_rmsd_angle.auth_asym_id_1 
_pdbx_validate_rmsd_angle.auth_comp_id_1 
_pdbx_validate_rmsd_angle.auth_seq_id_1 
_pdbx_validate_rmsd_angle.PDB_ins_code_1 
_pdbx_validate_rmsd_angle.label_alt_id_1 
_pdbx_validate_rmsd_angle.auth_atom_id_2 
_pdbx_validate_rmsd_angle.auth_asym_id_2 
_pdbx_validate_rmsd_angle.auth_comp_id_2 
_pdbx_validate_rmsd_angle.auth_seq_id_2 
_pdbx_validate_rmsd_angle.PDB_ins_code_2 
_pdbx_validate_rmsd_angle.label_alt_id_2 
_pdbx_validate_rmsd_angle.auth_atom_id_3 
_pdbx_validate_rmsd_angle.auth_asym_id_3 
_pdbx_validate_rmsd_angle.auth_comp_id_3 
_pdbx_validate_rmsd_angle.auth_seq_id_3 
_pdbx_validate_rmsd_angle.PDB_ins_code_3 
_pdbx_validate_rmsd_angle.label_alt_id_3 
_pdbx_validate_rmsd_angle.angle_value 
_pdbx_validate_rmsd_angle.angle_target_value 
_pdbx_validate_rmsd_angle.angle_deviation 
_pdbx_validate_rmsd_angle.angle_standard_deviation 
_pdbx_validate_rmsd_angle.linker_flag 
1  1 "O4'" A DG 1  ? ? "C1'" A DG 1  ? ? N9 A DG 1  ? ? 111.67 108.30 3.37 0.30 N 
2  1 "O4'" A DC 2  ? ? "C1'" A DC 2  ? ? N1 A DC 2  ? ? 110.77 108.30 2.47 0.30 N 
3  1 "O4'" A DC 3  ? ? "C1'" A DC 3  ? ? N1 A DC 3  ? ? 110.42 108.30 2.12 0.30 N 
4  1 "O4'" A DA 4  ? ? "C1'" A DA 4  ? ? N9 A DA 4  ? ? 110.30 108.30 2.00 0.30 N 
5  1 "O4'" A DC 5  ? ? "C1'" A DC 5  ? ? N1 A DC 5  ? ? 111.39 108.30 3.09 0.30 N 
6  1 "O4'" A DG 8  ? ? "C1'" A DG 8  ? ? N9 A DG 8  ? ? 111.07 108.30 2.77 0.30 N 
7  1 "O4'" A DC 9  ? ? "C1'" A DC 9  ? ? N1 A DC 9  ? ? 110.35 108.30 2.05 0.30 N 
8  1 "O4'" B DG 12 ? ? "C1'" B DG 12 ? ? N9 B DG 12 ? ? 110.92 108.30 2.62 0.30 N 
9  1 "O4'" B DA 13 ? ? "C1'" B DA 13 ? ? N9 B DA 13 ? ? 110.37 108.30 2.07 0.30 N 
10 1 "O4'" B DG 14 ? ? "C1'" B DG 14 ? ? N9 B DG 14 ? ? 111.95 108.30 3.65 0.30 N 
11 1 "O4'" B DC 15 ? ? "C1'" B DC 15 ? ? N1 B DC 15 ? ? 110.94 108.30 2.64 0.30 N 
12 1 "O4'" B DT 16 ? ? "C1'" B DT 16 ? ? N1 B DT 16 ? ? 111.16 108.30 2.86 0.30 N 
13 1 "O4'" B DT 17 ? ? "C1'" B DT 17 ? ? N1 B DT 17 ? ? 110.55 108.30 2.25 0.30 N 
14 1 "O4'" B DG 18 ? ? "C1'" B DG 18 ? ? N9 B DG 18 ? ? 110.73 108.30 2.43 0.30 N 
15 1 "O4'" B DG 20 ? ? "C1'" B DG 20 ? ? N9 B DG 20 ? ? 110.32 108.30 2.02 0.30 N 
16 1 "O4'" B DG 21 ? ? "C1'" B DG 21 ? ? N9 B DG 21 ? ? 110.17 108.30 1.87 0.30 N 
17 2 "O4'" A DG 1  ? ? "C1'" A DG 1  ? ? N9 A DG 1  ? ? 111.56 108.30 3.26 0.30 N 
18 2 "O4'" A DC 2  ? ? "C1'" A DC 2  ? ? N1 A DC 2  ? ? 111.66 108.30 3.36 0.30 N 
19 2 "O4'" A DC 3  ? ? "C1'" A DC 3  ? ? N1 A DC 3  ? ? 111.12 108.30 2.82 0.30 N 
20 2 "O4'" A DA 4  ? ? "C1'" A DA 4  ? ? N9 A DA 4  ? ? 110.37 108.30 2.07 0.30 N 
21 2 "O4'" A DC 5  ? ? "C1'" A DC 5  ? ? N1 A DC 5  ? ? 110.66 108.30 2.36 0.30 N 
22 2 "O4'" A DC 6  ? ? "C1'" A DC 6  ? ? N1 A DC 6  ? ? 111.72 108.30 3.42 0.30 N 
23 2 "O4'" A DG 8  ? ? "C1'" A DG 8  ? ? N9 A DG 8  ? ? 111.48 108.30 3.18 0.30 N 
24 2 "O4'" A DC 9  ? ? "C1'" A DC 9  ? ? N1 A DC 9  ? ? 110.62 108.30 2.32 0.30 N 
25 2 "O4'" A DT 10 ? ? "C1'" A DT 10 ? ? N1 A DT 10 ? ? 110.66 108.30 2.36 0.30 N 
26 2 "O4'" A DC 11 ? ? "C1'" A DC 11 ? ? N1 A DC 11 ? ? 110.30 108.30 2.00 0.30 N 
27 2 "O4'" B DG 12 ? ? "C1'" B DG 12 ? ? N9 B DG 12 ? ? 111.04 108.30 2.74 0.30 N 
28 2 "O4'" B DA 13 ? ? "C1'" B DA 13 ? ? N9 B DA 13 ? ? 110.92 108.30 2.62 0.30 N 
29 2 "O4'" B DG 14 ? ? "C1'" B DG 14 ? ? N9 B DG 14 ? ? 112.13 108.30 3.83 0.30 N 
30 2 "O4'" B DC 15 ? ? "C1'" B DC 15 ? ? N1 B DC 15 ? ? 111.68 108.30 3.38 0.30 N 
31 2 "O4'" B DT 16 ? ? "C1'" B DT 16 ? ? N1 B DT 16 ? ? 110.58 108.30 2.28 0.30 N 
32 2 "O4'" B DT 17 ? ? "C1'" B DT 17 ? ? N1 B DT 17 ? ? 112.52 108.30 4.22 0.30 N 
33 2 "O4'" B DG 18 ? ? "C1'" B DG 18 ? ? N9 B DG 18 ? ? 110.97 108.30 2.67 0.30 N 
34 2 "O4'" B DT 19 ? ? "C1'" B DT 19 ? ? N1 B DT 19 ? ? 110.30 108.30 2.00 0.30 N 
35 2 "O4'" B DG 20 ? ? "C1'" B DG 20 ? ? N9 B DG 20 ? ? 111.30 108.30 3.00 0.30 N 
36 2 "O4'" B DG 21 ? ? "C1'" B DG 21 ? ? N9 B DG 21 ? ? 110.61 108.30 2.31 0.30 N 
37 2 "O4'" B DC 22 ? ? "C1'" B DC 22 ? ? N1 B DC 22 ? ? 110.19 108.30 1.89 0.30 N 
# 
_pdbx_nmr_ensemble.entry_id                             1FKY 
_pdbx_nmr_ensemble.conformers_calculated_total_number   2 
_pdbx_nmr_ensemble.conformers_submitted_total_number    2 
_pdbx_nmr_ensemble.conformer_selection_criteria         ? 
# 
_pdbx_nmr_refine.entry_id           1FKY 
_pdbx_nmr_refine.method             ? 
_pdbx_nmr_refine.details            'MORCAD BY LEBRET ALSO WAS USED.' 
_pdbx_nmr_refine.software_ordinal   1 
# 
_pdbx_nmr_software.classification   refinement 
_pdbx_nmr_software.name             Amber 
_pdbx_nmr_software.version          ? 
_pdbx_nmr_software.authors          KOLLMAN 
_pdbx_nmr_software.ordinal          1 
# 
loop_
_chem_comp_atom.comp_id 
_chem_comp_atom.atom_id 
_chem_comp_atom.type_symbol 
_chem_comp_atom.pdbx_aromatic_flag 
_chem_comp_atom.pdbx_stereo_config 
_chem_comp_atom.pdbx_ordinal 
DA OP3    O N N 1   
DA P      P N N 2   
DA OP1    O N N 3   
DA OP2    O N N 4   
DA "O5'"  O N N 5   
DA "C5'"  C N N 6   
DA "C4'"  C N R 7   
DA "O4'"  O N N 8   
DA "C3'"  C N S 9   
DA "O3'"  O N N 10  
DA "C2'"  C N N 11  
DA "C1'"  C N R 12  
DA N9     N Y N 13  
DA C8     C Y N 14  
DA N7     N Y N 15  
DA C5     C Y N 16  
DA C6     C Y N 17  
DA N6     N N N 18  
DA N1     N Y N 19  
DA C2     C Y N 20  
DA N3     N Y N 21  
DA C4     C Y N 22  
DA HOP3   H N N 23  
DA HOP2   H N N 24  
DA "H5'"  H N N 25  
DA "H5''" H N N 26  
DA "H4'"  H N N 27  
DA "H3'"  H N N 28  
DA "HO3'" H N N 29  
DA "H2'"  H N N 30  
DA "H2''" H N N 31  
DA "H1'"  H N N 32  
DA H8     H N N 33  
DA H61    H N N 34  
DA H62    H N N 35  
DA H2     H N N 36  
DC OP3    O N N 37  
DC P      P N N 38  
DC OP1    O N N 39  
DC OP2    O N N 40  
DC "O5'"  O N N 41  
DC "C5'"  C N N 42  
DC "C4'"  C N R 43  
DC "O4'"  O N N 44  
DC "C3'"  C N S 45  
DC "O3'"  O N N 46  
DC "C2'"  C N N 47  
DC "C1'"  C N R 48  
DC N1     N N N 49  
DC C2     C N N 50  
DC O2     O N N 51  
DC N3     N N N 52  
DC C4     C N N 53  
DC N4     N N N 54  
DC C5     C N N 55  
DC C6     C N N 56  
DC HOP3   H N N 57  
DC HOP2   H N N 58  
DC "H5'"  H N N 59  
DC "H5''" H N N 60  
DC "H4'"  H N N 61  
DC "H3'"  H N N 62  
DC "HO3'" H N N 63  
DC "H2'"  H N N 64  
DC "H2''" H N N 65  
DC "H1'"  H N N 66  
DC H41    H N N 67  
DC H42    H N N 68  
DC H5     H N N 69  
DC H6     H N N 70  
DG OP3    O N N 71  
DG P      P N N 72  
DG OP1    O N N 73  
DG OP2    O N N 74  
DG "O5'"  O N N 75  
DG "C5'"  C N N 76  
DG "C4'"  C N R 77  
DG "O4'"  O N N 78  
DG "C3'"  C N S 79  
DG "O3'"  O N N 80  
DG "C2'"  C N N 81  
DG "C1'"  C N R 82  
DG N9     N Y N 83  
DG C8     C Y N 84  
DG N7     N Y N 85  
DG C5     C Y N 86  
DG C6     C N N 87  
DG O6     O N N 88  
DG N1     N N N 89  
DG C2     C N N 90  
DG N2     N N N 91  
DG N3     N N N 92  
DG C4     C Y N 93  
DG HOP3   H N N 94  
DG HOP2   H N N 95  
DG "H5'"  H N N 96  
DG "H5''" H N N 97  
DG "H4'"  H N N 98  
DG "H3'"  H N N 99  
DG "HO3'" H N N 100 
DG "H2'"  H N N 101 
DG "H2''" H N N 102 
DG "H1'"  H N N 103 
DG H8     H N N 104 
DG H1     H N N 105 
DG H21    H N N 106 
DG H22    H N N 107 
DT OP3    O N N 108 
DT P      P N N 109 
DT OP1    O N N 110 
DT OP2    O N N 111 
DT "O5'"  O N N 112 
DT "C5'"  C N N 113 
DT "C4'"  C N R 114 
DT "O4'"  O N N 115 
DT "C3'"  C N S 116 
DT "O3'"  O N N 117 
DT "C2'"  C N N 118 
DT "C1'"  C N R 119 
DT N1     N N N 120 
DT C2     C N N 121 
DT O2     O N N 122 
DT N3     N N N 123 
DT C4     C N N 124 
DT O4     O N N 125 
DT C5     C N N 126 
DT C7     C N N 127 
DT C6     C N N 128 
DT HOP3   H N N 129 
DT HOP2   H N N 130 
DT "H5'"  H N N 131 
DT "H5''" H N N 132 
DT "H4'"  H N N 133 
DT "H3'"  H N N 134 
DT "HO3'" H N N 135 
DT "H2'"  H N N 136 
DT "H2''" H N N 137 
DT "H1'"  H N N 138 
DT H3     H N N 139 
DT H71    H N N 140 
DT H72    H N N 141 
DT H73    H N N 142 
DT H6     H N N 143 
# 
loop_
_chem_comp_bond.comp_id 
_chem_comp_bond.atom_id_1 
_chem_comp_bond.atom_id_2 
_chem_comp_bond.value_order 
_chem_comp_bond.pdbx_aromatic_flag 
_chem_comp_bond.pdbx_stereo_config 
_chem_comp_bond.pdbx_ordinal 
DA OP3   P      sing N N 1   
DA OP3   HOP3   sing N N 2   
DA P     OP1    doub N N 3   
DA P     OP2    sing N N 4   
DA P     "O5'"  sing N N 5   
DA OP2   HOP2   sing N N 6   
DA "O5'" "C5'"  sing N N 7   
DA "C5'" "C4'"  sing N N 8   
DA "C5'" "H5'"  sing N N 9   
DA "C5'" "H5''" sing N N 10  
DA "C4'" "O4'"  sing N N 11  
DA "C4'" "C3'"  sing N N 12  
DA "C4'" "H4'"  sing N N 13  
DA "O4'" "C1'"  sing N N 14  
DA "C3'" "O3'"  sing N N 15  
DA "C3'" "C2'"  sing N N 16  
DA "C3'" "H3'"  sing N N 17  
DA "O3'" "HO3'" sing N N 18  
DA "C2'" "C1'"  sing N N 19  
DA "C2'" "H2'"  sing N N 20  
DA "C2'" "H2''" sing N N 21  
DA "C1'" N9     sing N N 22  
DA "C1'" "H1'"  sing N N 23  
DA N9    C8     sing Y N 24  
DA N9    C4     sing Y N 25  
DA C8    N7     doub Y N 26  
DA C8    H8     sing N N 27  
DA N7    C5     sing Y N 28  
DA C5    C6     sing Y N 29  
DA C5    C4     doub Y N 30  
DA C6    N6     sing N N 31  
DA C6    N1     doub Y N 32  
DA N6    H61    sing N N 33  
DA N6    H62    sing N N 34  
DA N1    C2     sing Y N 35  
DA C2    N3     doub Y N 36  
DA C2    H2     sing N N 37  
DA N3    C4     sing Y N 38  
DC OP3   P      sing N N 39  
DC OP3   HOP3   sing N N 40  
DC P     OP1    doub N N 41  
DC P     OP2    sing N N 42  
DC P     "O5'"  sing N N 43  
DC OP2   HOP2   sing N N 44  
DC "O5'" "C5'"  sing N N 45  
DC "C5'" "C4'"  sing N N 46  
DC "C5'" "H5'"  sing N N 47  
DC "C5'" "H5''" sing N N 48  
DC "C4'" "O4'"  sing N N 49  
DC "C4'" "C3'"  sing N N 50  
DC "C4'" "H4'"  sing N N 51  
DC "O4'" "C1'"  sing N N 52  
DC "C3'" "O3'"  sing N N 53  
DC "C3'" "C2'"  sing N N 54  
DC "C3'" "H3'"  sing N N 55  
DC "O3'" "HO3'" sing N N 56  
DC "C2'" "C1'"  sing N N 57  
DC "C2'" "H2'"  sing N N 58  
DC "C2'" "H2''" sing N N 59  
DC "C1'" N1     sing N N 60  
DC "C1'" "H1'"  sing N N 61  
DC N1    C2     sing N N 62  
DC N1    C6     sing N N 63  
DC C2    O2     doub N N 64  
DC C2    N3     sing N N 65  
DC N3    C4     doub N N 66  
DC C4    N4     sing N N 67  
DC C4    C5     sing N N 68  
DC N4    H41    sing N N 69  
DC N4    H42    sing N N 70  
DC C5    C6     doub N N 71  
DC C5    H5     sing N N 72  
DC C6    H6     sing N N 73  
DG OP3   P      sing N N 74  
DG OP3   HOP3   sing N N 75  
DG P     OP1    doub N N 76  
DG P     OP2    sing N N 77  
DG P     "O5'"  sing N N 78  
DG OP2   HOP2   sing N N 79  
DG "O5'" "C5'"  sing N N 80  
DG "C5'" "C4'"  sing N N 81  
DG "C5'" "H5'"  sing N N 82  
DG "C5'" "H5''" sing N N 83  
DG "C4'" "O4'"  sing N N 84  
DG "C4'" "C3'"  sing N N 85  
DG "C4'" "H4'"  sing N N 86  
DG "O4'" "C1'"  sing N N 87  
DG "C3'" "O3'"  sing N N 88  
DG "C3'" "C2'"  sing N N 89  
DG "C3'" "H3'"  sing N N 90  
DG "O3'" "HO3'" sing N N 91  
DG "C2'" "C1'"  sing N N 92  
DG "C2'" "H2'"  sing N N 93  
DG "C2'" "H2''" sing N N 94  
DG "C1'" N9     sing N N 95  
DG "C1'" "H1'"  sing N N 96  
DG N9    C8     sing Y N 97  
DG N9    C4     sing Y N 98  
DG C8    N7     doub Y N 99  
DG C8    H8     sing N N 100 
DG N7    C5     sing Y N 101 
DG C5    C6     sing N N 102 
DG C5    C4     doub Y N 103 
DG C6    O6     doub N N 104 
DG C6    N1     sing N N 105 
DG N1    C2     sing N N 106 
DG N1    H1     sing N N 107 
DG C2    N2     sing N N 108 
DG C2    N3     doub N N 109 
DG N2    H21    sing N N 110 
DG N2    H22    sing N N 111 
DG N3    C4     sing N N 112 
DT OP3   P      sing N N 113 
DT OP3   HOP3   sing N N 114 
DT P     OP1    doub N N 115 
DT P     OP2    sing N N 116 
DT P     "O5'"  sing N N 117 
DT OP2   HOP2   sing N N 118 
DT "O5'" "C5'"  sing N N 119 
DT "C5'" "C4'"  sing N N 120 
DT "C5'" "H5'"  sing N N 121 
DT "C5'" "H5''" sing N N 122 
DT "C4'" "O4'"  sing N N 123 
DT "C4'" "C3'"  sing N N 124 
DT "C4'" "H4'"  sing N N 125 
DT "O4'" "C1'"  sing N N 126 
DT "C3'" "O3'"  sing N N 127 
DT "C3'" "C2'"  sing N N 128 
DT "C3'" "H3'"  sing N N 129 
DT "O3'" "HO3'" sing N N 130 
DT "C2'" "C1'"  sing N N 131 
DT "C2'" "H2'"  sing N N 132 
DT "C2'" "H2''" sing N N 133 
DT "C1'" N1     sing N N 134 
DT "C1'" "H1'"  sing N N 135 
DT N1    C2     sing N N 136 
DT N1    C6     sing N N 137 
DT C2    O2     doub N N 138 
DT C2    N3     sing N N 139 
DT N3    C4     sing N N 140 
DT N3    H3     sing N N 141 
DT C4    O4     doub N N 142 
DT C4    C5     sing N N 143 
DT C5    C7     sing N N 144 
DT C5    C6     doub N N 145 
DT C7    H71    sing N N 146 
DT C7    H72    sing N N 147 
DT C7    H73    sing N N 148 
DT C6    H6     sing N N 149 
# 
loop_
_ndb_struct_conf_na.entry_id 
_ndb_struct_conf_na.feature 
1FKY 'double helix'         
1FKY 'b-form double helix'  
1FKY 'mismatched base pair' 
1FKY 'triple helix'         
# 
loop_
_ndb_struct_na_base_pair.model_number 
_ndb_struct_na_base_pair.i_label_asym_id 
_ndb_struct_na_base_pair.i_label_comp_id 
_ndb_struct_na_base_pair.i_label_seq_id 
_ndb_struct_na_base_pair.i_symmetry 
_ndb_struct_na_base_pair.j_label_asym_id 
_ndb_struct_na_base_pair.j_label_comp_id 
_ndb_struct_na_base_pair.j_label_seq_id 
_ndb_struct_na_base_pair.j_symmetry 
_ndb_struct_na_base_pair.shear 
_ndb_struct_na_base_pair.stretch 
_ndb_struct_na_base_pair.stagger 
_ndb_struct_na_base_pair.buckle 
_ndb_struct_na_base_pair.propeller 
_ndb_struct_na_base_pair.opening 
_ndb_struct_na_base_pair.pair_number 
_ndb_struct_na_base_pair.pair_name 
_ndb_struct_na_base_pair.i_auth_asym_id 
_ndb_struct_na_base_pair.i_auth_seq_id 
_ndb_struct_na_base_pair.i_PDB_ins_code 
_ndb_struct_na_base_pair.j_auth_asym_id 
_ndb_struct_na_base_pair.j_auth_seq_id 
_ndb_struct_na_base_pair.j_PDB_ins_code 
_ndb_struct_na_base_pair.hbond_type_28 
_ndb_struct_na_base_pair.hbond_type_12 
1 A DG 1  1_555 B DC 11 1_555 -0.795 -0.280 0.207 -10.506 -15.975 -2.237 1  A_DG1:DC22_B  A 1  ? B 22 ? 19 1 
1 A DC 2  1_555 B DG 10 1_555 0.870  -0.323 0.481 -15.307 -8.872  -3.315 2  A_DC2:DG21_B  A 2  ? B 21 ? 19 1 
1 A DC 3  1_555 B DG 9  1_555 0.998  -0.387 0.569 -16.319 -5.076  -2.988 3  A_DC3:DG20_B  A 3  ? B 20 ? 19 1 
1 A DA 4  1_555 B DT 8  1_555 0.290  -0.118 0.559 -4.906  -6.644  -0.719 4  A_DA4:DT19_B  A 4  ? B 19 ? 20 1 
1 A DC 5  1_555 B DG 7  1_555 1.105  -0.418 0.566 -6.112  -4.534  -0.994 5  A_DC5:DG18_B  A 5  ? B 18 ? 19 1 
1 A DC 6  1_555 B DT 6  1_555 0.252  -1.717 0.719 3.004   -7.909  5.854  6  A_DC6:DT17_B  A 6  ? B 17 ? 18 1 
1 A DA 7  1_555 B DT 5  1_555 -0.684 -0.230 0.468 12.819  -11.230 2.614  7  A_DA7:DT16_B  A 7  ? B 16 ? 20 1 
1 A DG 8  1_555 B DC 4  1_555 -0.972 -0.348 0.630 13.849  -2.479  -2.378 8  A_DG8:DC15_B  A 8  ? B 15 ? 19 1 
1 A DC 9  1_555 B DG 3  1_555 -0.170 -0.147 0.629 6.846   -9.457  -3.761 9  A_DC9:DG14_B  A 9  ? B 14 ? 19 1 
1 A DT 10 1_555 B DA 2  1_555 -0.228 -0.046 0.032 11.910  -18.054 -3.230 10 A_DT10:DA13_B A 10 ? B 13 ? 20 1 
1 A DC 11 1_555 B DG 1  1_555 0.745  -0.278 0.211 3.616   -18.204 -2.547 11 A_DC11:DG12_B A 11 ? B 12 ? 19 1 
# 
loop_
_ndb_struct_na_base_pair_step.model_number 
_ndb_struct_na_base_pair_step.i_label_asym_id_1 
_ndb_struct_na_base_pair_step.i_label_comp_id_1 
_ndb_struct_na_base_pair_step.i_label_seq_id_1 
_ndb_struct_na_base_pair_step.i_symmetry_1 
_ndb_struct_na_base_pair_step.j_label_asym_id_1 
_ndb_struct_na_base_pair_step.j_label_comp_id_1 
_ndb_struct_na_base_pair_step.j_label_seq_id_1 
_ndb_struct_na_base_pair_step.j_symmetry_1 
_ndb_struct_na_base_pair_step.i_label_asym_id_2 
_ndb_struct_na_base_pair_step.i_label_comp_id_2 
_ndb_struct_na_base_pair_step.i_label_seq_id_2 
_ndb_struct_na_base_pair_step.i_symmetry_2 
_ndb_struct_na_base_pair_step.j_label_asym_id_2 
_ndb_struct_na_base_pair_step.j_label_comp_id_2 
_ndb_struct_na_base_pair_step.j_label_seq_id_2 
_ndb_struct_na_base_pair_step.j_symmetry_2 
_ndb_struct_na_base_pair_step.shift 
_ndb_struct_na_base_pair_step.slide 
_ndb_struct_na_base_pair_step.rise 
_ndb_struct_na_base_pair_step.tilt 
_ndb_struct_na_base_pair_step.roll 
_ndb_struct_na_base_pair_step.twist 
_ndb_struct_na_base_pair_step.x_displacement 
_ndb_struct_na_base_pair_step.y_displacement 
_ndb_struct_na_base_pair_step.helical_rise 
_ndb_struct_na_base_pair_step.inclination 
_ndb_struct_na_base_pair_step.tip 
_ndb_struct_na_base_pair_step.helical_twist 
_ndb_struct_na_base_pair_step.step_number 
_ndb_struct_na_base_pair_step.step_name 
_ndb_struct_na_base_pair_step.i_auth_asym_id_1 
_ndb_struct_na_base_pair_step.i_auth_seq_id_1 
_ndb_struct_na_base_pair_step.i_PDB_ins_code_1 
_ndb_struct_na_base_pair_step.j_auth_asym_id_1 
_ndb_struct_na_base_pair_step.j_auth_seq_id_1 
_ndb_struct_na_base_pair_step.j_PDB_ins_code_1 
_ndb_struct_na_base_pair_step.i_auth_asym_id_2 
_ndb_struct_na_base_pair_step.i_auth_seq_id_2 
_ndb_struct_na_base_pair_step.i_PDB_ins_code_2 
_ndb_struct_na_base_pair_step.j_auth_asym_id_2 
_ndb_struct_na_base_pair_step.j_auth_seq_id_2 
_ndb_struct_na_base_pair_step.j_PDB_ins_code_2 
1 A DG 1  1_555 B DC 11 1_555 A DC 2  1_555 B DG 10 1_555 -0.059 -0.747 3.334 -0.340 -1.825 45.008 -0.807 0.046  3.361 -2.383  
0.444  45.044 1  AA_DG1DC2:DG21DC22_BB   A 1  ? B 22 ? A 2  ? B 21 ? 
1 A DC 2  1_555 B DG 10 1_555 A DC 3  1_555 B DG 9  1_555 0.004  -0.864 3.165 1.188  -2.541 38.791 -0.996 0.135  3.212 -3.819  
-1.785 38.888 2  AA_DC2DC3:DG20DG21_BB   A 2  ? B 21 ? A 3  ? B 20 ? 
1 A DC 3  1_555 B DG 9  1_555 A DA 4  1_555 B DT 8  1_555 0.159  -0.783 2.755 2.458  -3.042 35.009 -0.907 0.049  2.815 -5.038  
-4.070 35.220 3  AA_DC3DA4:DT19DG20_BB   A 3  ? B 20 ? A 4  ? B 19 ? 
1 A DA 4  1_555 B DT 8  1_555 A DC 5  1_555 B DG 7  1_555 -0.006 -0.906 3.393 -0.667 -6.595 38.995 -0.517 -0.074 3.494 -9.794  
0.991  39.533 4  AA_DA4DC5:DG18DT19_BB   A 4  ? B 19 ? A 5  ? B 18 ? 
1 A DC 5  1_555 B DG 7  1_555 A DC 6  1_555 B DT 6  1_555 0.731  -0.516 2.919 -0.676 -6.594 39.018 -0.062 -1.151 2.951 -9.786  
1.003  39.555 5  AA_DC5DC6:DT17DG18_BB   A 5  ? B 18 ? A 6  ? B 17 ? 
1 A DC 6  1_555 B DT 6  1_555 A DA 7  1_555 B DT 5  1_555 -0.796 -0.426 2.942 1.790  -4.020 37.545 -0.191 1.437  2.931 -6.220  
-2.770 37.793 6  AA_DC6DA7:DT16DT17_BB   A 6  ? B 17 ? A 7  ? B 16 ? 
1 A DA 7  1_555 B DT 5  1_555 A DG 8  1_555 B DC 4  1_555 0.104  -1.123 3.181 -3.815 -6.265 33.471 -0.919 -0.779 3.300 -10.718 
6.527  34.243 7  AA_DA7DG8:DC15DT16_BB   A 7  ? B 16 ? A 8  ? B 15 ? 
1 A DG 8  1_555 B DC 4  1_555 A DC 9  1_555 B DG 3  1_555 -0.334 -0.913 3.426 -1.971 -3.099 42.330 -0.927 0.249  3.493 -4.283  
2.723  42.482 8  AA_DG8DC9:DG14DC15_BB   A 8  ? B 15 ? A 9  ? B 14 ? 
1 A DC 9  1_555 B DG 3  1_555 A DT 10 1_555 B DA 2  1_555 -0.339 -0.860 2.967 2.719  -4.229 35.550 -0.839 0.908  3.013 -6.884  
-4.426 35.892 9  AA_DC9DT10:DA13DG14_BB  A 9  ? B 14 ? A 10 ? B 13 ? 
1 A DT 10 1_555 B DA 2  1_555 A DC 11 1_555 B DG 1  1_555 -0.003 -0.670 3.341 -3.692 -0.264 43.031 -0.884 -0.366 3.334 -0.359  
5.022  43.183 10 AA_DT10DC11:DG12DA13_BB A 10 ? B 13 ? A 11 ? B 12 ? 
# 
_atom_sites.entry_id                    1FKY 
_atom_sites.fract_transf_matrix[1][1]   1.000000 
_atom_sites.fract_transf_matrix[1][2]   0.000000 
_atom_sites.fract_transf_matrix[1][3]   0.000000 
_atom_sites.fract_transf_matrix[2][1]   0.000000 
_atom_sites.fract_transf_matrix[2][2]   1.000000 
_atom_sites.fract_transf_matrix[2][3]   0.000000 
_atom_sites.fract_transf_matrix[3][1]   0.000000 
_atom_sites.fract_transf_matrix[3][2]   0.000000 
_atom_sites.fract_transf_matrix[3][3]   1.000000 
_atom_sites.fract_transf_vector[1]      0.00000 
_atom_sites.fract_transf_vector[2]      0.00000 
_atom_sites.fract_transf_vector[3]      0.00000 
# 
loop_
_atom_type.symbol 
C 
H 
N 
O 
P 
# 
loop_
_atom_site.group_PDB 
_atom_site.id 
_atom_site.type_symbol 
_atom_site.label_atom_id 
_atom_site.label_alt_id 
_atom_site.label_comp_id 
_atom_site.label_asym_id 
_atom_site.label_entity_id 
_atom_site.label_seq_id 
_atom_site.pdbx_PDB_ins_code 
_atom_site.Cartn_x 
_atom_site.Cartn_y 
_atom_site.Cartn_z 
_atom_site.occupancy 
_atom_site.B_iso_or_equiv 
_atom_site.pdbx_formal_charge 
_atom_site.auth_seq_id 
_atom_site.auth_comp_id 
_atom_site.auth_asym_id 
_atom_site.auth_atom_id 
_atom_site.pdbx_PDB_model_num 
ATOM 1    O "O5'"  . DG A 1 1  ? -3.276  5.206   19.003  1.00 0.00 ? 1  DG A "O5'"  1 
ATOM 2    C "C5'"  . DG A 1 1  ? -2.306  5.173   20.028  1.00 0.00 ? 1  DG A "C5'"  1 
ATOM 3    C "C4'"  . DG A 1 1  ? -1.095  4.330   19.614  1.00 0.00 ? 1  DG A "C4'"  1 
ATOM 4    O "O4'"  . DG A 1 1  ? -1.519  3.007   19.316  1.00 0.00 ? 1  DG A "O4'"  1 
ATOM 5    C "C3'"  . DG A 1 1  ? -0.378  4.880   18.368  1.00 0.00 ? 1  DG A "C3'"  1 
ATOM 6    O "O3'"  . DG A 1 1  ? 1.024   4.849   18.590  1.00 0.00 ? 1  DG A "O3'"  1 
ATOM 7    C "C2'"  . DG A 1 1  ? -0.810  3.882   17.297  1.00 0.00 ? 1  DG A "C2'"  1 
ATOM 8    C "C1'"  . DG A 1 1  ? -0.875  2.607   18.126  1.00 0.00 ? 1  DG A "C1'"  1 
ATOM 9    N N9     . DG A 1 1  ? -1.624  1.534   17.434  1.00 0.00 ? 1  DG A N9     1 
ATOM 10   C C8     . DG A 1 1  ? -2.930  1.528   17.010  1.00 0.00 ? 1  DG A C8     1 
ATOM 11   N N7     . DG A 1 1  ? -3.288  0.430   16.403  1.00 0.00 ? 1  DG A N7     1 
ATOM 12   C C5     . DG A 1 1  ? -2.142  -0.357  16.429  1.00 0.00 ? 1  DG A C5     1 
ATOM 13   C C6     . DG A 1 1  ? -1.913  -1.671  15.919  1.00 0.00 ? 1  DG A C6     1 
ATOM 14   O O6     . DG A 1 1  ? -2.708  -2.406  15.341  1.00 0.00 ? 1  DG A O6     1 
ATOM 15   N N1     . DG A 1 1  ? -0.607  -2.107  16.143  1.00 0.00 ? 1  DG A N1     1 
ATOM 16   C C2     . DG A 1 1  ? 0.363   -1.368  16.796  1.00 0.00 ? 1  DG A C2     1 
ATOM 17   N N2     . DG A 1 1  ? 1.585   -1.899  16.898  1.00 0.00 ? 1  DG A N2     1 
ATOM 18   N N3     . DG A 1 1  ? 0.143   -0.138  17.282  1.00 0.00 ? 1  DG A N3     1 
ATOM 19   C C4     . DG A 1 1  ? -1.121  0.310   17.066  1.00 0.00 ? 1  DG A C4     1 
ATOM 20   H "H5'"  . DG A 1 1  ? -2.754  4.743   20.924  1.00 0.00 ? 1  DG A "H5'"  1 
ATOM 21   H "H5''" . DG A 1 1  ? -1.984  6.191   20.250  1.00 0.00 ? 1  DG A "H5''" 1 
ATOM 22   H "H4'"  . DG A 1 1  ? -0.396  4.298   20.452  1.00 0.00 ? 1  DG A "H4'"  1 
ATOM 23   H "H3'"  . DG A 1 1  ? -0.698  5.895   18.128  1.00 0.00 ? 1  DG A "H3'"  1 
ATOM 24   H "H2'"  . DG A 1 1  ? -1.799  4.149   16.925  1.00 0.00 ? 1  DG A "H2'"  1 
ATOM 25   H "H2''" . DG A 1 1  ? -0.112  3.806   16.466  1.00 0.00 ? 1  DG A "H2''" 1 
ATOM 26   H "H1'"  . DG A 1 1  ? 0.139   2.282   18.364  1.00 0.00 ? 1  DG A "H1'"  1 
ATOM 27   H H8     . DG A 1 1  ? -3.602  2.359   17.160  1.00 0.00 ? 1  DG A H8     1 
ATOM 28   H H1     . DG A 1 1  ? -0.379  -3.035  15.806  1.00 0.00 ? 1  DG A H1     1 
ATOM 29   H H21    . DG A 1 1  ? 1.781   -2.810  16.507  1.00 0.00 ? 1  DG A H21    1 
ATOM 30   H H22    . DG A 1 1  ? 2.324   -1.363  17.332  1.00 0.00 ? 1  DG A H22    1 
ATOM 31   H "HO5'" . DG A 1 1  ? -2.886  5.602   18.221  1.00 0.00 ? 1  DG A "HO5'" 1 
ATOM 32   P P      . DC A 1 2  ? 2.098   5.369   17.495  1.00 0.00 ? 2  DC A P      1 
ATOM 33   O OP1    . DC A 1 2  ? 3.201   6.036   18.222  1.00 0.00 ? 2  DC A OP1    1 
ATOM 34   O OP2    . DC A 1 2  ? 1.368   6.103   16.437  1.00 0.00 ? 2  DC A OP2    1 
ATOM 35   O "O5'"  . DC A 1 2  ? 2.669   3.999   16.853  1.00 0.00 ? 2  DC A "O5'"  1 
ATOM 36   C "C5'"  . DC A 1 2  ? 3.508   3.135   17.599  1.00 0.00 ? 2  DC A "C5'"  1 
ATOM 37   C "C4'"  . DC A 1 2  ? 3.908   1.900   16.783  1.00 0.00 ? 2  DC A "C4'"  1 
ATOM 38   O "O4'"  . DC A 1 2  ? 2.742   1.199   16.382  1.00 0.00 ? 2  DC A "O4'"  1 
ATOM 39   C "C3'"  . DC A 1 2  ? 4.719   2.226   15.515  1.00 0.00 ? 2  DC A "C3'"  1 
ATOM 40   O "O3'"  . DC A 1 2  ? 5.839   1.354   15.452  1.00 0.00 ? 2  DC A "O3'"  1 
ATOM 41   C "C2'"  . DC A 1 2  ? 3.705   1.942   14.411  1.00 0.00 ? 2  DC A "C2'"  1 
ATOM 42   C "C1'"  . DC A 1 2  ? 2.906   0.801   15.036  1.00 0.00 ? 2  DC A "C1'"  1 
ATOM 43   N N1     . DC A 1 2  ? 1.585   0.608   14.377  1.00 0.00 ? 2  DC A N1     1 
ATOM 44   C C2     . DC A 1 2  ? 1.290   -0.618  13.774  1.00 0.00 ? 2  DC A C2     1 
ATOM 45   O O2     . DC A 1 2  ? 2.105   -1.537  13.744  1.00 0.00 ? 2  DC A O2     1 
ATOM 46   N N3     . DC A 1 2  ? 0.059   -0.789  13.217  1.00 0.00 ? 2  DC A N3     1 
ATOM 47   C C4     . DC A 1 2  ? -0.861  0.186   13.241  1.00 0.00 ? 2  DC A C4     1 
ATOM 48   N N4     . DC A 1 2  ? -2.064  -0.051  12.708  1.00 0.00 ? 2  DC A N4     1 
ATOM 49   C C5     . DC A 1 2  ? -0.584  1.451   13.858  1.00 0.00 ? 2  DC A C5     1 
ATOM 50   C C6     . DC A 1 2  ? 0.644   1.608   14.407  1.00 0.00 ? 2  DC A C6     1 
ATOM 51   H "H5'"  . DC A 1 2  ? 2.980   2.805   18.495  1.00 0.00 ? 2  DC A "H5'"  1 
ATOM 52   H "H5''" . DC A 1 2  ? 4.412   3.664   17.901  1.00 0.00 ? 2  DC A "H5''" 1 
ATOM 53   H "H4'"  . DC A 1 2  ? 4.499   1.250   17.430  1.00 0.00 ? 2  DC A "H4'"  1 
ATOM 54   H "H3'"  . DC A 1 2  ? 5.047   3.267   15.499  1.00 0.00 ? 2  DC A "H3'"  1 
ATOM 55   H "H2'"  . DC A 1 2  ? 3.087   2.829   14.271  1.00 0.00 ? 2  DC A "H2'"  1 
ATOM 56   H "H2''" . DC A 1 2  ? 4.158   1.661   13.464  1.00 0.00 ? 2  DC A "H2''" 1 
ATOM 57   H "H1'"  . DC A 1 2  ? 3.524   -0.098  15.025  1.00 0.00 ? 2  DC A "H1'"  1 
ATOM 58   H H41    . DC A 1 2  ? -2.257  -0.963  12.312  1.00 0.00 ? 2  DC A H41    1 
ATOM 59   H H42    . DC A 1 2  ? -2.784  0.656   12.732  1.00 0.00 ? 2  DC A H42    1 
ATOM 60   H H5     . DC A 1 2  ? -1.299  2.259   13.909  1.00 0.00 ? 2  DC A H5     1 
ATOM 61   H H6     . DC A 1 2  ? 0.886   2.543   14.885  1.00 0.00 ? 2  DC A H6     1 
ATOM 62   P P      . DC A 1 3  ? 6.931   1.407   14.255  1.00 0.00 ? 3  DC A P      1 
ATOM 63   O OP1    . DC A 1 3  ? 8.269   1.184   14.846  1.00 0.00 ? 3  DC A OP1    1 
ATOM 64   O OP2    . DC A 1 3  ? 6.684   2.618   13.441  1.00 0.00 ? 3  DC A OP2    1 
ATOM 65   O "O5'"  . DC A 1 3  ? 6.552   0.114   13.362  1.00 0.00 ? 3  DC A "O5'"  1 
ATOM 66   C "C5'"  . DC A 1 3  ? 6.775   -1.199  13.844  1.00 0.00 ? 3  DC A "C5'"  1 
ATOM 67   C "C4'"  . DC A 1 3  ? 6.275   -2.251  12.848  1.00 0.00 ? 3  DC A "C4'"  1 
ATOM 68   O "O4'"  . DC A 1 3  ? 4.892   -2.050  12.611  1.00 0.00 ? 3  DC A "O4'"  1 
ATOM 69   C "C3'"  . DC A 1 3  ? 6.998   -2.221  11.490  1.00 0.00 ? 3  DC A "C3'"  1 
ATOM 70   O "O3'"  . DC A 1 3  ? 7.383   -3.545  11.146  1.00 0.00 ? 3  DC A "O3'"  1 
ATOM 71   C "C2'"  . DC A 1 3  ? 5.915   -1.677  10.562  1.00 0.00 ? 3  DC A "C2'"  1 
ATOM 72   C "C1'"  . DC A 1 3  ? 4.654   -2.218  11.229  1.00 0.00 ? 3  DC A "C1'"  1 
ATOM 73   N N1     . DC A 1 3  ? 3.432   -1.474  10.818  1.00 0.00 ? 3  DC A N1     1 
ATOM 74   C C2     . DC A 1 3  ? 2.400   -2.157  10.174  1.00 0.00 ? 3  DC A C2     1 
ATOM 75   O O2     . DC A 1 3  ? 2.500   -3.344  9.874   1.00 0.00 ? 3  DC A O2     1 
ATOM 76   N N3     . DC A 1 3  ? 1.258   -1.477  9.876   1.00 0.00 ? 3  DC A N3     1 
ATOM 77   C C4     . DC A 1 3  ? 1.119   -0.177  10.172  1.00 0.00 ? 3  DC A C4     1 
ATOM 78   N N4     . DC A 1 3  ? -0.034  0.432   9.876   1.00 0.00 ? 3  DC A N4     1 
ATOM 79   C C5     . DC A 1 3  ? 2.176   0.553   10.811  1.00 0.00 ? 3  DC A C5     1 
ATOM 80   C C6     . DC A 1 3  ? 3.301   -0.137  11.112  1.00 0.00 ? 3  DC A C6     1 
ATOM 81   H "H5'"  . DC A 1 3  ? 6.241   -1.331  14.786  1.00 0.00 ? 3  DC A "H5'"  1 
ATOM 82   H "H5''" . DC A 1 3  ? 7.841   -1.355  14.020  1.00 0.00 ? 3  DC A "H5''" 1 
ATOM 83   H "H4'"  . DC A 1 3  ? 6.409   -3.233  13.305  1.00 0.00 ? 3  DC A "H4'"  1 
ATOM 84   H "H3'"  . DC A 1 3  ? 7.871   -1.567  11.510  1.00 0.00 ? 3  DC A "H3'"  1 
ATOM 85   H "H2'"  . DC A 1 3  ? 5.946   -0.589  10.595  1.00 0.00 ? 3  DC A "H2'"  1 
ATOM 86   H "H2''" . DC A 1 3  ? 6.009   -2.015  9.531   1.00 0.00 ? 3  DC A "H2''" 1 
ATOM 87   H "H1'"  . DC A 1 3  ? 4.593   -3.288  11.030  1.00 0.00 ? 3  DC A "H1'"  1 
ATOM 88   H H41    . DC A 1 3  ? -0.781  -0.108  9.458   1.00 0.00 ? 3  DC A H41    1 
ATOM 89   H H42    . DC A 1 3  ? -0.170  1.406   10.097  1.00 0.00 ? 3  DC A H42    1 
ATOM 90   H H5     . DC A 1 3  ? 2.109   1.602   11.063  1.00 0.00 ? 3  DC A H5     1 
ATOM 91   H H6     . DC A 1 3  ? 4.114   0.374   11.604  1.00 0.00 ? 3  DC A H6     1 
ATOM 92   P P      . DA A 1 4  ? 8.202   -3.903  9.794   1.00 0.00 ? 4  DA A P      1 
ATOM 93   O OP1    . DA A 1 4  ? 9.236   -4.905  10.135  1.00 0.00 ? 4  DA A OP1    1 
ATOM 94   O OP2    . DA A 1 4  ? 8.596   -2.641  9.128   1.00 0.00 ? 4  DA A OP2    1 
ATOM 95   O "O5'"  . DA A 1 4  ? 7.082   -4.624  8.879   1.00 0.00 ? 4  DA A "O5'"  1 
ATOM 96   C "C5'"  . DA A 1 4  ? 6.595   -5.914  9.205   1.00 0.00 ? 4  DA A "C5'"  1 
ATOM 97   C "C4'"  . DA A 1 4  ? 5.480   -6.346  8.247   1.00 0.00 ? 4  DA A "C4'"  1 
ATOM 98   O "O4'"  . DA A 1 4  ? 4.430   -5.391  8.289   1.00 0.00 ? 4  DA A "O4'"  1 
ATOM 99   C "C3'"  . DA A 1 4  ? 5.937   -6.484  6.783   1.00 0.00 ? 4  DA A "C3'"  1 
ATOM 100  O "O3'"  . DA A 1 4  ? 5.400   -7.693  6.264   1.00 0.00 ? 4  DA A "O3'"  1 
ATOM 101  C "C2'"  . DA A 1 4  ? 5.319   -5.241  6.148   1.00 0.00 ? 4  DA A "C2'"  1 
ATOM 102  C "C1'"  . DA A 1 4  ? 4.037   -5.110  6.962   1.00 0.00 ? 4  DA A "C1'"  1 
ATOM 103  N N9     . DA A 1 4  ? 3.455   -3.753  6.876   1.00 0.00 ? 4  DA A N9     1 
ATOM 104  C C8     . DA A 1 4  ? 4.050   -2.544  7.141   1.00 0.00 ? 4  DA A C8     1 
ATOM 105  N N7     . DA A 1 4  ? 3.252   -1.517  7.046   1.00 0.00 ? 4  DA A N7     1 
ATOM 106  C C5     . DA A 1 4  ? 2.036   -2.084  6.686   1.00 0.00 ? 4  DA A C5     1 
ATOM 107  C C6     . DA A 1 4  ? 0.757   -1.541  6.438   1.00 0.00 ? 4  DA A C6     1 
ATOM 108  N N6     . DA A 1 4  ? 0.484   -0.236  6.540   1.00 0.00 ? 4  DA A N6     1 
ATOM 109  N N1     . DA A 1 4  ? -0.235  -2.382  6.091   1.00 0.00 ? 4  DA A N1     1 
ATOM 110  C C2     . DA A 1 4  ? 0.016   -3.684  6.001   1.00 0.00 ? 4  DA A C2     1 
ATOM 111  N N3     . DA A 1 4  ? 1.165   -4.316  6.215   1.00 0.00 ? 4  DA A N3     1 
ATOM 112  C C4     . DA A 1 4  ? 2.152   -3.447  6.565   1.00 0.00 ? 4  DA A C4     1 
ATOM 113  H "H5'"  . DA A 1 4  ? 6.194   -5.903  10.219  1.00 0.00 ? 4  DA A "H5'"  1 
ATOM 114  H "H5''" . DA A 1 4  ? 7.407   -6.642  9.156   1.00 0.00 ? 4  DA A "H5''" 1 
ATOM 115  H "H4'"  . DA A 1 4  ? 5.094   -7.304  8.597   1.00 0.00 ? 4  DA A "H4'"  1 
ATOM 116  H "H3'"  . DA A 1 4  ? 7.025   -6.483  6.691   1.00 0.00 ? 4  DA A "H3'"  1 
ATOM 117  H "H2'"  . DA A 1 4  ? 5.980   -4.393  6.326   1.00 0.00 ? 4  DA A "H2'"  1 
ATOM 118  H "H2''" . DA A 1 4  ? 5.124   -5.338  5.083   1.00 0.00 ? 4  DA A "H2''" 1 
ATOM 119  H "H1'"  . DA A 1 4  ? 3.324   -5.868  6.634   1.00 0.00 ? 4  DA A "H1'"  1 
ATOM 120  H H8     . DA A 1 4  ? 5.090   -2.449  7.413   1.00 0.00 ? 4  DA A H8     1 
ATOM 121  H H61    . DA A 1 4  ? -0.457  0.096   6.370   1.00 0.00 ? 4  DA A H61    1 
ATOM 122  H H62    . DA A 1 4  ? 1.213   0.409   6.806   1.00 0.00 ? 4  DA A H62    1 
ATOM 123  H H2     . DA A 1 4  ? -0.820  -4.307  5.720   1.00 0.00 ? 4  DA A H2     1 
ATOM 124  P P      . DC A 1 5  ? 5.616   -8.182  4.734   1.00 0.00 ? 5  DC A P      1 
ATOM 125  O OP1    . DC A 1 5  ? 5.881   -9.638  4.750   1.00 0.00 ? 5  DC A OP1    1 
ATOM 126  O OP2    . DC A 1 5  ? 6.569   -7.268  4.067   1.00 0.00 ? 5  DC A OP2    1 
ATOM 127  O "O5'"  . DC A 1 5  ? 4.152   -7.944  4.094   1.00 0.00 ? 5  DC A "O5'"  1 
ATOM 128  C "C5'"  . DC A 1 5  ? 3.041   -8.716  4.517   1.00 0.00 ? 5  DC A "C5'"  1 
ATOM 129  C "C4'"  . DC A 1 5  ? 1.737   -8.195  3.905   1.00 0.00 ? 5  DC A "C4'"  1 
ATOM 130  O "O4'"  . DC A 1 5  ? 1.602   -6.814  4.204   1.00 0.00 ? 5  DC A "O4'"  1 
ATOM 131  C "C3'"  . DC A 1 5  ? 1.647   -8.358  2.377   1.00 0.00 ? 5  DC A "C3'"  1 
ATOM 132  O "O3'"  . DC A 1 5  ? 0.371   -8.899  2.062   1.00 0.00 ? 5  DC A "O3'"  1 
ATOM 133  C "C2'"  . DC A 1 5  ? 1.801   -6.916  1.901   1.00 0.00 ? 5  DC A "C2'"  1 
ATOM 134  C "C1'"  . DC A 1 5  ? 1.121   -6.171  3.043   1.00 0.00 ? 5  DC A "C1'"  1 
ATOM 135  N N1     . DC A 1 5  ? 1.457   -4.722  3.047   1.00 0.00 ? 5  DC A N1     1 
ATOM 136  C C2     . DC A 1 5  ? 0.432   -3.792  2.876   1.00 0.00 ? 5  DC A C2     1 
ATOM 137  O O2     . DC A 1 5  ? -0.731  -4.140  2.700   1.00 0.00 ? 5  DC A O2     1 
ATOM 138  N N3     . DC A 1 5  ? 0.736   -2.467  2.926   1.00 0.00 ? 5  DC A N3     1 
ATOM 139  C C4     . DC A 1 5  ? 1.989   -2.047  3.143   1.00 0.00 ? 5  DC A C4     1 
ATOM 140  N N4     . DC A 1 5  ? 2.211   -0.731  3.226   1.00 0.00 ? 5  DC A N4     1 
ATOM 141  C C5     . DC A 1 5  ? 3.063   -2.983  3.326   1.00 0.00 ? 5  DC A C5     1 
ATOM 142  C C6     . DC A 1 5  ? 2.746   -4.299  3.269   1.00 0.00 ? 5  DC A C6     1 
ATOM 143  H "H5'"  . DC A 1 5  ? 2.952   -8.653  5.602   1.00 0.00 ? 5  DC A "H5'"  1 
ATOM 144  H "H5''" . DC A 1 5  ? 3.182   -9.761  4.237   1.00 0.00 ? 5  DC A "H5''" 1 
ATOM 145  H "H4'"  . DC A 1 5  ? 0.911   -8.735  4.373   1.00 0.00 ? 5  DC A "H4'"  1 
ATOM 146  H "H3'"  . DC A 1 5  ? 2.439   -8.998  1.984   1.00 0.00 ? 5  DC A "H3'"  1 
ATOM 147  H "H2'"  . DC A 1 5  ? 2.863   -6.674  1.852   1.00 0.00 ? 5  DC A "H2'"  1 
ATOM 148  H "H2''" . DC A 1 5  ? 1.333   -6.718  0.939   1.00 0.00 ? 5  DC A "H2''" 1 
ATOM 149  H "H1'"  . DC A 1 5  ? 0.048   -6.361  2.983   1.00 0.00 ? 5  DC A "H1'"  1 
ATOM 150  H H41    . DC A 1 5  ? 1.429   -0.096  3.124   1.00 0.00 ? 5  DC A H41    1 
ATOM 151  H H42    . DC A 1 5  ? 3.139   -0.377  3.404   1.00 0.00 ? 5  DC A H42    1 
ATOM 152  H H5     . DC A 1 5  ? 4.086   -2.688  3.511   1.00 0.00 ? 5  DC A H5     1 
ATOM 153  H H6     . DC A 1 5  ? 3.523   -5.035  3.412   1.00 0.00 ? 5  DC A H6     1 
ATOM 154  P P      . DC A 1 6  ? -0.122  -9.187  0.546   1.00 0.00 ? 6  DC A P      1 
ATOM 155  O OP1    . DC A 1 6  ? -0.899  -10.445 0.549   1.00 0.00 ? 6  DC A OP1    1 
ATOM 156  O OP2    . DC A 1 6  ? 1.037   -9.045  -0.364  1.00 0.00 ? 6  DC A OP2    1 
ATOM 157  O "O5'"  . DC A 1 6  ? -1.140  -7.963  0.260   1.00 0.00 ? 6  DC A "O5'"  1 
ATOM 158  C "C5'"  . DC A 1 6  ? -2.376  -7.860  0.946   1.00 0.00 ? 6  DC A "C5'"  1 
ATOM 159  C "C4'"  . DC A 1 6  ? -3.165  -6.631  0.481   1.00 0.00 ? 6  DC A "C4'"  1 
ATOM 160  O "O4'"  . DC A 1 6  ? -2.405  -5.467  0.749   1.00 0.00 ? 6  DC A "O4'"  1 
ATOM 161  C "C3'"  . DC A 1 6  ? -3.486  -6.648  -1.023  1.00 0.00 ? 6  DC A "C3'"  1 
ATOM 162  O "O3'"  . DC A 1 6  ? -4.844  -6.286  -1.218  1.00 0.00 ? 6  DC A "O3'"  1 
ATOM 163  C "C2'"  . DC A 1 6  ? -2.543  -5.575  -1.561  1.00 0.00 ? 6  DC A "C2'"  1 
ATOM 164  C "C1'"  . DC A 1 6  ? -2.471  -4.614  -0.374  1.00 0.00 ? 6  DC A "C1'"  1 
ATOM 165  N N1     . DC A 1 6  ? -1.271  -3.732  -0.407  1.00 0.00 ? 6  DC A N1     1 
ATOM 166  C C2     . DC A 1 6  ? -1.425  -2.341  -0.344  1.00 0.00 ? 6  DC A C2     1 
ATOM 167  O O2     . DC A 1 6  ? -2.536  -1.816  -0.319  1.00 0.00 ? 6  DC A O2     1 
ATOM 168  N N3     . DC A 1 6  ? -0.303  -1.564  -0.315  1.00 0.00 ? 6  DC A N3     1 
ATOM 169  C C4     . DC A 1 6  ? 0.922   -2.111  -0.357  1.00 0.00 ? 6  DC A C4     1 
ATOM 170  N N4     . DC A 1 6  ? 1.995   -1.314  -0.349  1.00 0.00 ? 6  DC A N4     1 
ATOM 171  C C5     . DC A 1 6  ? 1.104   -3.532  -0.412  1.00 0.00 ? 6  DC A C5     1 
ATOM 172  C C6     . DC A 1 6  ? -0.016  -4.290  -0.428  1.00 0.00 ? 6  DC A C6     1 
ATOM 173  H "H5'"  . DC A 1 6  ? -2.189  -7.772  2.017   1.00 0.00 ? 6  DC A "H5'"  1 
ATOM 174  H "H5''" . DC A 1 6  ? -2.978  -8.753  0.768   1.00 0.00 ? 6  DC A "H5''" 1 
ATOM 175  H "H4'"  . DC A 1 6  ? -4.094  -6.586  1.052   1.00 0.00 ? 6  DC A "H4'"  1 
ATOM 176  H "H3'"  . DC A 1 6  ? -3.285  -7.626  -1.464  1.00 0.00 ? 6  DC A "H3'"  1 
ATOM 177  H "H2'"  . DC A 1 6  ? -1.580  -6.038  -1.769  1.00 0.00 ? 6  DC A "H2'"  1 
ATOM 178  H "H2''" . DC A 1 6  ? -2.915  -5.094  -2.460  1.00 0.00 ? 6  DC A "H2''" 1 
ATOM 179  H "H1'"  . DC A 1 6  ? -3.409  -4.060  -0.327  1.00 0.00 ? 6  DC A "H1'"  1 
ATOM 180  H H41    . DC A 1 6  ? 1.873   -0.313  -0.306  1.00 0.00 ? 6  DC A H41    1 
ATOM 181  H H42    . DC A 1 6  ? 2.923   -1.709  -0.369  1.00 0.00 ? 6  DC A H42    1 
ATOM 182  H H5     . DC A 1 6  ? 2.072   -4.012  -0.434  1.00 0.00 ? 6  DC A H5     1 
ATOM 183  H H6     . DC A 1 6  ? 0.086   -5.363  -0.447  1.00 0.00 ? 6  DC A H6     1 
ATOM 184  P P      . DA A 1 7  ? -5.596  -6.472  -2.642  1.00 0.00 ? 7  DA A P      1 
ATOM 185  O OP1    . DA A 1 7  ? -6.718  -7.417  -2.452  1.00 0.00 ? 7  DA A OP1    1 
ATOM 186  O OP2    . DA A 1 7  ? -4.580  -6.742  -3.685  1.00 0.00 ? 7  DA A OP2    1 
ATOM 187  O "O5'"  . DA A 1 7  ? -6.207  -5.007  -2.925  1.00 0.00 ? 7  DA A "O5'"  1 
ATOM 188  C "C5'"  . DA A 1 7  ? -7.307  -4.508  -2.187  1.00 0.00 ? 7  DA A "C5'"  1 
ATOM 189  C "C4'"  . DA A 1 7  ? -7.569  -3.036  -2.527  1.00 0.00 ? 7  DA A "C4'"  1 
ATOM 190  O "O4'"  . DA A 1 7  ? -6.380  -2.299  -2.291  1.00 0.00 ? 7  DA A "O4'"  1 
ATOM 191  C "C3'"  . DA A 1 7  ? -7.985  -2.796  -3.985  1.00 0.00 ? 7  DA A "C3'"  1 
ATOM 192  O "O3'"  . DA A 1 7  ? -8.922  -1.729  -4.014  1.00 0.00 ? 7  DA A "O3'"  1 
ATOM 193  C "C2'"  . DA A 1 7  ? -6.655  -2.428  -4.634  1.00 0.00 ? 7  DA A "C2'"  1 
ATOM 194  C "C1'"  . DA A 1 7  ? -5.960  -1.687  -3.495  1.00 0.00 ? 7  DA A "C1'"  1 
ATOM 195  N N9     . DA A 1 7  ? -4.483  -1.745  -3.597  1.00 0.00 ? 7  DA A N9     1 
ATOM 196  C C8     . DA A 1 7  ? -3.675  -2.829  -3.849  1.00 0.00 ? 7  DA A C8     1 
ATOM 197  N N7     . DA A 1 7  ? -2.398  -2.574  -3.803  1.00 0.00 ? 7  DA A N7     1 
ATOM 198  C C5     . DA A 1 7  ? -2.350  -1.219  -3.503  1.00 0.00 ? 7  DA A C5     1 
ATOM 199  C C6     . DA A 1 7  ? -1.283  -0.319  -3.313  1.00 0.00 ? 7  DA A C6     1 
ATOM 200  N N6     . DA A 1 7  ? 0.002   -0.685  -3.412  1.00 0.00 ? 7  DA A N6     1 
ATOM 201  N N1     . DA A 1 7  ? -1.579  0.965   -3.034  1.00 0.00 ? 7  DA A N1     1 
ATOM 202  C C2     . DA A 1 7  ? -2.854  1.337   -2.945  1.00 0.00 ? 7  DA A C2     1 
ATOM 203  N N3     . DA A 1 7  ? -3.942  0.589   -3.096  1.00 0.00 ? 7  DA A N3     1 
ATOM 204  C C4     . DA A 1 7  ? -3.616  -0.702  -3.375  1.00 0.00 ? 7  DA A C4     1 
ATOM 205  H "H5'"  . DA A 1 7  ? -7.088  -4.580  -1.121  1.00 0.00 ? 7  DA A "H5'"  1 
ATOM 206  H "H5''" . DA A 1 7  ? -8.201  -5.095  -2.404  1.00 0.00 ? 7  DA A "H5''" 1 
ATOM 207  H "H4'"  . DA A 1 7  ? -8.353  -2.676  -1.858  1.00 0.00 ? 7  DA A "H4'"  1 
ATOM 208  H "H3'"  . DA A 1 7  ? -8.422  -3.689  -4.435  1.00 0.00 ? 7  DA A "H3'"  1 
ATOM 209  H "H2'"  . DA A 1 7  ? -6.132  -3.347  -4.894  1.00 0.00 ? 7  DA A "H2'"  1 
ATOM 210  H "H2''" . DA A 1 7  ? -6.752  -1.810  -5.524  1.00 0.00 ? 7  DA A "H2''" 1 
ATOM 211  H "H1'"  . DA A 1 7  ? -6.309  -0.654  -3.492  1.00 0.00 ? 7  DA A "H1'"  1 
ATOM 212  H H8     . DA A 1 7  ? -4.056  -3.814  -4.064  1.00 0.00 ? 7  DA A H8     1 
ATOM 213  H H61    . DA A 1 7  ? 0.747   -0.017  -3.263  1.00 0.00 ? 7  DA A H61    1 
ATOM 214  H H62    . DA A 1 7  ? 0.222   -1.645  -3.630  1.00 0.00 ? 7  DA A H62    1 
ATOM 215  H H2     . DA A 1 7  ? -3.033  2.377   -2.722  1.00 0.00 ? 7  DA A H2     1 
ATOM 216  P P      . DG A 1 8  ? -9.548  -1.140  -5.385  1.00 0.00 ? 8  DG A P      1 
ATOM 217  O OP1    . DG A 1 8  ? -10.943 -0.725  -5.115  1.00 0.00 ? 8  DG A OP1    1 
ATOM 218  O OP2    . DG A 1 8  ? -9.267  -2.091  -6.485  1.00 0.00 ? 8  DG A OP2    1 
ATOM 219  O "O5'"  . DG A 1 8  ? -8.662  0.188   -5.625  1.00 0.00 ? 8  DG A "O5'"  1 
ATOM 220  C "C5'"  . DG A 1 8  ? -8.810  1.319   -4.786  1.00 0.00 ? 8  DG A "C5'"  1 
ATOM 221  C "C4'"  . DG A 1 8  ? -7.822  2.426   -5.166  1.00 0.00 ? 8  DG A "C4'"  1 
ATOM 222  O "O4'"  . DG A 1 8  ? -6.489  1.967   -4.991  1.00 0.00 ? 8  DG A "O4'"  1 
ATOM 223  C "C3'"  . DG A 1 8  ? -7.970  2.897   -6.623  1.00 0.00 ? 8  DG A "C3'"  1 
ATOM 224  O "O3'"  . DG A 1 8  ? -8.003  4.318   -6.635  1.00 0.00 ? 8  DG A "O3'"  1 
ATOM 225  C "C2'"  . DG A 1 8  ? -6.693  2.346   -7.252  1.00 0.00 ? 8  DG A "C2'"  1 
ATOM 226  C "C1'"  . DG A 1 8  ? -5.730  2.455   -6.075  1.00 0.00 ? 8  DG A "C1'"  1 
ATOM 227  N N9     . DG A 1 8  ? -4.499  1.654   -6.267  1.00 0.00 ? 8  DG A N9     1 
ATOM 228  C C8     . DG A 1 8  ? -4.382  0.312   -6.524  1.00 0.00 ? 8  DG A C8     1 
ATOM 229  N N7     . DG A 1 8  ? -3.154  -0.112  -6.613  1.00 0.00 ? 8  DG A N7     1 
ATOM 230  C C5     . DG A 1 8  ? -2.391  1.031   -6.401  1.00 0.00 ? 8  DG A C5     1 
ATOM 231  C C6     . DG A 1 8  ? -0.974  1.196   -6.373  1.00 0.00 ? 8  DG A C6     1 
ATOM 232  O O6     . DG A 1 8  ? -0.113  0.329   -6.505  1.00 0.00 ? 8  DG A O6     1 
ATOM 233  N N1     . DG A 1 8  ? -0.595  2.519   -6.160  1.00 0.00 ? 8  DG A N1     1 
ATOM 234  C C2     . DG A 1 8  ? -1.482  3.565   -5.973  1.00 0.00 ? 8  DG A C2     1 
ATOM 235  N N2     . DG A 1 8  ? -0.969  4.790   -5.819  1.00 0.00 ? 8  DG A N2     1 
ATOM 236  N N3     . DG A 1 8  ? -2.815  3.405   -5.979  1.00 0.00 ? 8  DG A N3     1 
ATOM 237  C C4     . DG A 1 8  ? -3.206  2.120   -6.196  1.00 0.00 ? 8  DG A C4     1 
ATOM 238  H "H5'"  . DG A 1 8  ? -8.634  1.033   -3.748  1.00 0.00 ? 8  DG A "H5'"  1 
ATOM 239  H "H5''" . DG A 1 8  ? -9.825  1.712   -4.876  1.00 0.00 ? 8  DG A "H5''" 1 
ATOM 240  H "H4'"  . DG A 1 8  ? -7.986  3.268   -4.492  1.00 0.00 ? 8  DG A "H4'"  1 
ATOM 241  H "H3'"  . DG A 1 8  ? -8.863  2.489   -7.098  1.00 0.00 ? 8  DG A "H3'"  1 
ATOM 242  H "H2'"  . DG A 1 8  ? -6.852  1.301   -7.520  1.00 0.00 ? 8  DG A "H2'"  1 
ATOM 243  H "H2''" . DG A 1 8  ? -6.364  2.905   -8.122  1.00 0.00 ? 8  DG A "H2''" 1 
ATOM 244  H "H1'"  . DG A 1 8  ? -5.488  3.505   -5.903  1.00 0.00 ? 8  DG A "H1'"  1 
ATOM 245  H H8     . DG A 1 8  ? -5.233  -0.341  -6.640  1.00 0.00 ? 8  DG A H8     1 
ATOM 246  H H1     . DG A 1 8  ? 0.400   2.704   -6.131  1.00 0.00 ? 8  DG A H1     1 
ATOM 247  H H21    . DG A 1 8  ? 0.033   4.932   -5.821  1.00 0.00 ? 8  DG A H21    1 
ATOM 248  H H22    . DG A 1 8  ? -1.590  5.576   -5.686  1.00 0.00 ? 8  DG A H22    1 
ATOM 249  P P      . DC A 1 9  ? -8.258  5.188   -7.977  1.00 0.00 ? 9  DC A P      1 
ATOM 250  O OP1    . DC A 1 9  ? -9.368  6.131   -7.715  1.00 0.00 ? 9  DC A OP1    1 
ATOM 251  O OP2    . DC A 1 9  ? -8.334  4.271   -9.136  1.00 0.00 ? 9  DC A OP2    1 
ATOM 252  O "O5'"  . DC A 1 9  ? -6.890  6.039   -8.106  1.00 0.00 ? 9  DC A "O5'"  1 
ATOM 253  C "C5'"  . DC A 1 9  ? -6.563  7.054   -7.173  1.00 0.00 ? 9  DC A "C5'"  1 
ATOM 254  C "C4'"  . DC A 1 9  ? -5.157  7.606   -7.438  1.00 0.00 ? 9  DC A "C4'"  1 
ATOM 255  O "O4'"  . DC A 1 9  ? -4.224  6.538   -7.362  1.00 0.00 ? 9  DC A "O4'"  1 
ATOM 256  C "C3'"  . DC A 1 9  ? -5.016  8.270   -8.817  1.00 0.00 ? 9  DC A "C3'"  1 
ATOM 257  O "O3'"  . DC A 1 9  ? -4.261  9.468   -8.687  1.00 0.00 ? 9  DC A "O3'"  1 
ATOM 258  C "C2'"  . DC A 1 9  ? -4.264  7.201   -9.603  1.00 0.00 ? 9  DC A "C2'"  1 
ATOM 259  C "C1'"  . DC A 1 9  ? -3.403  6.565   -8.514  1.00 0.00 ? 9  DC A "C1'"  1 
ATOM 260  N N1     . DC A 1 9  ? -2.980  5.185   -8.880  1.00 0.00 ? 9  DC A N1     1 
ATOM 261  C C2     . DC A 1 9  ? -1.624  4.897   -9.041  1.00 0.00 ? 9  DC A C2     1 
ATOM 262  O O2     . DC A 1 9  ? -0.768  5.770   -8.921  1.00 0.00 ? 9  DC A O2     1 
ATOM 263  N N3     . DC A 1 9  ? -1.260  3.616   -9.343  1.00 0.00 ? 9  DC A N3     1 
ATOM 264  C C4     . DC A 1 9  ? -2.180  2.651   -9.505  1.00 0.00 ? 9  DC A C4     1 
ATOM 265  N N4     . DC A 1 9  ? -1.779  1.407   -9.782  1.00 0.00 ? 9  DC A N4     1 
ATOM 266  C C5     . DC A 1 9  ? -3.580  2.930   -9.365  1.00 0.00 ? 9  DC A C5     1 
ATOM 267  C C6     . DC A 1 9  ? -3.922  4.199   -9.045  1.00 0.00 ? 9  DC A C6     1 
ATOM 268  H "H5'"  . DC A 1 9  ? -6.587  6.640   -6.163  1.00 0.00 ? 9  DC A "H5'"  1 
ATOM 269  H "H5''" . DC A 1 9  ? -7.288  7.866   -7.237  1.00 0.00 ? 9  DC A "H5''" 1 
ATOM 270  H "H4'"  . DC A 1 9  ? -4.928  8.333   -6.657  1.00 0.00 ? 9  DC A "H4'"  1 
ATOM 271  H "H3'"  . DC A 1 9  ? -5.988  8.485   -9.261  1.00 0.00 ? 9  DC A "H3'"  1 
ATOM 272  H "H2'"  . DC A 1 9  ? -4.988  6.495   -10.006 1.00 0.00 ? 9  DC A "H2'"  1 
ATOM 273  H "H2''" . DC A 1 9  ? -3.664  7.609   -10.411 1.00 0.00 ? 9  DC A "H2''" 1 
ATOM 274  H "H1'"  . DC A 1 9  ? -2.566  7.232   -8.305  1.00 0.00 ? 9  DC A "H1'"  1 
ATOM 275  H H41    . DC A 1 9  ? -0.793  1.196   -9.855  1.00 0.00 ? 9  DC A H41    1 
ATOM 276  H H42    . DC A 1 9  ? -2.460  0.668   -9.877  1.00 0.00 ? 9  DC A H42    1 
ATOM 277  H H5     . DC A 1 9  ? -4.349  2.182   -9.487  1.00 0.00 ? 9  DC A H5     1 
ATOM 278  H H6     . DC A 1 9  ? -4.963  4.447   -8.924  1.00 0.00 ? 9  DC A H6     1 
ATOM 279  P P      . DT A 1 10 ? -3.963  10.455  -9.937  1.00 0.00 ? 10 DT A P      1 
ATOM 280  O OP1    . DT A 1 10 ? -4.080  11.852  -9.461  1.00 0.00 ? 10 DT A OP1    1 
ATOM 281  O OP2    . DT A 1 10 ? -4.767  10.010  -11.098 1.00 0.00 ? 10 DT A OP2    1 
ATOM 282  O "O5'"  . DT A 1 10 ? -2.410  10.166  -10.270 1.00 0.00 ? 10 DT A "O5'"  1 
ATOM 283  C "C5'"  . DT A 1 10 ? -1.379  10.579  -9.390  1.00 0.00 ? 10 DT A "C5'"  1 
ATOM 284  C "C4'"  . DT A 1 10 ? -0.007  10.148  -9.917  1.00 0.00 ? 10 DT A "C4'"  1 
ATOM 285  O "O4'"  . DT A 1 10 ? 0.003   8.737   -10.066 1.00 0.00 ? 10 DT A "O4'"  1 
ATOM 286  C "C3'"  . DT A 1 10 ? 0.345   10.772  -11.277 1.00 0.00 ? 10 DT A "C3'"  1 
ATOM 287  O "O3'"  . DT A 1 10 ? 1.706   11.186  -11.261 1.00 0.00 ? 10 DT A "O3'"  1 
ATOM 288  C "C2'"  . DT A 1 10 ? 0.105   9.601   -12.224 1.00 0.00 ? 10 DT A "C2'"  1 
ATOM 289  C "C1'"  . DT A 1 10 ? 0.523   8.426   -11.342 1.00 0.00 ? 10 DT A "C1'"  1 
ATOM 290  N N1     . DT A 1 10 ? 0.003   7.106   -11.796 1.00 0.00 ? 10 DT A N1     1 
ATOM 291  C C2     . DT A 1 10 ? 0.895   6.038   -11.916 1.00 0.00 ? 10 DT A C2     1 
ATOM 292  O O2     . DT A 1 10 ? 2.112   6.153   -11.790 1.00 0.00 ? 10 DT A O2     1 
ATOM 293  N N3     . DT A 1 10 ? 0.336   4.803   -12.207 1.00 0.00 ? 10 DT A N3     1 
ATOM 294  C C4     . DT A 1 10 ? -1.006  4.538   -12.421 1.00 0.00 ? 10 DT A C4     1 
ATOM 295  O O4     . DT A 1 10 ? -1.382  3.393   -12.664 1.00 0.00 ? 10 DT A O4     1 
ATOM 296  C C5     . DT A 1 10 ? -1.862  5.704   -12.330 1.00 0.00 ? 10 DT A C5     1 
ATOM 297  C C7     . DT A 1 10 ? -3.347  5.552   -12.602 1.00 0.00 ? 10 DT A C7     1 
ATOM 298  C C6     . DT A 1 10 ? -1.343  6.918   -12.017 1.00 0.00 ? 10 DT A C6     1 
ATOM 299  H "H5'"  . DT A 1 10 ? -1.537  10.125  -8.411  1.00 0.00 ? 10 DT A "H5'"  1 
ATOM 300  H "H5''" . DT A 1 10 ? -1.394  11.664  -9.281  1.00 0.00 ? 10 DT A "H5''" 1 
ATOM 301  H "H4'"  . DT A 1 10 ? 0.745   10.432  -9.179  1.00 0.00 ? 10 DT A "H4'"  1 
ATOM 302  H "H3'"  . DT A 1 10 ? -0.301  11.620  -11.514 1.00 0.00 ? 10 DT A "H3'"  1 
ATOM 303  H "H2'"  . DT A 1 10 ? -0.954  9.577   -12.474 1.00 0.00 ? 10 DT A "H2'"  1 
ATOM 304  H "H2''" . DT A 1 10 ? 0.687   9.667   -13.138 1.00 0.00 ? 10 DT A "H2''" 1 
ATOM 305  H "H1'"  . DT A 1 10 ? 1.611   8.442   -11.270 1.00 0.00 ? 10 DT A "H1'"  1 
ATOM 306  H H3     . DT A 1 10 ? 0.971   4.020   -12.278 1.00 0.00 ? 10 DT A H3     1 
ATOM 307  H H71    . DT A 1 10 ? -3.834  6.524   -12.683 1.00 0.00 ? 10 DT A H71    1 
ATOM 308  H H72    . DT A 1 10 ? -3.489  5.011   -13.538 1.00 0.00 ? 10 DT A H72    1 
ATOM 309  H H73    . DT A 1 10 ? -3.808  4.986   -11.795 1.00 0.00 ? 10 DT A H73    1 
ATOM 310  H H6     . DT A 1 10 ? -2.008  7.760   -11.925 1.00 0.00 ? 10 DT A H6     1 
ATOM 311  P P      . DC A 1 11 ? 2.431   11.882  -12.531 1.00 0.00 ? 11 DC A P      1 
ATOM 312  O OP1    . DC A 1 11 ? 3.351   12.925  -12.025 1.00 0.00 ? 11 DC A OP1    1 
ATOM 313  O OP2    . DC A 1 11 ? 1.401   12.239  -13.533 1.00 0.00 ? 11 DC A OP2    1 
ATOM 314  O "O5'"  . DC A 1 11 ? 3.322   10.680  -13.138 1.00 0.00 ? 11 DC A "O5'"  1 
ATOM 315  C "C5'"  . DC A 1 11 ? 4.459   10.193  -12.450 1.00 0.00 ? 11 DC A "C5'"  1 
ATOM 316  C "C4'"  . DC A 1 11 ? 5.073   9.002   -13.192 1.00 0.00 ? 11 DC A "C4'"  1 
ATOM 317  O "O4'"  . DC A 1 11 ? 4.098   7.981   -13.304 1.00 0.00 ? 11 DC A "O4'"  1 
ATOM 318  C "C3'"  . DC A 1 11 ? 5.548   9.346   -14.614 1.00 0.00 ? 11 DC A "C3'"  1 
ATOM 319  O "O3'"  . DC A 1 11 ? 6.847   8.834   -14.831 1.00 0.00 ? 11 DC A "O3'"  1 
ATOM 320  C "C2'"  . DC A 1 11 ? 4.556   8.605   -15.502 1.00 0.00 ? 11 DC A "C2'"  1 
ATOM 321  C "C1'"  . DC A 1 11 ? 4.175   7.430   -14.601 1.00 0.00 ? 11 DC A "C1'"  1 
ATOM 322  N N1     . DC A 1 11 ? 2.869   6.815   -14.963 1.00 0.00 ? 11 DC A N1     1 
ATOM 323  C C2     . DC A 1 11 ? 2.812   5.452   -15.261 1.00 0.00 ? 11 DC A C2     1 
ATOM 324  O O2     . DC A 1 11 ? 3.829   4.771   -15.352 1.00 0.00 ? 11 DC A O2     1 
ATOM 325  N N3     . DC A 1 11 ? 1.589   4.881   -15.463 1.00 0.00 ? 11 DC A N3     1 
ATOM 326  C C4     . DC A 1 11 ? 0.462   5.604   -15.400 1.00 0.00 ? 11 DC A C4     1 
ATOM 327  N N4     . DC A 1 11 ? -0.710  4.985   -15.577 1.00 0.00 ? 11 DC A N4     1 
ATOM 328  C C5     . DC A 1 11 ? 0.498   7.014   -15.134 1.00 0.00 ? 11 DC A C5     1 
ATOM 329  C C6     . DC A 1 11 ? 1.717   7.563   -14.920 1.00 0.00 ? 11 DC A C6     1 
ATOM 330  H "H5'"  . DC A 1 11 ? 4.169   9.867   -11.450 1.00 0.00 ? 11 DC A "H5'"  1 
ATOM 331  H "H5''" . DC A 1 11 ? 5.208   10.981  -12.361 1.00 0.00 ? 11 DC A "H5''" 1 
ATOM 332  H "H4'"  . DC A 1 11 ? 5.915   8.626   -12.608 1.00 0.00 ? 11 DC A "H4'"  1 
ATOM 333  H "H3'"  . DC A 1 11 ? 5.539   10.418  -14.810 1.00 0.00 ? 11 DC A "H3'"  1 
ATOM 334  H "HO3'" . DC A 1 11 ? 7.118   9.059   -15.723 1.00 0.00 ? 11 DC A "HO3'" 1 
ATOM 335  H "H2'"  . DC A 1 11 ? 3.705   9.259   -15.694 1.00 0.00 ? 11 DC A "H2'"  1 
ATOM 336  H "H2''" . DC A 1 11 ? 4.995   8.277   -16.445 1.00 0.00 ? 11 DC A "H2''" 1 
ATOM 337  H "H1'"  . DC A 1 11 ? 5.001   6.718   -14.610 1.00 0.00 ? 11 DC A "H1'"  1 
ATOM 338  H H41    . DC A 1 11 ? -0.725  3.983   -15.718 1.00 0.00 ? 11 DC A H41    1 
ATOM 339  H H42    . DC A 1 11 ? -1.574  5.505   -15.519 1.00 0.00 ? 11 DC A H42    1 
ATOM 340  H H5     . DC A 1 11 ? -0.384  7.636   -15.083 1.00 0.00 ? 11 DC A H5     1 
ATOM 341  H H6     . DC A 1 11 ? 1.788   8.617   -14.705 1.00 0.00 ? 11 DC A H6     1 
ATOM 342  O "O5'"  . DG B 2 1  ? 0.734   -5.563  -18.631 1.00 0.00 ? 12 DG B "O5'"  1 
ATOM 343  C "C5'"  . DG B 2 1  ? 1.721   -5.513  -19.641 1.00 0.00 ? 12 DG B "C5'"  1 
ATOM 344  C "C4'"  . DG B 2 1  ? 2.829   -4.520  -19.271 1.00 0.00 ? 12 DG B "C4'"  1 
ATOM 345  O "O4'"  . DG B 2 1  ? 2.260   -3.230  -19.107 1.00 0.00 ? 12 DG B "O4'"  1 
ATOM 346  C "C3'"  . DG B 2 1  ? 3.545   -4.888  -17.961 1.00 0.00 ? 12 DG B "C3'"  1 
ATOM 347  O "O3'"  . DG B 2 1  ? 4.942   -4.695  -18.132 1.00 0.00 ? 12 DG B "O3'"  1 
ATOM 348  C "C2'"  . DG B 2 1  ? 2.946   -3.884  -16.982 1.00 0.00 ? 12 DG B "C2'"  1 
ATOM 349  C "C1'"  . DG B 2 1  ? 2.747   -2.684  -17.898 1.00 0.00 ? 12 DG B "C1'"  1 
ATOM 350  N N9     . DG B 2 1  ? 1.786   -1.713  -17.332 1.00 0.00 ? 12 DG B N9     1 
ATOM 351  C C8     . DG B 2 1  ? 0.448   -1.879  -17.074 1.00 0.00 ? 12 DG B C8     1 
ATOM 352  N N7     . DG B 2 1  ? -0.136  -0.822  -16.581 1.00 0.00 ? 12 DG B N7     1 
ATOM 353  C C5     . DG B 2 1  ? 0.885   0.118   -16.505 1.00 0.00 ? 12 DG B C5     1 
ATOM 354  C C6     . DG B 2 1  ? 0.859   1.471   -16.050 1.00 0.00 ? 12 DG B C6     1 
ATOM 355  O O6     . DG B 2 1  ? -0.101  2.107   -15.616 1.00 0.00 ? 12 DG B O6     1 
ATOM 356  N N1     . DG B 2 1  ? 2.107   2.083   -16.134 1.00 0.00 ? 12 DG B N1     1 
ATOM 357  C C2     . DG B 2 1  ? 3.251   1.468   -16.610 1.00 0.00 ? 12 DG B C2     1 
ATOM 358  N N2     . DG B 2 1  ? 4.386   2.173   -16.594 1.00 0.00 ? 12 DG B N2     1 
ATOM 359  N N3     . DG B 2 1  ? 3.274   0.199   -17.045 1.00 0.00 ? 12 DG B N3     1 
ATOM 360  C C4     . DG B 2 1  ? 2.065   -0.419  -16.964 1.00 0.00 ? 12 DG B C4     1 
ATOM 361  H "H5'"  . DG B 2 1  ? 1.255   -5.200  -20.576 1.00 0.00 ? 12 DG B "H5'"  1 
ATOM 362  H "H5''" . DG B 2 1  ? 2.147   -6.507  -19.774 1.00 0.00 ? 12 DG B "H5''" 1 
ATOM 363  H "H4'"  . DG B 2 1  ? 3.549   -4.492  -20.090 1.00 0.00 ? 12 DG B "H4'"  1 
ATOM 364  H "H3'"  . DG B 2 1  ? 3.338   -5.917  -17.664 1.00 0.00 ? 12 DG B "H3'"  1 
ATOM 365  H "H2'"  . DG B 2 1  ? 1.985   -4.256  -16.623 1.00 0.00 ? 12 DG B "H2'"  1 
ATOM 366  H "H2''" . DG B 2 1  ? 3.594   -3.659  -16.139 1.00 0.00 ? 12 DG B "H2''" 1 
ATOM 367  H "H1'"  . DG B 2 1  ? 3.715   -2.216  -18.089 1.00 0.00 ? 12 DG B "H1'"  1 
ATOM 368  H H8     . DG B 2 1  ? -0.079  -2.802  -17.265 1.00 0.00 ? 12 DG B H8     1 
ATOM 369  H H1     . DG B 2 1  ? 2.162   3.043   -15.818 1.00 0.00 ? 12 DG B H1     1 
ATOM 370  H H21    . DG B 2 1  ? 4.395   3.114   -16.221 1.00 0.00 ? 12 DG B H21    1 
ATOM 371  H H22    . DG B 2 1  ? 5.245   1.740   -16.897 1.00 0.00 ? 12 DG B H22    1 
ATOM 372  H "HO5'" . DG B 2 1  ? 0.034   -6.156  -18.915 1.00 0.00 ? 12 DG B "HO5'" 1 
ATOM 373  P P      . DA B 2 2  ? 6.019   -5.049  -16.976 1.00 0.00 ? 13 DA B P      1 
ATOM 374  O OP1    . DA B 2 2  ? 7.268   -5.486  -17.638 1.00 0.00 ? 13 DA B OP1    1 
ATOM 375  O OP2    . DA B 2 2  ? 5.368   -5.935  -15.985 1.00 0.00 ? 13 DA B OP2    1 
ATOM 376  O "O5'"  . DA B 2 2  ? 6.296   -3.623  -16.266 1.00 0.00 ? 13 DA B "O5'"  1 
ATOM 377  C "C5'"  . DA B 2 2  ? 7.058   -2.618  -16.911 1.00 0.00 ? 13 DA B "C5'"  1 
ATOM 378  C "C4'"  . DA B 2 2  ? 7.188   -1.371  -16.029 1.00 0.00 ? 13 DA B "C4'"  1 
ATOM 379  O "O4'"  . DA B 2 2  ? 5.899   -0.839  -15.772 1.00 0.00 ? 13 DA B "O4'"  1 
ATOM 380  C "C3'"  . DA B 2 2  ? 7.862   -1.641  -14.672 1.00 0.00 ? 13 DA B "C3'"  1 
ATOM 381  O "O3'"  . DA B 2 2  ? 8.857   -0.651  -14.453 1.00 0.00 ? 13 DA B "O3'"  1 
ATOM 382  C "C2'"  . DA B 2 2  ? 6.691   -1.508  -13.701 1.00 0.00 ? 13 DA B "C2'"  1 
ATOM 383  C "C1'"  . DA B 2 2  ? 5.849   -0.458  -14.415 1.00 0.00 ? 13 DA B "C1'"  1 
ATOM 384  N N9     . DA B 2 2  ? 4.449   -0.436  -13.938 1.00 0.00 ? 13 DA B N9     1 
ATOM 385  C C8     . DA B 2 2  ? 3.539   -1.463  -13.900 1.00 0.00 ? 13 DA B C8     1 
ATOM 386  N N7     . DA B 2 2  ? 2.345   -1.111  -13.509 1.00 0.00 ? 13 DA B N7     1 
ATOM 387  C C5     . DA B 2 2  ? 2.473   0.249   -13.258 1.00 0.00 ? 13 DA B C5     1 
ATOM 388  C C6     . DA B 2 2  ? 1.563   1.236   -12.828 1.00 0.00 ? 13 DA B C6     1 
ATOM 389  N N6     . DA B 2 2  ? 0.277   0.979   -12.564 1.00 0.00 ? 13 DA B N6     1 
ATOM 390  N N1     . DA B 2 2  ? 2.010   2.499   -12.695 1.00 0.00 ? 13 DA B N1     1 
ATOM 391  C C2     . DA B 2 2  ? 3.281   2.773   -12.970 1.00 0.00 ? 13 DA B C2     1 
ATOM 392  N N3     . DA B 2 2  ? 4.231   1.939   -13.381 1.00 0.00 ? 13 DA B N3     1 
ATOM 393  C C4     . DA B 2 2  ? 3.756   0.670   -13.507 1.00 0.00 ? 13 DA B C4     1 
ATOM 394  H "H5'"  . DA B 2 2  ? 6.573   -2.341  -17.848 1.00 0.00 ? 13 DA B "H5'"  1 
ATOM 395  H "H5''" . DA B 2 2  ? 8.057   -2.996  -17.130 1.00 0.00 ? 13 DA B "H5''" 1 
ATOM 396  H "H4'"  . DA B 2 2  ? 7.766   -0.629  -16.582 1.00 0.00 ? 13 DA B "H4'"  1 
ATOM 397  H "H3'"  . DA B 2 2  ? 8.306   -2.637  -14.630 1.00 0.00 ? 13 DA B "H3'"  1 
ATOM 398  H "H2'"  . DA B 2 2  ? 6.162   -2.461  -13.658 1.00 0.00 ? 13 DA B "H2'"  1 
ATOM 399  H "H2''" . DA B 2 2  ? 6.977   -1.196  -12.699 1.00 0.00 ? 13 DA B "H2''" 1 
ATOM 400  H "H1'"  . DA B 2 2  ? 6.321   0.519   -14.301 1.00 0.00 ? 13 DA B "H1'"  1 
ATOM 401  H H8     . DA B 2 2  ? 3.784   -2.475  -14.179 1.00 0.00 ? 13 DA B H8     1 
ATOM 402  H H61    . DA B 2 2  ? -0.346  1.734   -12.310 1.00 0.00 ? 13 DA B H61    1 
ATOM 403  H H62    . DA B 2 2  ? -0.074  0.039   -12.665 1.00 0.00 ? 13 DA B H62    1 
ATOM 404  H H2     . DA B 2 2  ? 3.579   3.802   -12.832 1.00 0.00 ? 13 DA B H2     1 
ATOM 405  P P      . DG B 2 3  ? 9.789   -0.619  -13.128 1.00 0.00 ? 14 DG B P      1 
ATOM 406  O OP1    . DG B 2 3  ? 11.136  -0.155  -13.528 1.00 0.00 ? 14 DG B OP1    1 
ATOM 407  O OP2    . DG B 2 3  ? 9.639   -1.906  -12.412 1.00 0.00 ? 14 DG B OP2    1 
ATOM 408  O "O5'"  . DG B 2 3  ? 9.102   0.538   -12.234 1.00 0.00 ? 14 DG B "O5'"  1 
ATOM 409  C "C5'"  . DG B 2 3  ? 9.213   1.901   -12.599 1.00 0.00 ? 14 DG B "C5'"  1 
ATOM 410  C "C4'"  . DG B 2 3  ? 8.379   2.793   -11.675 1.00 0.00 ? 14 DG B "C4'"  1 
ATOM 411  O "O4'"  . DG B 2 3  ? 7.017   2.403   -11.741 1.00 0.00 ? 14 DG B "O4'"  1 
ATOM 412  C "C3'"  . DG B 2 3  ? 8.810   2.750   -10.196 1.00 0.00 ? 14 DG B "C3'"  1 
ATOM 413  O "O3'"  . DG B 2 3  ? 8.952   4.086   -9.728  1.00 0.00 ? 14 DG B "O3'"  1 
ATOM 414  C "C2'"  . DG B 2 3  ? 7.624   2.035   -9.551  1.00 0.00 ? 14 DG B "C2'"  1 
ATOM 415  C "C1'"  . DG B 2 3  ? 6.489   2.525   -10.439 1.00 0.00 ? 14 DG B "C1'"  1 
ATOM 416  N N9     . DG B 2 3  ? 5.260   1.723   -10.264 1.00 0.00 ? 14 DG B N9     1 
ATOM 417  C C8     . DG B 2 3  ? 5.085   0.369   -10.394 1.00 0.00 ? 14 DG B C8     1 
ATOM 418  N N7     . DG B 2 3  ? 3.872   -0.040  -10.148 1.00 0.00 ? 14 DG B N7     1 
ATOM 419  C C5     . DG B 2 3  ? 3.184   1.127   -9.836  1.00 0.00 ? 14 DG B C5     1 
ATOM 420  C C6     . DG B 2 3  ? 1.815   1.323   -9.482  1.00 0.00 ? 14 DG B C6     1 
ATOM 421  O O6     . DG B 2 3  ? 0.938   0.472   -9.367  1.00 0.00 ? 14 DG B O6     1 
ATOM 422  N N1     . DG B 2 3  ? 1.507   2.666   -9.265  1.00 0.00 ? 14 DG B N1     1 
ATOM 423  C C2     . DG B 2 3  ? 2.419   3.700   -9.367  1.00 0.00 ? 14 DG B C2     1 
ATOM 424  N N2     . DG B 2 3  ? 1.996   4.930   -9.063  1.00 0.00 ? 14 DG B N2     1 
ATOM 425  N N3     . DG B 2 3  ? 3.707   3.515   -9.692  1.00 0.00 ? 14 DG B N3     1 
ATOM 426  C C4     . DG B 2 3  ? 4.024   2.212   -9.914  1.00 0.00 ? 14 DG B C4     1 
ATOM 427  H "H5'"  . DG B 2 3  ? 8.853   2.033   -13.621 1.00 0.00 ? 14 DG B "H5'"  1 
ATOM 428  H "H5''" . DG B 2 3  ? 10.256  2.214   -12.550 1.00 0.00 ? 14 DG B "H5''" 1 
ATOM 429  H "H4'"  . DG B 2 3  ? 8.460   3.818   -12.040 1.00 0.00 ? 14 DG B "H4'"  1 
ATOM 430  H "H3'"  . DG B 2 3  ? 9.737   2.195   -10.052 1.00 0.00 ? 14 DG B "H3'"  1 
ATOM 431  H "H2'"  . DG B 2 3  ? 7.759   0.959   -9.659  1.00 0.00 ? 14 DG B "H2'"  1 
ATOM 432  H "H2''" . DG B 2 3  ? 7.470   2.285   -8.504  1.00 0.00 ? 14 DG B "H2''" 1 
ATOM 433  H "H1'"  . DG B 2 3  ? 6.300   3.579   -10.230 1.00 0.00 ? 14 DG B "H1'"  1 
ATOM 434  H H8     . DG B 2 3  ? 5.883   -0.305  -10.670 1.00 0.00 ? 14 DG B H8     1 
ATOM 435  H H1     . DG B 2 3  ? 0.547   2.889   -9.030  1.00 0.00 ? 14 DG B H1     1 
ATOM 436  H H21    . DG B 2 3  ? 1.037   5.095   -8.792  1.00 0.00 ? 14 DG B H21    1 
ATOM 437  H H22    . DG B 2 3  ? 2.643   5.704   -9.123  1.00 0.00 ? 14 DG B H22    1 
ATOM 438  P P      . DC B 2 4  ? 9.362   4.459   -8.205  1.00 0.00 ? 15 DC B P      1 
ATOM 439  O OP1    . DC B 2 4  ? 10.350  5.560   -8.253  1.00 0.00 ? 15 DC B OP1    1 
ATOM 440  O OP2    . DC B 2 4  ? 9.690   3.213   -7.477  1.00 0.00 ? 15 DC B OP2    1 
ATOM 441  O "O5'"  . DC B 2 4  ? 7.982   5.047   -7.599  1.00 0.00 ? 15 DC B "O5'"  1 
ATOM 442  C "C5'"  . DC B 2 4  ? 7.446   6.274   -8.065  1.00 0.00 ? 15 DC B "C5'"  1 
ATOM 443  C "C4'"  . DC B 2 4  ? 6.086   6.573   -7.421  1.00 0.00 ? 15 DC B "C4'"  1 
ATOM 444  O "O4'"  . DC B 2 4  ? 5.203   5.489   -7.667  1.00 0.00 ? 15 DC B "O4'"  1 
ATOM 445  C "C3'"  . DC B 2 4  ? 6.148   6.801   -5.901  1.00 0.00 ? 15 DC B "C3'"  1 
ATOM 446  O "O3'"  . DC B 2 4  ? 5.394   7.964   -5.588  1.00 0.00 ? 15 DC B "O3'"  1 
ATOM 447  C "C2'"  . DC B 2 4  ? 5.502   5.527   -5.366  1.00 0.00 ? 15 DC B "C2'"  1 
ATOM 448  C "C1'"  . DC B 2 4  ? 4.501   5.213   -6.473  1.00 0.00 ? 15 DC B "C1'"  1 
ATOM 449  N N1     . DC B 2 4  ? 4.065   3.792   -6.430  1.00 0.00 ? 15 DC B N1     1 
ATOM 450  C C2     . DC B 2 4  ? 2.730   3.491   -6.151  1.00 0.00 ? 15 DC B C2     1 
ATOM 451  O O2     . DC B 2 4  ? 1.901   4.372   -5.944  1.00 0.00 ? 15 DC B O2     1 
ATOM 452  N N3     . DC B 2 4  ? 2.347   2.185   -6.129  1.00 0.00 ? 15 DC B N3     1 
ATOM 453  C C4     . DC B 2 4  ? 3.220   1.198   -6.375  1.00 0.00 ? 15 DC B C4     1 
ATOM 454  N N4     . DC B 2 4  ? 2.773   -0.061  -6.398  1.00 0.00 ? 15 DC B N4     1 
ATOM 455  C C5     . DC B 2 4  ? 4.596   1.480   -6.669  1.00 0.00 ? 15 DC B C5     1 
ATOM 456  C C6     . DC B 2 4  ? 4.964   2.783   -6.687  1.00 0.00 ? 15 DC B C6     1 
ATOM 457  H "H5'"  . DC B 2 4  ? 7.307   6.218   -9.146  1.00 0.00 ? 15 DC B "H5'"  1 
ATOM 458  H "H5''" . DC B 2 4  ? 8.133   7.091   -7.843  1.00 0.00 ? 15 DC B "H5''" 1 
ATOM 459  H "H4'"  . DC B 2 4  ? 5.682   7.465   -7.901  1.00 0.00 ? 15 DC B "H4'"  1 
ATOM 460  H "H3'"  . DC B 2 4  ? 7.175   6.908   -5.544  1.00 0.00 ? 15 DC B "H3'"  1 
ATOM 461  H "H2'"  . DC B 2 4  ? 6.266   4.753   -5.297  1.00 0.00 ? 15 DC B "H2'"  1 
ATOM 462  H "H2''" . DC B 2 4  ? 5.019   5.653   -4.400  1.00 0.00 ? 15 DC B "H2''" 1 
ATOM 463  H "H1'"  . DC B 2 4  ? 3.673   5.920   -6.404  1.00 0.00 ? 15 DC B "H1'"  1 
ATOM 464  H H41    . DC B 2 4  ? 1.786   -0.237  -6.257  1.00 0.00 ? 15 DC B H41    1 
ATOM 465  H H42    . DC B 2 4  ? 3.400   -0.822  -6.614  1.00 0.00 ? 15 DC B H42    1 
ATOM 466  H H5     . DC B 2 4  ? 5.329   0.717   -6.885  1.00 0.00 ? 15 DC B H5     1 
ATOM 467  H H6     . DC B 2 4  ? 5.988   3.038   -6.909  1.00 0.00 ? 15 DC B H6     1 
ATOM 468  P P      . DT B 2 5  ? 5.211   8.526   -4.079  1.00 0.00 ? 16 DT B P      1 
ATOM 469  O OP1    . DT B 2 5  ? 5.337   10.001  -4.117  1.00 0.00 ? 16 DT B OP1    1 
ATOM 470  O OP2    . DT B 2 5  ? 6.073   7.741   -3.167  1.00 0.00 ? 16 DT B OP2    1 
ATOM 471  O "O5'"  . DT B 2 5  ? 3.670   8.163   -3.752  1.00 0.00 ? 16 DT B "O5'"  1 
ATOM 472  C "C5'"  . DT B 2 5  ? 2.609   8.798   -4.442  1.00 0.00 ? 16 DT B "C5'"  1 
ATOM 473  C "C4'"  . DT B 2 5  ? 1.252   8.202   -4.050  1.00 0.00 ? 16 DT B "C4'"  1 
ATOM 474  O "O4'"  . DT B 2 5  ? 1.293   6.798   -4.251  1.00 0.00 ? 16 DT B "O4'"  1 
ATOM 475  C "C3'"  . DT B 2 5  ? 0.857   8.456   -2.584  1.00 0.00 ? 16 DT B "C3'"  1 
ATOM 476  O "O3'"  . DT B 2 5  ? -0.517  8.819   -2.542  1.00 0.00 ? 16 DT B "O3'"  1 
ATOM 477  C "C2'"  . DT B 2 5  ? 1.106   7.090   -1.953  1.00 0.00 ? 16 DT B "C2'"  1 
ATOM 478  C "C1'"  . DT B 2 5  ? 0.723   6.182   -3.116  1.00 0.00 ? 16 DT B "C1'"  1 
ATOM 479  N N1     . DT B 2 5  ? 1.231   4.794   -2.947  1.00 0.00 ? 16 DT B N1     1 
ATOM 480  C C2     . DT B 2 5  ? 0.309   3.755   -2.874  1.00 0.00 ? 16 DT B C2     1 
ATOM 481  O O2     . DT B 2 5  ? -0.905  3.929   -2.909  1.00 0.00 ? 16 DT B O2     1 
ATOM 482  N N3     . DT B 2 5  ? 0.830   2.478   -2.751  1.00 0.00 ? 16 DT B N3     1 
ATOM 483  C C4     . DT B 2 5  ? 2.171   2.139   -2.719  1.00 0.00 ? 16 DT B C4     1 
ATOM 484  O O4     . DT B 2 5  ? 2.501   0.958   -2.644  1.00 0.00 ? 16 DT B O4     1 
ATOM 485  C C5     . DT B 2 5  ? 3.072   3.277   -2.782  1.00 0.00 ? 16 DT B C5     1 
ATOM 486  C C7     . DT B 2 5  ? 4.568   3.049   -2.727  1.00 0.00 ? 16 DT B C7     1 
ATOM 487  C C6     . DT B 2 5  ? 2.582   4.539   -2.893  1.00 0.00 ? 16 DT B C6     1 
ATOM 488  H "H5'"  . DT B 2 5  ? 2.743   8.658   -5.515  1.00 0.00 ? 16 DT B "H5'"  1 
ATOM 489  H "H5''" . DT B 2 5  ? 2.608   9.868   -4.226  1.00 0.00 ? 16 DT B "H5''" 1 
ATOM 490  H "H4'"  . DT B 2 5  ? 0.494   8.631   -4.708  1.00 0.00 ? 16 DT B "H4'"  1 
ATOM 491  H "H3'"  . DT B 2 5  ? 1.469   9.233   -2.123  1.00 0.00 ? 16 DT B "H3'"  1 
ATOM 492  H "H2'"  . DT B 2 5  ? 2.165   7.002   -1.711  1.00 0.00 ? 16 DT B "H2'"  1 
ATOM 493  H "H2''" . DT B 2 5  ? 0.505   6.899   -1.064  1.00 0.00 ? 16 DT B "H2''" 1 
ATOM 494  H "H1'"  . DT B 2 5  ? -0.360  6.222   -3.234  1.00 0.00 ? 16 DT B "H1'"  1 
ATOM 495  H H3     . DT B 2 5  ? 0.151   1.731   -2.692  1.00 0.00 ? 16 DT B H3     1 
ATOM 496  H H71    . DT B 2 5  ? 5.086   3.952   -2.401  1.00 0.00 ? 16 DT B H71    1 
ATOM 497  H H72    . DT B 2 5  ? 4.793   2.246   -2.025  1.00 0.00 ? 16 DT B H72    1 
ATOM 498  H H73    . DT B 2 5  ? 4.928   2.766   -3.717  1.00 0.00 ? 16 DT B H73    1 
ATOM 499  H H6     . DT B 2 5  ? 3.266   5.371   -2.951  1.00 0.00 ? 16 DT B H6     1 
ATOM 500  P P      . DT B 2 6  ? -1.302  9.145   -1.163  1.00 0.00 ? 17 DT B P      1 
ATOM 501  O OP1    . DT B 2 6  ? -2.307  10.194  -1.445  1.00 0.00 ? 17 DT B OP1    1 
ATOM 502  O OP2    . DT B 2 6  ? -0.301  9.362   -0.095  1.00 0.00 ? 17 DT B OP2    1 
ATOM 503  O "O5'"  . DT B 2 6  ? -2.086  7.767   -0.843  1.00 0.00 ? 17 DT B "O5'"  1 
ATOM 504  C "C5'"  . DT B 2 6  ? -3.205  7.362   -1.611  1.00 0.00 ? 17 DT B "C5'"  1 
ATOM 505  C "C4'"  . DT B 2 6  ? -3.816  6.071   -1.058  1.00 0.00 ? 17 DT B "C4'"  1 
ATOM 506  O "O4'"  . DT B 2 6  ? -2.873  5.017   -1.161  1.00 0.00 ? 17 DT B "O4'"  1 
ATOM 507  C "C3'"  . DT B 2 6  ? -4.237  6.181   0.418   1.00 0.00 ? 17 DT B "C3'"  1 
ATOM 508  O "O3'"  . DT B 2 6  ? -5.546  5.654   0.573   1.00 0.00 ? 17 DT B "O3'"  1 
ATOM 509  C "C2'"  . DT B 2 6  ? -3.200  5.294   1.105   1.00 0.00 ? 17 DT B "C2'"  1 
ATOM 510  C "C1'"  . DT B 2 6  ? -2.952  4.246   0.019   1.00 0.00 ? 17 DT B "C1'"  1 
ATOM 511  N N1     . DT B 2 6  ? -1.700  3.460   0.214   1.00 0.00 ? 17 DT B N1     1 
ATOM 512  C C2     . DT B 2 6  ? -1.761  2.062   0.201   1.00 0.00 ? 17 DT B C2     1 
ATOM 513  O O2     . DT B 2 6  ? -2.808  1.432   0.072   1.00 0.00 ? 17 DT B O2     1 
ATOM 514  N N3     . DT B 2 6  ? -0.553  1.389   0.348   1.00 0.00 ? 17 DT B N3     1 
ATOM 515  C C4     . DT B 2 6  ? 0.686   1.982   0.550   1.00 0.00 ? 17 DT B C4     1 
ATOM 516  O O4     . DT B 2 6  ? 1.683   1.294   0.746   1.00 0.00 ? 17 DT B O4     1 
ATOM 517  C C5     . DT B 2 6  ? 0.672   3.432   0.503   1.00 0.00 ? 17 DT B C5     1 
ATOM 518  C C7     . DT B 2 6  ? 1.972   4.199   0.654   1.00 0.00 ? 17 DT B C7     1 
ATOM 519  C C6     . DT B 2 6  ? -0.493  4.106   0.341   1.00 0.00 ? 17 DT B C6     1 
ATOM 520  H "H5'"  . DT B 2 6  ? -2.900  7.199   -2.646  1.00 0.00 ? 17 DT B "H5'"  1 
ATOM 521  H "H5''" . DT B 2 6  ? -3.968  8.140   -1.590  1.00 0.00 ? 17 DT B "H5''" 1 
ATOM 522  H "H4'"  . DT B 2 6  ? -4.686  5.818   -1.666  1.00 0.00 ? 17 DT B "H4'"  1 
ATOM 523  H "H3'"  . DT B 2 6  ? -4.195  7.210   0.775   1.00 0.00 ? 17 DT B "H3'"  1 
ATOM 524  H "H2'"  . DT B 2 6  ? -2.312  5.895   1.303   1.00 0.00 ? 17 DT B "H2'"  1 
ATOM 525  H "H2''" . DT B 2 6  ? -3.555  4.853   2.032   1.00 0.00 ? 17 DT B "H2''" 1 
ATOM 526  H "H1'"  . DT B 2 6  ? -3.835  3.610   -0.047  1.00 0.00 ? 17 DT B "H1'"  1 
ATOM 527  H H3     . DT B 2 6  ? -0.581  0.376   0.307   1.00 0.00 ? 17 DT B H3     1 
ATOM 528  H H71    . DT B 2 6  ? 2.182   4.337   1.715   1.00 0.00 ? 17 DT B H71    1 
ATOM 529  H H72    . DT B 2 6  ? 2.790   3.643   0.196   1.00 0.00 ? 17 DT B H72    1 
ATOM 530  H H73    . DT B 2 6  ? 1.903   5.176   0.173   1.00 0.00 ? 17 DT B H73    1 
ATOM 531  H H6     . DT B 2 6  ? -0.468  5.184   0.296   1.00 0.00 ? 17 DT B H6     1 
ATOM 532  P P      . DG B 2 7  ? -6.425  5.879   1.914   1.00 0.00 ? 18 DG B P      1 
ATOM 533  O OP1    . DG B 2 7  ? -7.548  6.787   1.587   1.00 0.00 ? 18 DG B OP1    1 
ATOM 534  O OP2    . DG B 2 7  ? -5.517  6.212   3.034   1.00 0.00 ? 18 DG B OP2    1 
ATOM 535  O "O5'"  . DG B 2 7  ? -7.022  4.406   2.186   1.00 0.00 ? 18 DG B "O5'"  1 
ATOM 536  C "C5'"  . DG B 2 7  ? -8.022  3.848   1.357   1.00 0.00 ? 18 DG B "C5'"  1 
ATOM 537  C "C4'"  . DG B 2 7  ? -8.143  2.338   1.597   1.00 0.00 ? 18 DG B "C4'"  1 
ATOM 538  O "O4'"  . DG B 2 7  ? -6.861  1.754   1.414   1.00 0.00 ? 18 DG B "O4'"  1 
ATOM 539  C "C3'"  . DG B 2 7  ? -8.632  1.963   3.005   1.00 0.00 ? 18 DG B "C3'"  1 
ATOM 540  O "O3'"  . DG B 2 7  ? -9.443  0.800   2.899   1.00 0.00 ? 18 DG B "O3'"  1 
ATOM 541  C "C2'"  . DG B 2 7  ? -7.315  1.690   3.721   1.00 0.00 ? 18 DG B "C2'"  1 
ATOM 542  C "C1'"  . DG B 2 7  ? -6.495  1.066   2.595   1.00 0.00 ? 18 DG B "C1'"  1 
ATOM 543  N N9     . DG B 2 7  ? -5.041  1.188   2.844   1.00 0.00 ? 18 DG B N9     1 
ATOM 544  C C8     . DG B 2 7  ? -4.304  2.315   3.113   1.00 0.00 ? 18 DG B C8     1 
ATOM 545  N N7     . DG B 2 7  ? -3.033  2.095   3.298   1.00 0.00 ? 18 DG B N7     1 
ATOM 546  C C5     . DG B 2 7  ? -2.907  0.721   3.130   1.00 0.00 ? 18 DG B C5     1 
ATOM 547  C C6     . DG B 2 7  ? -1.749  -0.110  3.200   1.00 0.00 ? 18 DG B C6     1 
ATOM 548  O O6     . DG B 2 7  ? -0.590  0.229   3.430   1.00 0.00 ? 18 DG B O6     1 
ATOM 549  N N1     . DG B 2 7  ? -2.048  -1.452  2.971   1.00 0.00 ? 18 DG B N1     1 
ATOM 550  C C2     . DG B 2 7  ? -3.315  -1.936  2.697   1.00 0.00 ? 18 DG B C2     1 
ATOM 551  N N2     . DG B 2 7  ? -3.455  -3.254  2.527   1.00 0.00 ? 18 DG B N2     1 
ATOM 552  N N3     . DG B 2 7  ? -4.402  -1.154  2.631   1.00 0.00 ? 18 DG B N3     1 
ATOM 553  C C4     . DG B 2 7  ? -4.131  0.160   2.849   1.00 0.00 ? 18 DG B C4     1 
ATOM 554  H "H5'"  . DG B 2 7  ? -7.754  4.000   0.310   1.00 0.00 ? 18 DG B "H5'"  1 
ATOM 555  H "H5''" . DG B 2 7  ? -8.980  4.334   1.548   1.00 0.00 ? 18 DG B "H5''" 1 
ATOM 556  H "H4'"  . DG B 2 7  ? -8.832  1.938   0.852   1.00 0.00 ? 18 DG B "H4'"  1 
ATOM 557  H "H3'"  . DG B 2 7  ? -9.190  2.774   3.475   1.00 0.00 ? 18 DG B "H3'"  1 
ATOM 558  H "H2'"  . DG B 2 7  ? -6.884  2.635   4.048   1.00 0.00 ? 18 DG B "H2'"  1 
ATOM 559  H "H2''" . DG B 2 7  ? -7.413  1.023   4.574   1.00 0.00 ? 18 DG B "H2''" 1 
ATOM 560  H "H1'"  . DG B 2 7  ? -6.789  0.021   2.489   1.00 0.00 ? 18 DG B "H1'"  1 
ATOM 561  H H8     . DG B 2 7  ? -4.744  3.296   3.189   1.00 0.00 ? 18 DG B H8     1 
ATOM 562  H H1     . DG B 2 7  ? -1.269  -2.099  2.997   1.00 0.00 ? 18 DG B H1     1 
ATOM 563  H H21    . DG B 2 7  ? -2.650  -3.863  2.582   1.00 0.00 ? 18 DG B H21    1 
ATOM 564  H H22    . DG B 2 7  ? -4.368  -3.639  2.338   1.00 0.00 ? 18 DG B H22    1 
ATOM 565  P P      . DT B 2 8  ? -10.100 0.055   4.180   1.00 0.00 ? 19 DT B P      1 
ATOM 566  O OP1    . DT B 2 8  ? -11.453 -0.407  3.797   1.00 0.00 ? 19 DT B OP1    1 
ATOM 567  O OP2    . DT B 2 8  ? -9.931  0.916   5.371   1.00 0.00 ? 19 DT B OP2    1 
ATOM 568  O "O5'"  . DT B 2 8  ? -9.157  -1.245  4.361   1.00 0.00 ? 19 DT B "O5'"  1 
ATOM 569  C "C5'"  . DT B 2 8  ? -9.151  -2.285  3.397   1.00 0.00 ? 19 DT B "C5'"  1 
ATOM 570  C "C4'"  . DT B 2 8  ? -8.166  -3.395  3.781   1.00 0.00 ? 19 DT B "C4'"  1 
ATOM 571  O "O4'"  . DT B 2 8  ? -6.869  -2.839  3.913   1.00 0.00 ? 19 DT B "O4'"  1 
ATOM 572  C "C3'"  . DT B 2 8  ? -8.523  -4.093  5.104   1.00 0.00 ? 19 DT B "C3'"  1 
ATOM 573  O "O3'"  . DT B 2 8  ? -8.413  -5.501  4.937   1.00 0.00 ? 19 DT B "O3'"  1 
ATOM 574  C "C2'"  . DT B 2 8  ? -7.459  -3.547  6.052   1.00 0.00 ? 19 DT B "C2'"  1 
ATOM 575  C "C1'"  . DT B 2 8  ? -6.285  -3.343  5.097   1.00 0.00 ? 19 DT B "C1'"  1 
ATOM 576  N N1     . DT B 2 8  ? -5.276  -2.379  5.618   1.00 0.00 ? 19 DT B N1     1 
ATOM 577  C C2     . DT B 2 8  ? -3.957  -2.803  5.780   1.00 0.00 ? 19 DT B C2     1 
ATOM 578  O O2     . DT B 2 8  ? -3.587  -3.958  5.582   1.00 0.00 ? 19 DT B O2     1 
ATOM 579  N N3     . DT B 2 8  ? -3.051  -1.834  6.180   1.00 0.00 ? 19 DT B N3     1 
ATOM 580  C C4     . DT B 2 8  ? -3.328  -0.502  6.441   1.00 0.00 ? 19 DT B C4     1 
ATOM 581  O O4     . DT B 2 8  ? -2.425  0.268   6.756   1.00 0.00 ? 19 DT B O4     1 
ATOM 582  C C5     . DT B 2 8  ? -4.727  -0.150  6.292   1.00 0.00 ? 19 DT B C5     1 
ATOM 583  C C7     . DT B 2 8  ? -5.176  1.262   6.616   1.00 0.00 ? 19 DT B C7     1 
ATOM 584  C C6     . DT B 2 8  ? -5.632  -1.077  5.886   1.00 0.00 ? 19 DT B C6     1 
ATOM 585  H "H5'"  . DT B 2 8  ? -8.857  -1.878  2.429   1.00 0.00 ? 19 DT B "H5'"  1 
ATOM 586  H "H5''" . DT B 2 8  ? -10.150 -2.714  3.308   1.00 0.00 ? 19 DT B "H5''" 1 
ATOM 587  H "H4'"  . DT B 2 8  ? -8.153  -4.130  2.975   1.00 0.00 ? 19 DT B "H4'"  1 
ATOM 588  H "H3'"  . DT B 2 8  ? -9.528  -3.830  5.437   1.00 0.00 ? 19 DT B "H3'"  1 
ATOM 589  H "H2'"  . DT B 2 8  ? -7.814  -2.602  6.461   1.00 0.00 ? 19 DT B "H2'"  1 
ATOM 590  H "H2''" . DT B 2 8  ? -7.216  -4.228  6.863   1.00 0.00 ? 19 DT B "H2''" 1 
ATOM 591  H "H1'"  . DT B 2 8  ? -5.860  -4.320  4.868   1.00 0.00 ? 19 DT B "H1'"  1 
ATOM 592  H H3     . DT B 2 8  ? -2.089  -2.122  6.279   1.00 0.00 ? 19 DT B H3     1 
ATOM 593  H H71    . DT B 2 8  ? -6.254  1.304   6.774   1.00 0.00 ? 19 DT B H71    1 
ATOM 594  H H72    . DT B 2 8  ? -4.678  1.601   7.525   1.00 0.00 ? 19 DT B H72    1 
ATOM 595  H H73    . DT B 2 8  ? -4.906  1.928   5.798   1.00 0.00 ? 19 DT B H73    1 
ATOM 596  H H6     . DT B 2 8  ? -6.663  -0.786  5.758   1.00 0.00 ? 19 DT B H6     1 
ATOM 597  P P      . DG B 2 9  ? -8.816  -6.554  6.101   1.00 0.00 ? 20 DG B P      1 
ATOM 598  O OP1    . DG B 2 9  ? -9.567  -7.666  5.476   1.00 0.00 ? 20 DG B OP1    1 
ATOM 599  O OP2    . DG B 2 9  ? -9.421  -5.809  7.228   1.00 0.00 ? 20 DG B OP2    1 
ATOM 600  O "O5'"  . DG B 2 9  ? -7.387  -7.128  6.595   1.00 0.00 ? 20 DG B "O5'"  1 
ATOM 601  C "C5'"  . DG B 2 9  ? -6.655  -8.051  5.810   1.00 0.00 ? 20 DG B "C5'"  1 
ATOM 602  C "C4'"  . DG B 2 9  ? -5.324  -8.417  6.476   1.00 0.00 ? 20 DG B "C4'"  1 
ATOM 603  O "O4'"  . DG B 2 9  ? -4.542  -7.243  6.628   1.00 0.00 ? 20 DG B "O4'"  1 
ATOM 604  C "C3'"  . DG B 2 9  ? -5.484  -9.058  7.867   1.00 0.00 ? 20 DG B "C3'"  1 
ATOM 605  O "O3'"  . DG B 2 9  ? -4.574  -10.145 7.973   1.00 0.00 ? 20 DG B "O3'"  1 
ATOM 606  C "C2'"  . DG B 2 9  ? -5.108  -7.897  8.783   1.00 0.00 ? 20 DG B "C2'"  1 
ATOM 607  C "C1'"  . DG B 2 9  ? -4.034  -7.217  7.945   1.00 0.00 ? 20 DG B "C1'"  1 
ATOM 608  N N9     . DG B 2 9  ? -3.780  -5.823  8.370   1.00 0.00 ? 20 DG B N9     1 
ATOM 609  C C8     . DG B 2 9  ? -4.682  -4.804  8.545   1.00 0.00 ? 20 DG B C8     1 
ATOM 610  N N7     . DG B 2 9  ? -4.144  -3.658  8.851   1.00 0.00 ? 20 DG B N7     1 
ATOM 611  C C5     . DG B 2 9  ? -2.783  -3.934  8.892   1.00 0.00 ? 20 DG B C5     1 
ATOM 612  C C6     . DG B 2 9  ? -1.684  -3.068  9.168   1.00 0.00 ? 20 DG B C6     1 
ATOM 613  O O6     . DG B 2 9  ? -1.716  -1.860  9.381   1.00 0.00 ? 20 DG B O6     1 
ATOM 614  N N1     . DG B 2 9  ? -0.467  -3.749  9.190   1.00 0.00 ? 20 DG B N1     1 
ATOM 615  C C2     . DG B 2 9  ? -0.320  -5.100  8.930   1.00 0.00 ? 20 DG B C2     1 
ATOM 616  N N2     . DG B 2 9  ? 0.912   -5.615  9.017   1.00 0.00 ? 20 DG B N2     1 
ATOM 617  N N3     . DG B 2 9  ? -1.350  -5.903  8.621   1.00 0.00 ? 20 DG B N3     1 
ATOM 618  C C4     . DG B 2 9  ? -2.551  -5.262  8.623   1.00 0.00 ? 20 DG B C4     1 
ATOM 619  H "H5'"  . DG B 2 9  ? -6.451  -7.614  4.832   1.00 0.00 ? 20 DG B "H5'"  1 
ATOM 620  H "H5''" . DG B 2 9  ? -7.239  -8.963  5.671   1.00 0.00 ? 20 DG B "H5''" 1 
ATOM 621  H "H4'"  . DG B 2 9  ? -4.797  -9.108  5.816   1.00 0.00 ? 20 DG B "H4'"  1 
ATOM 622  H "H3'"  . DG B 2 9  ? -6.505  -9.400  8.045   1.00 0.00 ? 20 DG B "H3'"  1 
ATOM 623  H "H2'"  . DG B 2 9  ? -5.977  -7.250  8.906   1.00 0.00 ? 20 DG B "H2'"  1 
ATOM 624  H "H2''" . DG B 2 9  ? -4.741  -8.208  9.758   1.00 0.00 ? 20 DG B "H2''" 1 
ATOM 625  H "H1'"  . DG B 2 9  ? -3.120  -7.812  7.985   1.00 0.00 ? 20 DG B "H1'"  1 
ATOM 626  H H8     . DG B 2 9  ? -5.746  -4.936  8.434   1.00 0.00 ? 20 DG B H8     1 
ATOM 627  H H1     . DG B 2 9  ? 0.353   -3.194  9.403   1.00 0.00 ? 20 DG B H1     1 
ATOM 628  H H21    . DG B 2 9  ? 1.696   -5.025  9.261   1.00 0.00 ? 20 DG B H21    1 
ATOM 629  H H22    . DG B 2 9  ? 1.053   -6.599  8.842   1.00 0.00 ? 20 DG B H22    1 
ATOM 630  P P      . DG B 2 10 ? -4.450  -11.069 9.298   1.00 0.00 ? 21 DG B P      1 
ATOM 631  O OP1    . DG B 2 10 ? -4.352  -12.481 8.866   1.00 0.00 ? 21 DG B OP1    1 
ATOM 632  O OP2    . DG B 2 10 ? -5.502  -10.671 10.261  1.00 0.00 ? 21 DG B OP2    1 
ATOM 633  O "O5'"  . DG B 2 10 ? -3.020  -10.629 9.911   1.00 0.00 ? 21 DG B "O5'"  1 
ATOM 634  C "C5'"  . DG B 2 10 ? -1.808  -10.984 9.270   1.00 0.00 ? 21 DG B "C5'"  1 
ATOM 635  C "C4'"  . DG B 2 10 ? -0.591  -10.451 10.037  1.00 0.00 ? 21 DG B "C4'"  1 
ATOM 636  O "O4'"  . DG B 2 10 ? -0.654  -9.034  10.099  1.00 0.00 ? 21 DG B "O4'"  1 
ATOM 637  C "C3'"  . DG B 2 10 ? -0.505  -10.983 11.477  1.00 0.00 ? 21 DG B "C3'"  1 
ATOM 638  O "O3'"  . DG B 2 10 ? 0.851   -11.290 11.770  1.00 0.00 ? 21 DG B "O3'"  1 
ATOM 639  C "C2'"  . DG B 2 10 ? -1.015  -9.784  12.270  1.00 0.00 ? 21 DG B "C2'"  1 
ATOM 640  C "C1'"  . DG B 2 10 ? -0.454  -8.634  11.439  1.00 0.00 ? 21 DG B "C1'"  1 
ATOM 641  N N9     . DG B 2 10 ? -1.154  -7.357  11.701  1.00 0.00 ? 21 DG B N9     1 
ATOM 642  C C8     . DG B 2 10 ? -2.497  -7.094  11.632  1.00 0.00 ? 21 DG B C8     1 
ATOM 643  N N7     . DG B 2 10 ? -2.814  -5.850  11.852  1.00 0.00 ? 21 DG B N7     1 
ATOM 644  C C5     . DG B 2 10 ? -1.589  -5.235  12.086  1.00 0.00 ? 21 DG B C5     1 
ATOM 645  C C6     . DG B 2 10 ? -1.293  -3.870  12.373  1.00 0.00 ? 21 DG B C6     1 
ATOM 646  O O6     . DG B 2 10 ? -2.080  -2.931  12.449  1.00 0.00 ? 21 DG B O6     1 
ATOM 647  N N1     . DG B 2 10 ? 0.069   -3.651  12.569  1.00 0.00 ? 21 DG B N1     1 
ATOM 648  C C2     . DG B 2 10 ? 1.037   -4.635  12.488  1.00 0.00 ? 21 DG B C2     1 
ATOM 649  N N2     . DG B 2 10 ? 2.298   -4.278  12.757  1.00 0.00 ? 21 DG B N2     1 
ATOM 650  N N3     . DG B 2 10 ? 0.759   -5.917  12.205  1.00 0.00 ? 21 DG B N3     1 
ATOM 651  C C4     . DG B 2 10 ? -0.567  -6.153  12.014  1.00 0.00 ? 21 DG B C4     1 
ATOM 652  H "H5'"  . DG B 2 10 ? -1.795  -10.568 8.261   1.00 0.00 ? 21 DG B "H5'"  1 
ATOM 653  H "H5''" . DG B 2 10 ? -1.728  -12.069 9.204   1.00 0.00 ? 21 DG B "H5''" 1 
ATOM 654  H "H4'"  . DG B 2 10 ? 0.306   -10.740 9.487   1.00 0.00 ? 21 DG B "H4'"  1 
ATOM 655  H "H3'"  . DG B 2 10 ? -1.132  -11.863 11.627  1.00 0.00 ? 21 DG B "H3'"  1 
ATOM 656  H "H2'"  . DG B 2 10 ? -2.104  -9.784  12.252  1.00 0.00 ? 21 DG B "H2'"  1 
ATOM 657  H "H2''" . DG B 2 10 ? -0.667  -9.770  13.297  1.00 0.00 ? 21 DG B "H2''" 1 
ATOM 658  H "H1'"  . DG B 2 10 ? 0.616   -8.543  11.628  1.00 0.00 ? 21 DG B "H1'"  1 
ATOM 659  H H8     . DG B 2 10 ? -3.233  -7.852  11.415  1.00 0.00 ? 21 DG B H8     1 
ATOM 660  H H1     . DG B 2 10 ? 0.344   -2.702  12.789  1.00 0.00 ? 21 DG B H1     1 
ATOM 661  H H21    . DG B 2 10 ? 2.514   -3.324  13.016  1.00 0.00 ? 21 DG B H21    1 
ATOM 662  H H22    . DG B 2 10 ? 3.031   -4.971  12.716  1.00 0.00 ? 21 DG B H22    1 
ATOM 663  P P      . DC B 2 11 ? 1.344   -11.846 13.211  1.00 0.00 ? 22 DC B P      1 
ATOM 664  O OP1    . DC B 2 11 ? 2.429   -12.826 12.983  1.00 0.00 ? 22 DC B OP1    1 
ATOM 665  O OP2    . DC B 2 11 ? 0.156   -12.239 14.002  1.00 0.00 ? 22 DC B OP2    1 
ATOM 666  O "O5'"  . DC B 2 11 ? 1.990   -10.535 13.897  1.00 0.00 ? 22 DC B "O5'"  1 
ATOM 667  C "C5'"  . DC B 2 11 ? 3.191   -9.969  13.403  1.00 0.00 ? 22 DC B "C5'"  1 
ATOM 668  C "C4'"  . DC B 2 11 ? 3.555   -8.701  14.183  1.00 0.00 ? 22 DC B "C4'"  1 
ATOM 669  O "O4'"  . DC B 2 11 ? 2.489   -7.775  14.073  1.00 0.00 ? 22 DC B "O4'"  1 
ATOM 670  C "C3'"  . DC B 2 11 ? 3.796   -8.959  15.678  1.00 0.00 ? 22 DC B "C3'"  1 
ATOM 671  O "O3'"  . DC B 2 11 ? 4.958   -8.278  16.108  1.00 0.00 ? 22 DC B "O3'"  1 
ATOM 672  C "C2'"  . DC B 2 11 ? 2.572   -8.339  16.339  1.00 0.00 ? 22 DC B "C2'"  1 
ATOM 673  C "C1'"  . DC B 2 11 ? 2.242   -7.220  15.348  1.00 0.00 ? 22 DC B "C1'"  1 
ATOM 674  N N1     . DC B 2 11 ? 0.830   -6.757  15.430  1.00 0.00 ? 22 DC B N1     1 
ATOM 675  C C2     . DC B 2 11 ? 0.566   -5.398  15.612  1.00 0.00 ? 22 DC B C2     1 
ATOM 676  O O2     . DC B 2 11 ? 1.469   -4.592  15.822  1.00 0.00 ? 22 DC B O2     1 
ATOM 677  N N3     . DC B 2 11 ? -0.726  -4.970  15.541  1.00 0.00 ? 22 DC B N3     1 
ATOM 678  C C4     . DC B 2 11 ? -1.733  -5.823  15.311  1.00 0.00 ? 22 DC B C4     1 
ATOM 679  N N4     . DC B 2 11 ? -2.972  -5.337  15.195  1.00 0.00 ? 22 DC B N4     1 
ATOM 680  C C5     . DC B 2 11 ? -1.492  -7.228  15.145  1.00 0.00 ? 22 DC B C5     1 
ATOM 681  C C6     . DC B 2 11 ? -0.202  -7.638  15.209  1.00 0.00 ? 22 DC B C6     1 
ATOM 682  H "H5'"  . DC B 2 11 ? 3.064   -9.706  12.352  1.00 0.00 ? 22 DC B "H5'"  1 
ATOM 683  H "H5''" . DC B 2 11 ? 4.007   -10.688 13.491  1.00 0.00 ? 22 DC B "H5''" 1 
ATOM 684  H "H4'"  . DC B 2 11 ? 4.452   -8.268  13.738  1.00 0.00 ? 22 DC B "H4'"  1 
ATOM 685  H "H3'"  . DC B 2 11 ? 3.885   -10.020 15.912  1.00 0.00 ? 22 DC B "H3'"  1 
ATOM 686  H "HO3'" . DC B 2 11 ? 5.081   -8.446  17.045  1.00 0.00 ? 22 DC B "HO3'" 1 
ATOM 687  H "H2'"  . DC B 2 11 ? 1.782   -9.089  16.385  1.00 0.00 ? 22 DC B "H2'"  1 
ATOM 688  H "H2''" . DC B 2 11 ? 2.779   -7.955  17.339  1.00 0.00 ? 22 DC B "H2''" 1 
ATOM 689  H "H1'"  . DC B 2 11 ? 2.966   -6.419  15.503  1.00 0.00 ? 22 DC B "H1'"  1 
ATOM 690  H H41    . DC B 2 11 ? -3.120  -4.338  15.260  1.00 0.00 ? 22 DC B H41    1 
ATOM 691  H H42    . DC B 2 11 ? -3.743  -5.951  14.974  1.00 0.00 ? 22 DC B H42    1 
ATOM 692  H H5     . DC B 2 11 ? -2.272  -7.952  14.960  1.00 0.00 ? 22 DC B H5     1 
ATOM 693  H H6     . DC B 2 11 ? 0.021   -8.683  15.076  1.00 0.00 ? 22 DC B H6     1 
ATOM 694  O "O5'"  . DG A 1 1  ? -3.123  5.005   19.081  1.00 0.00 ? 1  DG A "O5'"  2 
ATOM 695  C "C5'"  . DG A 1 1  ? -2.192  4.978   20.143  1.00 0.00 ? 1  DG A "C5'"  2 
ATOM 696  C "C4'"  . DG A 1 1  ? -0.922  4.201   19.772  1.00 0.00 ? 1  DG A "C4'"  2 
ATOM 697  O "O4'"  . DG A 1 1  ? -1.281  2.859   19.467  1.00 0.00 ? 1  DG A "O4'"  2 
ATOM 698  C "C3'"  . DG A 1 1  ? -0.198  4.772   18.541  1.00 0.00 ? 1  DG A "C3'"  2 
ATOM 699  O "O3'"  . DG A 1 1  ? 1.202   4.643   18.739  1.00 0.00 ? 1  DG A "O3'"  2 
ATOM 700  C "C2'"  . DG A 1 1  ? -0.683  3.833   17.439  1.00 0.00 ? 1  DG A "C2'"  2 
ATOM 701  C "C1'"  . DG A 1 1  ? -0.719  2.521   18.214  1.00 0.00 ? 1  DG A "C1'"  2 
ATOM 702  N N9     . DG A 1 1  ? -1.520  1.490   17.519  1.00 0.00 ? 1  DG A N9     2 
ATOM 703  C C8     . DG A 1 1  ? -2.838  1.531   17.141  1.00 0.00 ? 1  DG A C8     2 
ATOM 704  N N7     . DG A 1 1  ? -3.250  0.460   16.522  1.00 0.00 ? 1  DG A N7     2 
ATOM 705  C C5     . DG A 1 1  ? -2.127  -0.360  16.489  1.00 0.00 ? 1  DG A C5     2 
ATOM 706  C C6     . DG A 1 1  ? -1.956  -1.669  15.944  1.00 0.00 ? 1  DG A C6     2 
ATOM 707  O O6     . DG A 1 1  ? -2.794  -2.363  15.376  1.00 0.00 ? 1  DG A O6     2 
ATOM 708  N N1     . DG A 1 1  ? -0.661  -2.155  16.122  1.00 0.00 ? 1  DG A N1     2 
ATOM 709  C C2     . DG A 1 1  ? 0.354   -1.458  16.754  1.00 0.00 ? 1  DG A C2     2 
ATOM 710  N N2     . DG A 1 1  ? 1.559   -2.033  16.810  1.00 0.00 ? 1  DG A N2     2 
ATOM 711  N N3     . DG A 1 1  ? 0.192   -0.231  17.267  1.00 0.00 ? 1  DG A N3     2 
ATOM 712  C C4     . DG A 1 1  ? -1.066  0.261   17.105  1.00 0.00 ? 1  DG A C4     2 
ATOM 713  H "H5'"  . DG A 1 1  ? -2.661  4.505   21.007  1.00 0.00 ? 1  DG A "H5'"  2 
ATOM 714  H "H5''" . DG A 1 1  ? -1.926  6.002   20.406  1.00 0.00 ? 1  DG A "H5''" 2 
ATOM 715  H "H4'"  . DG A 1 1  ? -0.252  4.209   20.633  1.00 0.00 ? 1  DG A "H4'"  2 
ATOM 716  H "H3'"  . DG A 1 1  ? -0.468  5.812   18.351  1.00 0.00 ? 1  DG A "H3'"  2 
ATOM 717  H "H2'"  . DG A 1 1  ? -1.682  4.119   17.112  1.00 0.00 ? 1  DG A "H2'"  2 
ATOM 718  H "H2''" . DG A 1 1  ? -0.020  3.788   16.579  1.00 0.00 ? 1  DG A "H2''" 2 
ATOM 719  H "H1'"  . DG A 1 1  ? 0.303   2.174   18.372  1.00 0.00 ? 1  DG A "H1'"  2 
ATOM 720  H H8     . DG A 1 1  ? -3.481  2.376   17.335  1.00 0.00 ? 1  DG A H8     2 
ATOM 721  H H1     . DG A 1 1  ? -0.478  -3.087  15.771  1.00 0.00 ? 1  DG A H1     2 
ATOM 722  H H21    . DG A 1 1  ? 1.708   -2.950  16.410  1.00 0.00 ? 1  DG A H21    2 
ATOM 723  H H22    . DG A 1 1  ? 2.330   -1.526  17.219  1.00 0.00 ? 1  DG A H22    2 
ATOM 724  H "HO5'" . DG A 1 1  ? -2.735  5.487   18.347  1.00 0.00 ? 1  DG A "HO5'" 2 
ATOM 725  P P      . DC A 1 2  ? 2.290   5.147   17.651  1.00 0.00 ? 2  DC A P      2 
ATOM 726  O OP1    . DC A 1 2  ? 3.416   5.764   18.389  1.00 0.00 ? 2  DC A OP1    2 
ATOM 727  O OP2    . DC A 1 2  ? 1.585   5.926   16.609  1.00 0.00 ? 2  DC A OP2    2 
ATOM 728  O "O5'"  . DC A 1 2  ? 2.812   3.770   16.984  1.00 0.00 ? 2  DC A "O5'"  2 
ATOM 729  C "C5'"  . DC A 1 2  ? 3.628   2.871   17.711  1.00 0.00 ? 2  DC A "C5'"  2 
ATOM 730  C "C4'"  . DC A 1 2  ? 4.120   1.692   16.859  1.00 0.00 ? 2  DC A "C4'"  2 
ATOM 731  O "O4'"  . DC A 1 2  ? 2.993   0.930   16.446  1.00 0.00 ? 2  DC A "O4'"  2 
ATOM 732  C "C3'"  . DC A 1 2  ? 4.878   2.125   15.591  1.00 0.00 ? 2  DC A "C3'"  2 
ATOM 733  O "O3'"  . DC A 1 2  ? 5.930   1.197   15.368  1.00 0.00 ? 2  DC A "O3'"  2 
ATOM 734  C "C2'"  . DC A 1 2  ? 3.793   1.969   14.528  1.00 0.00 ? 2  DC A "C2'"  2 
ATOM 735  C "C1'"  . DC A 1 2  ? 3.073   0.726   15.048  1.00 0.00 ? 2  DC A "C1'"  2 
ATOM 736  N N1     . DC A 1 2  ? 1.725   0.544   14.441  1.00 0.00 ? 2  DC A N1     2 
ATOM 737  C C2     . DC A 1 2  ? 1.415   -0.659  13.797  1.00 0.00 ? 2  DC A C2     2 
ATOM 738  O O2     . DC A 1 2  ? 2.217   -1.588  13.740  1.00 0.00 ? 2  DC A O2     2 
ATOM 739  N N3     . DC A 1 2  ? 0.185   -0.794  13.227  1.00 0.00 ? 2  DC A N3     2 
ATOM 740  C C4     . DC A 1 2  ? -0.724  0.190   13.286  1.00 0.00 ? 2  DC A C4     2 
ATOM 741  N N4     . DC A 1 2  ? -1.912  0.009   12.702  1.00 0.00 ? 2  DC A N4     2 
ATOM 742  C C5     . DC A 1 2  ? -0.445  1.417   13.977  1.00 0.00 ? 2  DC A C5     2 
ATOM 743  C C6     . DC A 1 2  ? 0.783   1.542   14.532  1.00 0.00 ? 2  DC A C6     2 
ATOM 744  H "H5'"  . DC A 1 2  ? 3.071   2.481   18.565  1.00 0.00 ? 2  DC A "H5'"  2 
ATOM 745  H "H5''" . DC A 1 2  ? 4.508   3.398   18.083  1.00 0.00 ? 2  DC A "H5''" 2 
ATOM 746  H "H4'"  . DC A 1 2  ? 4.766   1.071   17.480  1.00 0.00 ? 2  DC A "H4'"  2 
ATOM 747  H "H3'"  . DC A 1 2  ? 5.260   3.144   15.659  1.00 0.00 ? 2  DC A "H3'"  2 
ATOM 748  H "H2'"  . DC A 1 2  ? 3.156   2.852   14.546  1.00 0.00 ? 2  DC A "H2'"  2 
ATOM 749  H "H2''" . DC A 1 2  ? 4.177   1.826   13.520  1.00 0.00 ? 2  DC A "H2''" 2 
ATOM 750  H "H1'"  . DC A 1 2  ? 3.724   -0.132  14.877  1.00 0.00 ? 2  DC A "H1'"  2 
ATOM 751  H H41    . DC A 1 2  ? -2.108  -0.869  12.239  1.00 0.00 ? 2  DC A H41    2 
ATOM 752  H H42    . DC A 1 2  ? -2.615  0.730   12.739  1.00 0.00 ? 2  DC A H42    2 
ATOM 753  H H5     . DC A 1 2  ? -1.157  2.224   14.071  1.00 0.00 ? 2  DC A H5     2 
ATOM 754  H H6     . DC A 1 2  ? 1.024   2.448   15.064  1.00 0.00 ? 2  DC A H6     2 
ATOM 755  P P      . DC A 1 3  ? 6.974   1.320   14.138  1.00 0.00 ? 3  DC A P      2 
ATOM 756  O OP1    . DC A 1 3  ? 8.342   1.159   14.677  1.00 0.00 ? 3  DC A OP1    2 
ATOM 757  O OP2    . DC A 1 3  ? 6.638   2.513   13.329  1.00 0.00 ? 3  DC A OP2    2 
ATOM 758  O "O5'"  . DC A 1 3  ? 6.610   0.004   13.276  1.00 0.00 ? 3  DC A "O5'"  2 
ATOM 759  C "C5'"  . DC A 1 3  ? 6.866   -1.287  13.793  1.00 0.00 ? 3  DC A "C5'"  2 
ATOM 760  C "C4'"  . DC A 1 3  ? 6.410   -2.398  12.839  1.00 0.00 ? 3  DC A "C4'"  2 
ATOM 761  O "O4'"  . DC A 1 3  ? 5.015   -2.250  12.618  1.00 0.00 ? 3  DC A "O4'"  2 
ATOM 762  C "C3'"  . DC A 1 3  ? 7.111   -2.346  11.473  1.00 0.00 ? 3  DC A "C3'"  2 
ATOM 763  O "O3'"  . DC A 1 3  ? 7.327   -3.678  11.035  1.00 0.00 ? 3  DC A "O3'"  2 
ATOM 764  C "C2'"  . DC A 1 3  ? 6.054   -1.661  10.611  1.00 0.00 ? 3  DC A "C2'"  2 
ATOM 765  C "C1'"  . DC A 1 3  ? 4.777   -2.235  11.224  1.00 0.00 ? 3  DC A "C1'"  2 
ATOM 766  N N1     . DC A 1 3  ? 3.568   -1.431  10.894  1.00 0.00 ? 3  DC A N1     2 
ATOM 767  C C2     . DC A 1 3  ? 2.478   -2.057  10.281  1.00 0.00 ? 3  DC A C2     2 
ATOM 768  O O2     . DC A 1 3  ? 2.497   -3.251  9.989   1.00 0.00 ? 3  DC A O2     2 
ATOM 769  N N3     . DC A 1 3  ? 1.373   -1.312  10.000  1.00 0.00 ? 3  DC A N3     2 
ATOM 770  C C4     . DC A 1 3  ? 1.318   -0.006  10.294  1.00 0.00 ? 3  DC A C4     2 
ATOM 771  N N4     . DC A 1 3  ? 0.204   0.671   9.999   1.00 0.00 ? 3  DC A N4     2 
ATOM 772  C C5     . DC A 1 3  ? 2.419   0.659   10.933  1.00 0.00 ? 3  DC A C5     2 
ATOM 773  C C6     . DC A 1 3  ? 3.509   -0.095  11.213  1.00 0.00 ? 3  DC A C6     2 
ATOM 774  H "H5'"  . DC A 1 3  ? 6.339   -1.411  14.741  1.00 0.00 ? 3  DC A "H5'"  2 
ATOM 775  H "H5''" . DC A 1 3  ? 7.936   -1.403  13.971  1.00 0.00 ? 3  DC A "H5''" 2 
ATOM 776  H "H4'"  . DC A 1 3  ? 6.601   -3.359  13.319  1.00 0.00 ? 3  DC A "H4'"  2 
ATOM 777  H "H3'"  . DC A 1 3  ? 8.048   -1.789  11.510  1.00 0.00 ? 3  DC A "H3'"  2 
ATOM 778  H "H2'"  . DC A 1 3  ? 6.131   -0.585  10.753  1.00 0.00 ? 3  DC A "H2'"  2 
ATOM 779  H "H2''" . DC A 1 3  ? 6.133   -1.894  9.552   1.00 0.00 ? 3  DC A "H2''" 2 
ATOM 780  H "H1'"  . DC A 1 3  ? 4.693   -3.272  10.898  1.00 0.00 ? 3  DC A "H1'"  2 
ATOM 781  H H41    . DC A 1 3  ? -0.577  0.177   9.587   1.00 0.00 ? 3  DC A H41    2 
ATOM 782  H H42    . DC A 1 3  ? 0.130   1.655   10.213  1.00 0.00 ? 3  DC A H42    2 
ATOM 783  H H5     . DC A 1 3  ? 2.410   1.705   11.201  1.00 0.00 ? 3  DC A H5     2 
ATOM 784  H H6     . DC A 1 3  ? 4.347   0.371   11.708  1.00 0.00 ? 3  DC A H6     2 
ATOM 785  P P      . DA A 1 4  ? 8.125   -4.035  9.675   1.00 0.00 ? 4  DA A P      2 
ATOM 786  O OP1    . DA A 1 4  ? 9.169   -5.032  10.001  1.00 0.00 ? 4  DA A OP1    2 
ATOM 787  O OP2    . DA A 1 4  ? 8.499   -2.779  8.988   1.00 0.00 ? 4  DA A OP2    2 
ATOM 788  O "O5'"  . DA A 1 4  ? 6.979   -4.764  8.806   1.00 0.00 ? 4  DA A "O5'"  2 
ATOM 789  C "C5'"  . DA A 1 4  ? 6.477   -6.030  9.192   1.00 0.00 ? 4  DA A "C5'"  2 
ATOM 790  C "C4'"  . DA A 1 4  ? 5.386   -6.531  8.240   1.00 0.00 ? 4  DA A "C4'"  2 
ATOM 791  O "O4'"  . DA A 1 4  ? 4.298   -5.619  8.277   1.00 0.00 ? 4  DA A "O4'"  2 
ATOM 792  C "C3'"  . DA A 1 4  ? 5.859   -6.642  6.783   1.00 0.00 ? 4  DA A "C3'"  2 
ATOM 793  O "O3'"  . DA A 1 4  ? 5.236   -7.780  6.211   1.00 0.00 ? 4  DA A "O3'"  2 
ATOM 794  C "C2'"  . DA A 1 4  ? 5.315   -5.344  6.191   1.00 0.00 ? 4  DA A "C2'"  2 
ATOM 795  C "C1'"  . DA A 1 4  ? 4.000   -5.218  6.954   1.00 0.00 ? 4  DA A "C1'"  2 
ATOM 796  N N9     . DA A 1 4  ? 3.466   -3.838  6.941   1.00 0.00 ? 4  DA A N9     2 
ATOM 797  C C8     . DA A 1 4  ? 4.103   -2.666  7.269   1.00 0.00 ? 4  DA A C8     2 
ATOM 798  N N7     . DA A 1 4  ? 3.343   -1.608  7.216   1.00 0.00 ? 4  DA A N7     2 
ATOM 799  C C5     . DA A 1 4  ? 2.108   -2.113  6.827   1.00 0.00 ? 4  DA A C5     2 
ATOM 800  C C6     . DA A 1 4  ? 0.853   -1.513  6.596   1.00 0.00 ? 4  DA A C6     2 
ATOM 801  N N6     . DA A 1 4  ? 0.633   -0.202  6.748   1.00 0.00 ? 4  DA A N6     2 
ATOM 802  N N1     . DA A 1 4  ? -0.168  -2.298  6.202   1.00 0.00 ? 4  DA A N1     2 
ATOM 803  C C2     . DA A 1 4  ? 0.037   -3.602  6.050   1.00 0.00 ? 4  DA A C2     2 
ATOM 804  N N3     . DA A 1 4  ? 1.162   -4.286  6.240   1.00 0.00 ? 4  DA A N3     2 
ATOM 805  C C4     . DA A 1 4  ? 2.175   -3.471  6.642   1.00 0.00 ? 4  DA A C4     2 
ATOM 806  H "H5'"  . DA A 1 4  ? 6.057   -5.965  10.197  1.00 0.00 ? 4  DA A "H5'"  2 
ATOM 807  H "H5''" . DA A 1 4  ? 7.290   -6.756  9.198   1.00 0.00 ? 4  DA A "H5''" 2 
ATOM 808  H "H4'"  . DA A 1 4  ? 5.050   -7.505  8.597   1.00 0.00 ? 4  DA A "H4'"  2 
ATOM 809  H "H3'"  . DA A 1 4  ? 6.944   -6.714  6.704   1.00 0.00 ? 4  DA A "H3'"  2 
ATOM 810  H "H2'"  . DA A 1 4  ? 5.993   -4.527  6.433   1.00 0.00 ? 4  DA A "H2'"  2 
ATOM 811  H "H2''" . DA A 1 4  ? 5.162   -5.379  5.113   1.00 0.00 ? 4  DA A "H2''" 2 
ATOM 812  H "H1'"  . DA A 1 4  ? 3.277   -5.917  6.531   1.00 0.00 ? 4  DA A "H1'"  2 
ATOM 813  H H8     . DA A 1 4  ? 5.143   -2.622  7.551   1.00 0.00 ? 4  DA A H8     2 
ATOM 814  H H61    . DA A 1 4  ? -0.290  0.175   6.582   1.00 0.00 ? 4  DA A H61    2 
ATOM 815  H H62    . DA A 1 4  ? 1.384   0.399   7.054   1.00 0.00 ? 4  DA A H62    2 
ATOM 816  H H2     . DA A 1 4  ? -0.818  -4.180  5.733   1.00 0.00 ? 4  DA A H2     2 
ATOM 817  P P      . DC A 1 5  ? 5.486   -8.258  4.687   1.00 0.00 ? 5  DC A P      2 
ATOM 818  O OP1    . DC A 1 5  ? 5.771   -9.710  4.698   1.00 0.00 ? 5  DC A OP1    2 
ATOM 819  O OP2    . DC A 1 5  ? 6.435   -7.329  4.032   1.00 0.00 ? 5  DC A OP2    2 
ATOM 820  O "O5'"  . DC A 1 5  ? 4.026   -8.029  4.043   1.00 0.00 ? 5  DC A "O5'"  2 
ATOM 821  C "C5'"  . DC A 1 5  ? 2.920   -8.796  4.481   1.00 0.00 ? 5  DC A "C5'"  2 
ATOM 822  C "C4'"  . DC A 1 5  ? 1.626   -8.401  3.765   1.00 0.00 ? 5  DC A "C4'"  2 
ATOM 823  O "O4'"  . DC A 1 5  ? 1.340   -7.046  4.078   1.00 0.00 ? 5  DC A "O4'"  2 
ATOM 824  C "C3'"  . DC A 1 5  ? 1.730   -8.517  2.235   1.00 0.00 ? 5  DC A "C3'"  2 
ATOM 825  O "O3'"  . DC A 1 5  ? 0.485   -8.966  1.734   1.00 0.00 ? 5  DC A "O3'"  2 
ATOM 826  C "C2'"  . DC A 1 5  ? 1.954   -7.063  1.826   1.00 0.00 ? 5  DC A "C2'"  2 
ATOM 827  C "C1'"  . DC A 1 5  ? 1.101   -6.346  2.874   1.00 0.00 ? 5  DC A "C1'"  2 
ATOM 828  N N1     . DC A 1 5  ? 1.455   -4.908  3.023   1.00 0.00 ? 5  DC A N1     2 
ATOM 829  C C2     . DC A 1 5  ? 0.454   -3.939  2.897   1.00 0.00 ? 5  DC A C2     2 
ATOM 830  O O2     . DC A 1 5  ? -0.715  -4.241  2.664   1.00 0.00 ? 5  DC A O2     2 
ATOM 831  N N3     . DC A 1 5  ? 0.794   -2.628  3.051   1.00 0.00 ? 5  DC A N3     2 
ATOM 832  C C4     . DC A 1 5  ? 2.051   -2.264  3.343   1.00 0.00 ? 5  DC A C4     2 
ATOM 833  N N4     . DC A 1 5  ? 2.323   -0.969  3.527   1.00 0.00 ? 5  DC A N4     2 
ATOM 834  C C5     . DC A 1 5  ? 3.088   -3.242  3.514   1.00 0.00 ? 5  DC A C5     2 
ATOM 835  C C6     . DC A 1 5  ? 2.740   -4.539  3.347   1.00 0.00 ? 5  DC A C6     2 
ATOM 836  H "H5'"  . DC A 1 5  ? 2.778   -8.657  5.554   1.00 0.00 ? 5  DC A "H5'"  2 
ATOM 837  H "H5''" . DC A 1 5  ? 3.112   -9.853  4.290   1.00 0.00 ? 5  DC A "H5''" 2 
ATOM 838  H "H4'"  . DC A 1 5  ? 0.818   -9.035  4.135   1.00 0.00 ? 5  DC A "H4'"  2 
ATOM 839  H "H3'"  . DC A 1 5  ? 2.542   -9.176  1.923   1.00 0.00 ? 5  DC A "H3'"  2 
ATOM 840  H "H2'"  . DC A 1 5  ? 3.012   -6.829  1.925   1.00 0.00 ? 5  DC A "H2'"  2 
ATOM 841  H "H2''" . DC A 1 5  ? 1.624   -6.836  0.814   1.00 0.00 ? 5  DC A "H2''" 2 
ATOM 842  H "H1'"  . DC A 1 5  ? 0.054   -6.494  2.608   1.00 0.00 ? 5  DC A "H1'"  2 
ATOM 843  H H41    . DC A 1 5  ? 1.578   -0.292  3.434   1.00 0.00 ? 5  DC A H41    2 
ATOM 844  H H42    . DC A 1 5  ? 3.252   -0.673  3.783   1.00 0.00 ? 5  DC A H42    2 
ATOM 845  H H5     . DC A 1 5  ? 4.107   -2.992  3.774   1.00 0.00 ? 5  DC A H5     2 
ATOM 846  H H6     . DC A 1 5  ? 3.493   -5.300  3.484   1.00 0.00 ? 5  DC A H6     2 
ATOM 847  P P      . DC A 1 6  ? 0.292   -9.464  0.210   1.00 0.00 ? 6  DC A P      2 
ATOM 848  O OP1    . DC A 1 6  ? -0.017  -10.911 0.227   1.00 0.00 ? 6  DC A OP1    2 
ATOM 849  O OP2    . DC A 1 6  ? 1.414   -8.959  -0.614  1.00 0.00 ? 6  DC A OP2    2 
ATOM 850  O "O5'"  . DC A 1 6  ? -1.037  -8.660  -0.208  1.00 0.00 ? 6  DC A "O5'"  2 
ATOM 851  C "C5'"  . DC A 1 6  ? -2.284  -8.961  0.384   1.00 0.00 ? 6  DC A "C5'"  2 
ATOM 852  C "C4'"  . DC A 1 6  ? -3.357  -7.954  -0.035  1.00 0.00 ? 6  DC A "C4'"  2 
ATOM 853  O "O4'"  . DC A 1 6  ? -2.952  -6.667  0.416   1.00 0.00 ? 6  DC A "O4'"  2 
ATOM 854  C "C3'"  . DC A 1 6  ? -3.543  -7.879  -1.560  1.00 0.00 ? 6  DC A "C3'"  2 
ATOM 855  O "O3'"  . DC A 1 6  ? -4.920  -7.680  -1.832  1.00 0.00 ? 6  DC A "O3'"  2 
ATOM 856  C "C2'"  . DC A 1 6  ? -2.729  -6.633  -1.904  1.00 0.00 ? 6  DC A "C2'"  2 
ATOM 857  C "C1'"  . DC A 1 6  ? -3.004  -5.769  -0.675  1.00 0.00 ? 6  DC A "C1'"  2 
ATOM 858  N N1     . DC A 1 6  ? -2.016  -4.661  -0.527  1.00 0.00 ? 6  DC A N1     2 
ATOM 859  C C2     . DC A 1 6  ? -2.473  -3.341  -0.514  1.00 0.00 ? 6  DC A C2     2 
ATOM 860  O O2     . DC A 1 6  ? -3.668  -3.074  -0.607  1.00 0.00 ? 6  DC A O2     2 
ATOM 861  N N3     . DC A 1 6  ? -1.563  -2.331  -0.391  1.00 0.00 ? 6  DC A N3     2 
ATOM 862  C C4     . DC A 1 6  ? -0.251  -2.588  -0.294  1.00 0.00 ? 6  DC A C4     2 
ATOM 863  N N4     . DC A 1 6  ? 0.597   -1.565  -0.152  1.00 0.00 ? 6  DC A N4     2 
ATOM 864  C C5     . DC A 1 6  ? 0.246   -3.936  -0.313  1.00 0.00 ? 6  DC A C5     2 
ATOM 865  C C6     . DC A 1 6  ? -0.672  -4.929  -0.418  1.00 0.00 ? 6  DC A C6     2 
ATOM 866  H "H5'"  . DC A 1 6  ? -2.196  -8.934  1.472   1.00 0.00 ? 6  DC A "H5'"  2 
ATOM 867  H "H5''" . DC A 1 6  ? -2.597  -9.961  0.082   1.00 0.00 ? 6  DC A "H5''" 2 
ATOM 868  H "H4'"  . DC A 1 6  ? -4.298  -8.229  0.446   1.00 0.00 ? 6  DC A "H4'"  2 
ATOM 869  H "H3'"  . DC A 1 6  ? -3.171  -8.769  -2.070  1.00 0.00 ? 6  DC A "H3'"  2 
ATOM 870  H "H2'"  . DC A 1 6  ? -1.677  -6.902  -1.981  1.00 0.00 ? 6  DC A "H2'"  2 
ATOM 871  H "H2''" . DC A 1 6  ? -3.042  -6.146  -2.823  1.00 0.00 ? 6  DC A "H2''" 2 
ATOM 872  H "H1'"  . DC A 1 6  ? -4.031  -5.409  -0.746  1.00 0.00 ? 6  DC A "H1'"  2 
ATOM 873  H H41    . DC A 1 6  ? 0.242   -0.617  -0.106  1.00 0.00 ? 6  DC A H41    2 
ATOM 874  H H42    . DC A 1 6  ? 1.587   -1.735  -0.067  1.00 0.00 ? 6  DC A H42    2 
ATOM 875  H H5     . DC A 1 6  ? 1.293   -4.186  -0.228  1.00 0.00 ? 6  DC A H5     2 
ATOM 876  H H6     . DC A 1 6  ? -0.331  -5.953  -0.412  1.00 0.00 ? 6  DC A H6     2 
ATOM 877  P P      . DA A 1 7  ? -5.509  -7.547  -3.331  1.00 0.00 ? 7  DA A P      2 
ATOM 878  O OP1    . DA A 1 7  ? -6.758  -8.335  -3.411  1.00 0.00 ? 7  DA A OP1    2 
ATOM 879  O OP2    . DA A 1 7  ? -4.419  -7.798  -4.301  1.00 0.00 ? 7  DA A OP2    2 
ATOM 880  O "O5'"  . DA A 1 7  ? -5.889  -5.981  -3.392  1.00 0.00 ? 7  DA A "O5'"  2 
ATOM 881  C "C5'"  . DA A 1 7  ? -6.904  -5.451  -2.562  1.00 0.00 ? 7  DA A "C5'"  2 
ATOM 882  C "C4'"  . DA A 1 7  ? -7.145  -3.962  -2.829  1.00 0.00 ? 7  DA A "C4'"  2 
ATOM 883  O "O4'"  . DA A 1 7  ? -5.955  -3.246  -2.533  1.00 0.00 ? 7  DA A "O4'"  2 
ATOM 884  C "C3'"  . DA A 1 7  ? -7.510  -3.673  -4.292  1.00 0.00 ? 7  DA A "C3'"  2 
ATOM 885  O "O3'"  . DA A 1 7  ? -8.463  -2.624  -4.307  1.00 0.00 ? 7  DA A "O3'"  2 
ATOM 886  C "C2'"  . DA A 1 7  ? -6.167  -3.222  -4.862  1.00 0.00 ? 7  DA A "C2'"  2 
ATOM 887  C "C1'"  . DA A 1 7  ? -5.574  -2.485  -3.663  1.00 0.00 ? 7  DA A "C1'"  2 
ATOM 888  N N9     . DA A 1 7  ? -4.098  -2.384  -3.732  1.00 0.00 ? 7  DA A N9     2 
ATOM 889  C C8     . DA A 1 7  ? -3.186  -3.386  -3.958  1.00 0.00 ? 7  DA A C8     2 
ATOM 890  N N7     . DA A 1 7  ? -1.941  -3.008  -3.894  1.00 0.00 ? 7  DA A N7     2 
ATOM 891  C C5     . DA A 1 7  ? -2.029  -1.650  -3.616  1.00 0.00 ? 7  DA A C5     2 
ATOM 892  C C6     . DA A 1 7  ? -1.057  -0.647  -3.430  1.00 0.00 ? 7  DA A C6     2 
ATOM 893  N N6     . DA A 1 7  ? 0.254   -0.895  -3.514  1.00 0.00 ? 7  DA A N6     2 
ATOM 894  N N1     . DA A 1 7  ? -1.469  0.612   -3.186  1.00 0.00 ? 7  DA A N1     2 
ATOM 895  C C2     . DA A 1 7  ? -2.776  0.860   -3.120  1.00 0.00 ? 7  DA A C2     2 
ATOM 896  N N3     . DA A 1 7  ? -3.788  0.006   -3.265  1.00 0.00 ? 7  DA A N3     2 
ATOM 897  C C4     . DA A 1 7  ? -3.341  -1.255  -3.519  1.00 0.00 ? 7  DA A C4     2 
ATOM 898  H "H5'"  . DA A 1 7  ? -6.626  -5.577  -1.514  1.00 0.00 ? 7  DA A "H5'"  2 
ATOM 899  H "H5''" . DA A 1 7  ? -7.839  -5.985  -2.742  1.00 0.00 ? 7  DA A "H5''" 2 
ATOM 900  H "H4'"  . DA A 1 7  ? -7.944  -3.623  -2.169  1.00 0.00 ? 7  DA A "H4'"  2 
ATOM 901  H "H3'"  . DA A 1 7  ? -7.899  -4.555  -4.805  1.00 0.00 ? 7  DA A "H3'"  2 
ATOM 902  H "H2'"  . DA A 1 7  ? -5.578  -4.101  -5.117  1.00 0.00 ? 7  DA A "H2'"  2 
ATOM 903  H "H2''" . DA A 1 7  ? -6.252  -2.580  -5.735  1.00 0.00 ? 7  DA A "H2''" 2 
ATOM 904  H "H1'"  . DA A 1 7  ? -6.030  -1.496  -3.591  1.00 0.00 ? 7  DA A "H1'"  2 
ATOM 905  H H8     . DA A 1 7  ? -3.474  -4.403  -4.168  1.00 0.00 ? 7  DA A H8     2 
ATOM 906  H H61    . DA A 1 7  ? 0.920   -0.149  -3.379  1.00 0.00 ? 7  DA A H61    2 
ATOM 907  H H62    . DA A 1 7  ? 0.570   -1.832  -3.714  1.00 0.00 ? 7  DA A H62    2 
ATOM 908  H H2     . DA A 1 7  ? -3.049  1.887   -2.930  1.00 0.00 ? 7  DA A H2     2 
ATOM 909  P P      . DG A 1 8  ? -9.076  -2.017  -5.673  1.00 0.00 ? 8  DG A P      2 
ATOM 910  O OP1    . DG A 1 8  ? -10.511 -1.735  -5.452  1.00 0.00 ? 8  DG A OP1    2 
ATOM 911  O OP2    . DG A 1 8  ? -8.661  -2.869  -6.809  1.00 0.00 ? 8  DG A OP2    2 
ATOM 912  O "O5'"  . DG A 1 8  ? -8.289  -0.612  -5.776  1.00 0.00 ? 8  DG A "O5'"  2 
ATOM 913  C "C5'"  . DG A 1 8  ? -8.528  0.418   -4.837  1.00 0.00 ? 8  DG A "C5'"  2 
ATOM 914  C "C4'"  . DG A 1 8  ? -7.734  1.688   -5.157  1.00 0.00 ? 8  DG A "C4'"  2 
ATOM 915  O "O4'"  . DG A 1 8  ? -6.348  1.418   -4.988  1.00 0.00 ? 8  DG A "O4'"  2 
ATOM 916  C "C3'"  . DG A 1 8  ? -7.942  2.161   -6.605  1.00 0.00 ? 8  DG A "C3'"  2 
ATOM 917  O "O3'"  . DG A 1 8  ? -7.950  3.579   -6.601  1.00 0.00 ? 8  DG A "O3'"  2 
ATOM 918  C "C2'"  . DG A 1 8  ? -6.670  1.639   -7.272  1.00 0.00 ? 8  DG A "C2'"  2 
ATOM 919  C "C1'"  . DG A 1 8  ? -5.666  1.860   -6.145  1.00 0.00 ? 8  DG A "C1'"  2 
ATOM 920  N N9     . DG A 1 8  ? -4.402  1.114   -6.347  1.00 0.00 ? 8  DG A N9     2 
ATOM 921  C C8     . DG A 1 8  ? -4.229  -0.215  -6.638  1.00 0.00 ? 8  DG A C8     2 
ATOM 922  N N7     . DG A 1 8  ? -2.983  -0.581  -6.751  1.00 0.00 ? 8  DG A N7     2 
ATOM 923  C C5     . DG A 1 8  ? -2.270  0.589   -6.517  1.00 0.00 ? 8  DG A C5     2 
ATOM 924  C C6     . DG A 1 8  ? -0.860  0.815   -6.500  1.00 0.00 ? 8  DG A C6     2 
ATOM 925  O O6     . DG A 1 8  ? 0.036   -0.007  -6.673  1.00 0.00 ? 8  DG A O6     2 
ATOM 926  N N1     . DG A 1 8  ? -0.534  2.145   -6.247  1.00 0.00 ? 8  DG A N1     2 
ATOM 927  C C2     . DG A 1 8  ? -1.464  3.143   -6.015  1.00 0.00 ? 8  DG A C2     2 
ATOM 928  N N2     . DG A 1 8  ? -0.999  4.383   -5.832  1.00 0.00 ? 8  DG A N2     2 
ATOM 929  N N3     . DG A 1 8  ? -2.789  2.928   -6.012  1.00 0.00 ? 8  DG A N3     2 
ATOM 930  C C4     . DG A 1 8  ? -3.128  1.635   -6.269  1.00 0.00 ? 8  DG A C4     2 
ATOM 931  H "H5'"  . DG A 1 8  ? -8.264  0.079   -3.835  1.00 0.00 ? 8  DG A "H5'"  2 
ATOM 932  H "H5''" . DG A 1 8  ? -9.588  0.677   -4.849  1.00 0.00 ? 8  DG A "H5''" 2 
ATOM 933  H "H4'"  . DG A 1 8  ? -8.035  2.471   -4.460  1.00 0.00 ? 8  DG A "H4'"  2 
ATOM 934  H "H3'"  . DG A 1 8  ? -8.853  1.762   -7.052  1.00 0.00 ? 8  DG A "H3'"  2 
ATOM 935  H "H2'"  . DG A 1 8  ? -6.783  0.579   -7.493  1.00 0.00 ? 8  DG A "H2'"  2 
ATOM 936  H "H2''" . DG A 1 8  ? -6.399  2.174   -8.180  1.00 0.00 ? 8  DG A "H2''" 2 
ATOM 937  H "H1'"  . DG A 1 8  ? -5.465  2.928   -6.050  1.00 0.00 ? 8  DG A "H1'"  2 
ATOM 938  H H8     . DG A 1 8  ? -5.050  -0.901  -6.767  1.00 0.00 ? 8  DG A H8     2 
ATOM 939  H H1     . DG A 1 8  ? 0.452   2.373   -6.220  1.00 0.00 ? 8  DG A H1     2 
ATOM 940  H H21    . DG A 1 8  ? -0.006  4.569   -5.854  1.00 0.00 ? 8  DG A H21    2 
ATOM 941  H H22    . DG A 1 8  ? -1.648  5.136   -5.656  1.00 0.00 ? 8  DG A H22    2 
ATOM 942  P P      . DC A 1 9  ? -8.286  4.464   -7.911  1.00 0.00 ? 9  DC A P      2 
ATOM 943  O OP1    . DC A 1 9  ? -9.450  5.325   -7.608  1.00 0.00 ? 9  DC A OP1    2 
ATOM 944  O OP2    . DC A 1 9  ? -8.309  3.586   -9.102  1.00 0.00 ? 9  DC A OP2    2 
ATOM 945  O "O5'"  . DC A 1 9  ? -6.973  5.392   -7.995  1.00 0.00 ? 9  DC A "O5'"  2 
ATOM 946  C "C5'"  . DC A 1 9  ? -6.686  6.340   -6.986  1.00 0.00 ? 9  DC A "C5'"  2 
ATOM 947  C "C4'"  . DC A 1 9  ? -5.345  7.036   -7.235  1.00 0.00 ? 9  DC A "C4'"  2 
ATOM 948  O "O4'"  . DC A 1 9  ? -4.319  6.053   -7.222  1.00 0.00 ? 9  DC A "O4'"  2 
ATOM 949  C "C3'"  . DC A 1 9  ? -5.300  7.747   -8.594  1.00 0.00 ? 9  DC A "C3'"  2 
ATOM 950  O "O3'"  . DC A 1 9  ? -4.557  8.948   -8.456  1.00 0.00 ? 9  DC A "O3'"  2 
ATOM 951  C "C2'"  . DC A 1 9  ? -4.548  6.733   -9.449  1.00 0.00 ? 9  DC A "C2'"  2 
ATOM 952  C "C1'"  . DC A 1 9  ? -3.580  6.139   -8.426  1.00 0.00 ? 9  DC A "C1'"  2 
ATOM 953  N N1     . DC A 1 9  ? -3.077  4.795   -8.832  1.00 0.00 ? 9  DC A N1     2 
ATOM 954  C C2     . DC A 1 9  ? -1.705  4.596   -9.014  1.00 0.00 ? 9  DC A C2     2 
ATOM 955  O O2     . DC A 1 9  ? -0.902  5.514   -8.871  1.00 0.00 ? 9  DC A O2     2 
ATOM 956  N N3     . DC A 1 9  ? -1.264  3.350   -9.357  1.00 0.00 ? 9  DC A N3     2 
ATOM 957  C C4     . DC A 1 9  ? -2.124  2.335   -9.540  1.00 0.00 ? 9  DC A C4     2 
ATOM 958  N N4     . DC A 1 9  ? -1.649  1.129   -9.867  1.00 0.00 ? 9  DC A N4     2 
ATOM 959  C C5     . DC A 1 9  ? -3.535  2.517   -9.367  1.00 0.00 ? 9  DC A C5     2 
ATOM 960  C C6     . DC A 1 9  ? -3.955  3.752   -9.003  1.00 0.00 ? 9  DC A C6     2 
ATOM 961  H "H5'"  . DC A 1 9  ? -6.643  5.846   -6.014  1.00 0.00 ? 9  DC A "H5'"  2 
ATOM 962  H "H5''" . DC A 1 9  ? -7.475  7.093   -6.961  1.00 0.00 ? 9  DC A "H5''" 2 
ATOM 963  H "H4'"  . DC A 1 9  ? -5.174  7.754   -6.431  1.00 0.00 ? 9  DC A "H4'"  2 
ATOM 964  H "H3'"  . DC A 1 9  ? -6.300  7.956   -8.980  1.00 0.00 ? 9  DC A "H3'"  2 
ATOM 965  H "H2'"  . DC A 1 9  ? -5.251  5.990   -9.824  1.00 0.00 ? 9  DC A "H2'"  2 
ATOM 966  H "H2''" . DC A 1 9  ? -4.026  7.188   -10.285 1.00 0.00 ? 9  DC A "H2''" 2 
ATOM 967  H "H1'"  . DC A 1 9  ? -2.779  6.861   -8.263  1.00 0.00 ? 9  DC A "H1'"  2 
ATOM 968  H H41    . DC A 1 9  ? -0.654  0.982   -9.965  1.00 0.00 ? 9  DC A H41    2 
ATOM 969  H H42    . DC A 1 9  ? -2.283  0.353   -9.981  1.00 0.00 ? 9  DC A H42    2 
ATOM 970  H H5     . DC A 1 9  ? -4.257  1.723   -9.495  1.00 0.00 ? 9  DC A H5     2 
ATOM 971  H H6     . DC A 1 9  ? -5.009  3.918   -8.851  1.00 0.00 ? 9  DC A H6     2 
ATOM 972  P P      . DT A 1 10 ? -4.365  9.996   -9.672  1.00 0.00 ? 10 DT A P      2 
ATOM 973  O OP1    . DT A 1 10 ? -4.542  11.364  -9.136  1.00 0.00 ? 10 DT A OP1    2 
ATOM 974  O OP2    . DT A 1 10 ? -5.179  9.550   -10.826 1.00 0.00 ? 10 DT A OP2    2 
ATOM 975  O "O5'"  . DT A 1 10 ? -2.811  9.798   -10.052 1.00 0.00 ? 10 DT A "O5'"  2 
ATOM 976  C "C5'"  . DT A 1 10 ? -1.788  10.214  -9.167  1.00 0.00 ? 10 DT A "C5'"  2 
ATOM 977  C "C4'"  . DT A 1 10 ? -0.397  9.933   -9.742  1.00 0.00 ? 10 DT A "C4'"  2 
ATOM 978  O "O4'"  . DT A 1 10 ? -0.264  8.529   -9.921  1.00 0.00 ? 10 DT A "O4'"  2 
ATOM 979  C "C3'"  . DT A 1 10 ? -0.164  10.603  -11.107 1.00 0.00 ? 10 DT A "C3'"  2 
ATOM 980  O "O3'"  . DT A 1 10 ? 1.188   11.030  -11.178 1.00 0.00 ? 10 DT A "O3'"  2 
ATOM 981  C "C2'"  . DT A 1 10 ? -0.431  9.440   -12.061 1.00 0.00 ? 10 DT A "C2'"  2 
ATOM 982  C "C1'"  . DT A 1 10 ? 0.150   8.281   -11.249 1.00 0.00 ? 10 DT A "C1'"  2 
ATOM 983  N N1     . DT A 1 10 ? -0.292  6.928   -11.694 1.00 0.00 ? 10 DT A N1     2 
ATOM 984  C C2     . DT A 1 10 ? 0.670   5.924   -11.843 1.00 0.00 ? 10 DT A C2     2 
ATOM 985  O O2     . DT A 1 10 ? 1.876   6.117   -11.714 1.00 0.00 ? 10 DT A O2     2 
ATOM 986  N N3     . DT A 1 10 ? 0.197   4.662   -12.173 1.00 0.00 ? 10 DT A N3     2 
ATOM 987  C C4     . DT A 1 10 ? -1.128  4.315   -12.389 1.00 0.00 ? 10 DT A C4     2 
ATOM 988  O O4     . DT A 1 10 ? -1.428  3.159   -12.673 1.00 0.00 ? 10 DT A O4     2 
ATOM 989  C C5     . DT A 1 10 ? -2.062  5.413   -12.244 1.00 0.00 ? 10 DT A C5     2 
ATOM 990  C C7     . DT A 1 10 ? -3.537  5.168   -12.501 1.00 0.00 ? 10 DT A C7     2 
ATOM 991  C C6     . DT A 1 10 ? -1.625  6.652   -11.900 1.00 0.00 ? 10 DT A C6     2 
ATOM 992  H "H5'"  . DT A 1 10 ? -1.889  9.685   -8.218  1.00 0.00 ? 10 DT A "H5'"  2 
ATOM 993  H "H5''" . DT A 1 10 ? -1.877  11.286  -8.984  1.00 0.00 ? 10 DT A "H5''" 2 
ATOM 994  H "H4'"  . DT A 1 10 ? 0.348   10.280  -9.024  1.00 0.00 ? 10 DT A "H4'"  2 
ATOM 995  H "H3'"  . DT A 1 10 ? -0.842  11.441  -11.277 1.00 0.00 ? 10 DT A "H3'"  2 
ATOM 996  H "H2'"  . DT A 1 10 ? -1.505  9.359   -12.210 1.00 0.00 ? 10 DT A "H2'"  2 
ATOM 997  H "H2''" . DT A 1 10 ? 0.052   9.554   -13.027 1.00 0.00 ? 10 DT A "H2''" 2 
ATOM 998  H "H1'"  . DT A 1 10 ? 1.235   8.383   -11.281 1.00 0.00 ? 10 DT A "H1'"  2 
ATOM 999  H H3     . DT A 1 10 ? 0.883   3.926   -12.275 1.00 0.00 ? 10 DT A H3     2 
ATOM 1000 H H71    . DT A 1 10 ? -4.104  6.098   -12.482 1.00 0.00 ? 10 DT A H71    2 
ATOM 1001 H H72    . DT A 1 10 ? -3.658  4.703   -13.480 1.00 0.00 ? 10 DT A H72    2 
ATOM 1002 H H73    . DT A 1 10 ? -3.929  4.493   -11.741 1.00 0.00 ? 10 DT A H73    2 
ATOM 1003 H H6     . DT A 1 10 ? -2.349  7.439   -11.771 1.00 0.00 ? 10 DT A H6     2 
ATOM 1004 P P      . DC A 1 11 ? 1.815   11.770  -12.473 1.00 0.00 ? 11 DC A P      2 
ATOM 1005 O OP1    . DC A 1 11 ? 2.648   12.899  -12.006 1.00 0.00 ? 11 DC A OP1    2 
ATOM 1006 O OP2    . DC A 1 11 ? 0.738   12.013  -13.460 1.00 0.00 ? 11 DC A OP2    2 
ATOM 1007 O "O5'"  . DC A 1 11 ? 2.794   10.634  -13.068 1.00 0.00 ? 11 DC A "O5'"  2 
ATOM 1008 C "C5'"  . DC A 1 11 ? 3.957   10.242  -12.363 1.00 0.00 ? 11 DC A "C5'"  2 
ATOM 1009 C "C4'"  . DC A 1 11 ? 4.713   9.128   -13.094 1.00 0.00 ? 11 DC A "C4'"  2 
ATOM 1010 O "O4'"  . DC A 1 11 ? 3.847   8.010   -13.211 1.00 0.00 ? 11 DC A "O4'"  2 
ATOM 1011 C "C3'"  . DC A 1 11 ? 5.145   9.527   -14.513 1.00 0.00 ? 11 DC A "C3'"  2 
ATOM 1012 O "O3'"  . DC A 1 11 ? 6.406   8.963   -14.811 1.00 0.00 ? 11 DC A "O3'"  2 
ATOM 1013 C "C2'"  . DC A 1 11 ? 4.099   8.840   -15.382 1.00 0.00 ? 11 DC A "C2'"  2 
ATOM 1014 C "C1'"  . DC A 1 11 ? 3.848   7.577   -14.555 1.00 0.00 ? 11 DC A "C1'"  2 
ATOM 1015 N N1     . DC A 1 11 ? 2.564   6.894   -14.880 1.00 0.00 ? 11 DC A N1     2 
ATOM 1016 C C2     . DC A 1 11 ? 2.575   5.537   -15.212 1.00 0.00 ? 11 DC A C2     2 
ATOM 1017 O O2     . DC A 1 11 ? 3.625   4.910   -15.325 1.00 0.00 ? 11 DC A O2     2 
ATOM 1018 N N3     . DC A 1 11 ? 1.384   4.906   -15.421 1.00 0.00 ? 11 DC A N3     2 
ATOM 1019 C C4     . DC A 1 11 ? 0.220   5.566   -15.325 1.00 0.00 ? 11 DC A C4     2 
ATOM 1020 N N4     . DC A 1 11 ? -0.917  4.890   -15.519 1.00 0.00 ? 11 DC A N4     2 
ATOM 1021 C C5     . DC A 1 11 ? 0.182   6.963   -15.000 1.00 0.00 ? 11 DC A C5     2 
ATOM 1022 C C6     . DC A 1 11 ? 1.372   7.573   -14.783 1.00 0.00 ? 11 DC A C6     2 
ATOM 1023 H "H5'"  . DC A 1 11 ? 3.679   9.880   -11.373 1.00 0.00 ? 11 DC A "H5'"  2 
ATOM 1024 H "H5''" . DC A 1 11 ? 4.623   11.098  -12.249 1.00 0.00 ? 11 DC A "H5''" 2 
ATOM 1025 H "H4'"  . DC A 1 11 ? 5.587   8.854   -12.502 1.00 0.00 ? 11 DC A "H4'"  2 
ATOM 1026 H "H3'"  . DC A 1 11 ? 5.168   10.607  -14.664 1.00 0.00 ? 11 DC A "H3'"  2 
ATOM 1027 H "HO3'" . DC A 1 11 ? 6.650   9.215   -15.704 1.00 0.00 ? 11 DC A "HO3'" 2 
ATOM 1028 H "H2'"  . DC A 1 11 ? 3.218   9.478   -15.444 1.00 0.00 ? 11 DC A "H2'"  2 
ATOM 1029 H "H2''" . DC A 1 11 ? 4.466   8.613   -16.384 1.00 0.00 ? 11 DC A "H2''" 2 
ATOM 1030 H "H1'"  . DC A 1 11 ? 4.711   6.923   -14.683 1.00 0.00 ? 11 DC A "H1'"  2 
ATOM 1031 H H41    . DC A 1 11 ? -0.877  3.895   -15.697 1.00 0.00 ? 11 DC A H41    2 
ATOM 1032 H H42    . DC A 1 11 ? -1.809  5.356   -15.439 1.00 0.00 ? 11 DC A H42    2 
ATOM 1033 H H5     . DC A 1 11 ? -0.732  7.531   -14.908 1.00 0.00 ? 11 DC A H5     2 
ATOM 1034 H H6     . DC A 1 11 ? 1.382   8.619   -14.523 1.00 0.00 ? 11 DC A H6     2 
ATOM 1035 O "O5'"  . DG B 2 1  ? 0.875   -5.380  -18.749 1.00 0.00 ? 12 DG B "O5'"  2 
ATOM 1036 C "C5'"  . DG B 2 1  ? 1.848   -5.341  -19.770 1.00 0.00 ? 12 DG B "C5'"  2 
ATOM 1037 C "C4'"  . DG B 2 1  ? 2.999   -4.390  -19.415 1.00 0.00 ? 12 DG B "C4'"  2 
ATOM 1038 O "O4'"  . DG B 2 1  ? 2.473   -3.081  -19.247 1.00 0.00 ? 12 DG B "O4'"  2 
ATOM 1039 C "C3'"  . DG B 2 1  ? 3.708   -4.774  -18.107 1.00 0.00 ? 12 DG B "C3'"  2 
ATOM 1040 O "O3'"  . DG B 2 1  ? 5.095   -4.501  -18.245 1.00 0.00 ? 12 DG B "O3'"  2 
ATOM 1041 C "C2'"  . DG B 2 1  ? 3.057   -3.820  -17.111 1.00 0.00 ? 12 DG B "C2'"  2 
ATOM 1042 C "C1'"  . DG B 2 1  ? 2.881   -2.586  -17.986 1.00 0.00 ? 12 DG B "C1'"  2 
ATOM 1043 N N9     . DG B 2 1  ? 1.872   -1.660  -17.427 1.00 0.00 ? 12 DG B N9     2 
ATOM 1044 C C8     . DG B 2 1  ? 0.536   -1.881  -17.206 1.00 0.00 ? 12 DG B C8     2 
ATOM 1045 N N7     . DG B 2 1  ? -0.101  -0.858  -16.707 1.00 0.00 ? 12 DG B N7     2 
ATOM 1046 C C5     . DG B 2 1  ? 0.882   0.119   -16.589 1.00 0.00 ? 12 DG B C5     2 
ATOM 1047 C C6     . DG B 2 1  ? 0.789   1.461   -16.109 1.00 0.00 ? 12 DG B C6     2 
ATOM 1048 O O6     . DG B 2 1  ? -0.203  2.044   -15.679 1.00 0.00 ? 12 DG B O6     2 
ATOM 1049 N N1     . DG B 2 1  ? 2.009   2.129   -16.165 1.00 0.00 ? 12 DG B N1     2 
ATOM 1050 C C2     . DG B 2 1  ? 3.188   1.570   -16.625 1.00 0.00 ? 12 DG B C2     2 
ATOM 1051 N N2     . DG B 2 1  ? 4.286   2.329   -16.579 1.00 0.00 ? 12 DG B N2     2 
ATOM 1052 N N3     . DG B 2 1  ? 3.275   0.308   -17.073 1.00 0.00 ? 12 DG B N3     2 
ATOM 1053 C C4     . DG B 2 1  ? 2.093   -0.362  -17.030 1.00 0.00 ? 12 DG B C4     2 
ATOM 1054 H "H5'"  . DG B 2 1  ? 1.378   -5.006  -20.695 1.00 0.00 ? 12 DG B "H5'"  2 
ATOM 1055 H "H5''" . DG B 2 1  ? 2.244   -6.346  -19.921 1.00 0.00 ? 12 DG B "H5''" 2 
ATOM 1056 H "H4'"  . DG B 2 1  ? 3.714   -4.392  -20.239 1.00 0.00 ? 12 DG B "H4'"  2 
ATOM 1057 H "H3'"  . DG B 2 1  ? 3.546   -5.821  -17.846 1.00 0.00 ? 12 DG B "H3'"  2 
ATOM 1058 H "H2'"  . DG B 2 1  ? 2.092   -4.213  -16.796 1.00 0.00 ? 12 DG B "H2'"  2 
ATOM 1059 H "H2''" . DG B 2 1  ? 3.671   -3.619  -16.236 1.00 0.00 ? 12 DG B "H2''" 2 
ATOM 1060 H "H1'"  . DG B 2 1  ? 3.847   -2.091  -18.102 1.00 0.00 ? 12 DG B "H1'"  2 
ATOM 1061 H H8     . DG B 2 1  ? 0.048   -2.820  -17.428 1.00 0.00 ? 12 DG B H8     2 
ATOM 1062 H H1     . DG B 2 1  ? 2.015   3.087   -15.837 1.00 0.00 ? 12 DG B H1     2 
ATOM 1063 H H21    . DG B 2 1  ? 4.242   3.265   -16.200 1.00 0.00 ? 12 DG B H21    2 
ATOM 1064 H H22    . DG B 2 1  ? 5.174   1.938   -16.861 1.00 0.00 ? 12 DG B H22    2 
ATOM 1065 H "HO5'" . DG B 2 1  ? 0.180   -5.987  -19.012 1.00 0.00 ? 12 DG B "HO5'" 2 
ATOM 1066 P P      . DA B 2 2  ? 6.165   -4.811  -17.072 1.00 0.00 ? 13 DA B P      2 
ATOM 1067 O OP1    . DA B 2 2  ? 7.434   -5.223  -17.712 1.00 0.00 ? 13 DA B OP1    2 
ATOM 1068 O OP2    . DA B 2 2  ? 5.523   -5.700  -16.076 1.00 0.00 ? 13 DA B OP2    2 
ATOM 1069 O "O5'"  . DA B 2 2  ? 6.390   -3.367  -16.382 1.00 0.00 ? 13 DA B "O5'"  2 
ATOM 1070 C "C5'"  . DA B 2 2  ? 7.105   -2.342  -17.048 1.00 0.00 ? 13 DA B "C5'"  2 
ATOM 1071 C "C4'"  . DA B 2 2  ? 7.324   -1.111  -16.159 1.00 0.00 ? 13 DA B "C4'"  2 
ATOM 1072 O "O4'"  . DA B 2 2  ? 6.062   -0.526  -15.866 1.00 0.00 ? 13 DA B "O4'"  2 
ATOM 1073 C "C3'"  . DA B 2 2  ? 7.998   -1.446  -14.817 1.00 0.00 ? 13 DA B "C3'"  2 
ATOM 1074 O "O3'"  . DA B 2 2  ? 8.878   -0.384  -14.479 1.00 0.00 ? 13 DA B "O3'"  2 
ATOM 1075 C "C2'"  . DA B 2 2  ? 6.798   -1.475  -13.871 1.00 0.00 ? 13 DA B "C2'"  2 
ATOM 1076 C "C1'"  . DA B 2 2  ? 5.964   -0.347  -14.467 1.00 0.00 ? 13 DA B "C1'"  2 
ATOM 1077 N N9     . DA B 2 2  ? 4.551   -0.387  -14.026 1.00 0.00 ? 13 DA B N9     2 
ATOM 1078 C C8     . DA B 2 2  ? 3.679   -1.446  -14.027 1.00 0.00 ? 13 DA B C8     2 
ATOM 1079 N N7     . DA B 2 2  ? 2.469   -1.149  -13.643 1.00 0.00 ? 13 DA B N7     2 
ATOM 1080 C C5     . DA B 2 2  ? 2.543   0.207   -13.356 1.00 0.00 ? 13 DA B C5     2 
ATOM 1081 C C6     . DA B 2 2  ? 1.592   1.147   -12.908 1.00 0.00 ? 13 DA B C6     2 
ATOM 1082 N N6     . DA B 2 2  ? 0.320   0.825   -12.653 1.00 0.00 ? 13 DA B N6     2 
ATOM 1083 N N1     . DA B 2 2  ? 1.985   2.424   -12.739 1.00 0.00 ? 13 DA B N1     2 
ATOM 1084 C C2     . DA B 2 2  ? 3.248   2.752   -12.995 1.00 0.00 ? 13 DA B C2     2 
ATOM 1085 N N3     . DA B 2 2  ? 4.235   1.966   -13.415 1.00 0.00 ? 13 DA B N3     2 
ATOM 1086 C C4     . DA B 2 2  ? 3.811   0.682   -13.580 1.00 0.00 ? 13 DA B C4     2 
ATOM 1087 H "H5'"  . DA B 2 2  ? 6.563   -2.043  -17.947 1.00 0.00 ? 13 DA B "H5'"  2 
ATOM 1088 H "H5''" . DA B 2 2  ? 8.086   -2.717  -17.341 1.00 0.00 ? 13 DA B "H5''" 2 
ATOM 1089 H "H4'"  . DA B 2 2  ? 7.933   -0.394  -16.712 1.00 0.00 ? 13 DA B "H4'"  2 
ATOM 1090 H "H3'"  . DA B 2 2  ? 8.533   -2.397  -14.848 1.00 0.00 ? 13 DA B "H3'"  2 
ATOM 1091 H "H2'"  . DA B 2 2  ? 6.290   -2.434  -13.965 1.00 0.00 ? 13 DA B "H2'"  2 
ATOM 1092 H "H2''" . DA B 2 2  ? 7.048   -1.292  -12.828 1.00 0.00 ? 13 DA B "H2''" 2 
ATOM 1093 H "H1'"  . DA B 2 2  ? 6.419   0.609   -14.203 1.00 0.00 ? 13 DA B "H1'"  2 
ATOM 1094 H H8     . DA B 2 2  ? 3.964   -2.443  -14.324 1.00 0.00 ? 13 DA B H8     2 
ATOM 1095 H H61    . DA B 2 2  ? -0.338  1.541   -12.379 1.00 0.00 ? 13 DA B H61    2 
ATOM 1096 H H62    . DA B 2 2  ? 0.014   -0.131  -12.774 1.00 0.00 ? 13 DA B H62    2 
ATOM 1097 H H2     . DA B 2 2  ? 3.507   3.788   -12.830 1.00 0.00 ? 13 DA B H2     2 
ATOM 1098 P P      . DG B 2 3  ? 9.776   -0.384  -13.134 1.00 0.00 ? 14 DG B P      2 
ATOM 1099 O OP1    . DG B 2 3  ? 11.134  0.087   -13.487 1.00 0.00 ? 14 DG B OP1    2 
ATOM 1100 O OP2    . DG B 2 3  ? 9.605   -1.681  -12.442 1.00 0.00 ? 14 DG B OP2    2 
ATOM 1101 O "O5'"  . DG B 2 3  ? 9.055   0.759   -12.252 1.00 0.00 ? 14 DG B "O5'"  2 
ATOM 1102 C "C5'"  . DG B 2 3  ? 9.146   2.120   -12.628 1.00 0.00 ? 14 DG B "C5'"  2 
ATOM 1103 C "C4'"  . DG B 2 3  ? 8.393   3.045   -11.668 1.00 0.00 ? 14 DG B "C4'"  2 
ATOM 1104 O "O4'"  . DG B 2 3  ? 7.011   2.718   -11.719 1.00 0.00 ? 14 DG B "O4'"  2 
ATOM 1105 C "C3'"  . DG B 2 3  ? 8.848   2.914   -10.203 1.00 0.00 ? 14 DG B "C3'"  2 
ATOM 1106 O "O3'"  . DG B 2 3  ? 8.798   4.209   -9.624  1.00 0.00 ? 14 DG B "O3'"  2 
ATOM 1107 C "C2'"  . DG B 2 3  ? 7.743   2.029   -9.629  1.00 0.00 ? 14 DG B "C2'"  2 
ATOM 1108 C "C1'"  . DG B 2 3  ? 6.548   2.589   -10.392 1.00 0.00 ? 14 DG B "C1'"  2 
ATOM 1109 N N9     . DG B 2 3  ? 5.355   1.721   -10.301 1.00 0.00 ? 14 DG B N9     2 
ATOM 1110 C C8     . DG B 2 3  ? 5.250   0.367   -10.500 1.00 0.00 ? 14 DG B C8     2 
ATOM 1111 N N7     . DG B 2 3  ? 4.054   -0.111  -10.295 1.00 0.00 ? 14 DG B N7     2 
ATOM 1112 C C5     . DG B 2 3  ? 3.304   1.006   -9.944  1.00 0.00 ? 14 DG B C5     2 
ATOM 1113 C C6     . DG B 2 3  ? 1.921   1.117   -9.604  1.00 0.00 ? 14 DG B C6     2 
ATOM 1114 O O6     . DG B 2 3  ? 1.088   0.217   -9.536  1.00 0.00 ? 14 DG B O6     2 
ATOM 1115 N N1     . DG B 2 3  ? 1.539   2.431   -9.341  1.00 0.00 ? 14 DG B N1     2 
ATOM 1116 C C2     . DG B 2 3  ? 2.396   3.515   -9.389  1.00 0.00 ? 14 DG B C2     2 
ATOM 1117 N N2     . DG B 2 3  ? 1.894   4.710   -9.065  1.00 0.00 ? 14 DG B N2     2 
ATOM 1118 N N3     . DG B 2 3  ? 3.698   3.410   -9.697  1.00 0.00 ? 14 DG B N3     2 
ATOM 1119 C C4     . DG B 2 3  ? 4.087   2.134   -9.964  1.00 0.00 ? 14 DG B C4     2 
ATOM 1120 H "H5'"  . DG B 2 3  ? 8.735   2.251   -13.630 1.00 0.00 ? 14 DG B "H5'"  2 
ATOM 1121 H "H5''" . DG B 2 3  ? 10.193  2.424   -12.638 1.00 0.00 ? 14 DG B "H5''" 2 
ATOM 1122 H "H4'"  . DG B 2 3  ? 8.531   4.074   -12.008 1.00 0.00 ? 14 DG B "H4'"  2 
ATOM 1123 H "H3'"  . DG B 2 3  ? 9.840   2.471   -10.107 1.00 0.00 ? 14 DG B "H3'"  2 
ATOM 1124 H "H2'"  . DG B 2 3  ? 7.930   0.990   -9.899  1.00 0.00 ? 14 DG B "H2'"  2 
ATOM 1125 H "H2''" . DG B 2 3  ? 7.617   2.114   -8.550  1.00 0.00 ? 14 DG B "H2''" 2 
ATOM 1126 H "H1'"  . DG B 2 3  ? 6.317   3.582   -10.004 1.00 0.00 ? 14 DG B "H1'"  2 
ATOM 1127 H H8     . DG B 2 3  ? 6.083   -0.253  -10.793 1.00 0.00 ? 14 DG B H8     2 
ATOM 1128 H H1     . DG B 2 3  ? 0.567   2.598   -9.115  1.00 0.00 ? 14 DG B H1     2 
ATOM 1129 H H21    . DG B 2 3  ? 0.917   4.808   -8.823  1.00 0.00 ? 14 DG B H21    2 
ATOM 1130 H H22    . DG B 2 3  ? 2.490   5.524   -9.094  1.00 0.00 ? 14 DG B H22    2 
ATOM 1131 P P      . DC B 2 4  ? 9.266   4.529   -8.110  1.00 0.00 ? 15 DC B P      2 
ATOM 1132 O OP1    . DC B 2 4  ? 10.293  5.593   -8.160  1.00 0.00 ? 15 DC B OP1    2 
ATOM 1133 O OP2    . DC B 2 4  ? 9.559   3.258   -7.409  1.00 0.00 ? 15 DC B OP2    2 
ATOM 1134 O "O5'"  . DC B 2 4  ? 7.915   5.152   -7.485  1.00 0.00 ? 15 DC B "O5'"  2 
ATOM 1135 C "C5'"  . DC B 2 4  ? 7.409   6.390   -7.951  1.00 0.00 ? 15 DC B "C5'"  2 
ATOM 1136 C "C4'"  . DC B 2 4  ? 6.076   6.765   -7.294  1.00 0.00 ? 15 DC B "C4'"  2 
ATOM 1137 O "O4'"  . DC B 2 4  ? 5.130   5.745   -7.591  1.00 0.00 ? 15 DC B "O4'"  2 
ATOM 1138 C "C3'"  . DC B 2 4  ? 6.167   6.890   -5.764  1.00 0.00 ? 15 DC B "C3'"  2 
ATOM 1139 O "O3'"  . DC B 2 4  ? 5.321   7.951   -5.354  1.00 0.00 ? 15 DC B "O3'"  2 
ATOM 1140 C "C2'"  . DC B 2 4  ? 5.590   5.551   -5.314  1.00 0.00 ? 15 DC B "C2'"  2 
ATOM 1141 C "C1'"  . DC B 2 4  ? 4.525   5.325   -6.384  1.00 0.00 ? 15 DC B "C1'"  2 
ATOM 1142 N N1     . DC B 2 4  ? 4.108   3.898   -6.446  1.00 0.00 ? 15 DC B N1     2 
ATOM 1143 C C2     . DC B 2 4  ? 2.787   3.554   -6.138  1.00 0.00 ? 15 DC B C2     2 
ATOM 1144 O O2     . DC B 2 4  ? 1.945   4.406   -5.864  1.00 0.00 ? 15 DC B O2     2 
ATOM 1145 N N3     . DC B 2 4  ? 2.438   2.236   -6.155  1.00 0.00 ? 15 DC B N3     2 
ATOM 1146 C C4     . DC B 2 4  ? 3.331   1.283   -6.459  1.00 0.00 ? 15 DC B C4     2 
ATOM 1147 N N4     . DC B 2 4  ? 2.929   0.010   -6.487  1.00 0.00 ? 15 DC B N4     2 
ATOM 1148 C C5     . DC B 2 4  ? 4.688   1.613   -6.790  1.00 0.00 ? 15 DC B C5     2 
ATOM 1149 C C6     . DC B 2 4  ? 5.021   2.925   -6.775  1.00 0.00 ? 15 DC B C6     2 
ATOM 1150 H "H5'"  . DC B 2 4  ? 7.253   6.337   -9.030  1.00 0.00 ? 15 DC B "H5'"  2 
ATOM 1151 H "H5''" . DC B 2 4  ? 8.133   7.179   -7.743  1.00 0.00 ? 15 DC B "H5''" 2 
ATOM 1152 H "H4'"  . DC B 2 4  ? 5.738   7.710   -7.723  1.00 0.00 ? 15 DC B "H4'"  2 
ATOM 1153 H "H3'"  . DC B 2 4  ? 7.190   7.047   -5.417  1.00 0.00 ? 15 DC B "H3'"  2 
ATOM 1154 H "H2'"  . DC B 2 4  ? 6.373   4.794   -5.357  1.00 0.00 ? 15 DC B "H2'"  2 
ATOM 1155 H "H2''" . DC B 2 4  ? 5.155   5.569   -4.317  1.00 0.00 ? 15 DC B "H2''" 2 
ATOM 1156 H "H1'"  . DC B 2 4  ? 3.692   6.001   -6.186  1.00 0.00 ? 15 DC B "H1'"  2 
ATOM 1157 H H41    . DC B 2 4  ? 1.959   -0.209  -6.299  1.00 0.00 ? 15 DC B H41    2 
ATOM 1158 H H42    . DC B 2 4  ? 3.575   -0.723  -6.739  1.00 0.00 ? 15 DC B H42    2 
ATOM 1159 H H5     . DC B 2 4  ? 5.433   0.877   -7.055  1.00 0.00 ? 15 DC B H5     2 
ATOM 1160 H H6     . DC B 2 4  ? 6.033   3.208   -7.024  1.00 0.00 ? 15 DC B H6     2 
ATOM 1161 P P      . DT B 2 5  ? 5.209   8.444   -3.817  1.00 0.00 ? 16 DT B P      2 
ATOM 1162 O OP1    . DT B 2 5  ? 5.436   9.907   -3.784  1.00 0.00 ? 16 DT B OP1    2 
ATOM 1163 O OP2    . DT B 2 5  ? 6.021   7.553   -2.959  1.00 0.00 ? 16 DT B OP2    2 
ATOM 1164 O "O5'"  . DT B 2 5  ? 3.653   8.162   -3.507  1.00 0.00 ? 16 DT B "O5'"  2 
ATOM 1165 C "C5'"  . DT B 2 5  ? 2.641   8.853   -4.216  1.00 0.00 ? 16 DT B "C5'"  2 
ATOM 1166 C "C4'"  . DT B 2 5  ? 1.237   8.476   -3.735  1.00 0.00 ? 16 DT B "C4'"  2 
ATOM 1167 O "O4'"  . DT B 2 5  ? 1.042   7.095   -4.002  1.00 0.00 ? 16 DT B "O4'"  2 
ATOM 1168 C "C3'"  . DT B 2 5  ? 1.045   8.698   -2.228  1.00 0.00 ? 16 DT B "C3'"  2 
ATOM 1169 O "O3'"  . DT B 2 5  ? -0.278  9.154   -2.003  1.00 0.00 ? 16 DT B "O3'"  2 
ATOM 1170 C "C2'"  . DT B 2 5  ? 1.214   7.285   -1.676  1.00 0.00 ? 16 DT B "C2'"  2 
ATOM 1171 C "C1'"  . DT B 2 5  ? 0.619   6.455   -2.816  1.00 0.00 ? 16 DT B "C1'"  2 
ATOM 1172 N N1     . DT B 2 5  ? 1.062   5.033   -2.801  1.00 0.00 ? 16 DT B N1     2 
ATOM 1173 C C2     . DT B 2 5  ? 0.097   4.024   -2.818  1.00 0.00 ? 16 DT B C2     2 
ATOM 1174 O O2     . DT B 2 5  ? -1.113  4.241   -2.810  1.00 0.00 ? 16 DT B O2     2 
ATOM 1175 N N3     . DT B 2 5  ? 0.570   2.718   -2.834  1.00 0.00 ? 16 DT B N3     2 
ATOM 1176 C C4     . DT B 2 5  ? 1.904   2.334   -2.811  1.00 0.00 ? 16 DT B C4     2 
ATOM 1177 O O4     . DT B 2 5  ? 2.207   1.146   -2.802  1.00 0.00 ? 16 DT B O4     2 
ATOM 1178 C C5     . DT B 2 5  ? 2.845   3.437   -2.805  1.00 0.00 ? 16 DT B C5     2 
ATOM 1179 C C7     . DT B 2 5  ? 4.333   3.144   -2.791  1.00 0.00 ? 16 DT B C7     2 
ATOM 1180 C C6     . DT B 2 5  ? 2.404   4.721   -2.810  1.00 0.00 ? 16 DT B C6     2 
ATOM 1181 H "H5'"  . DT B 2 5  ? 2.716   8.626   -5.281  1.00 0.00 ? 16 DT B "H5'"  2 
ATOM 1182 H "H5''" . DT B 2 5  ? 2.771   9.927   -4.079  1.00 0.00 ? 16 DT B "H5''" 2 
ATOM 1183 H "H4'"  . DT B 2 5  ? 0.509   9.062   -4.297  1.00 0.00 ? 16 DT B "H4'"  2 
ATOM 1184 H "H3'"  . DT B 2 5  ? 1.775   9.402   -1.821  1.00 0.00 ? 16 DT B "H3'"  2 
ATOM 1185 H "H2'"  . DT B 2 5  ? 2.276   7.091   -1.530  1.00 0.00 ? 16 DT B "H2'"  2 
ATOM 1186 H "H2''" . DT B 2 5  ? 0.685   7.119   -0.740  1.00 0.00 ? 16 DT B "H2''" 2 
ATOM 1187 H "H1'"  . DT B 2 5  ? -0.466  6.554   -2.760  1.00 0.00 ? 16 DT B "H1'"  2 
ATOM 1188 H H3     . DT B 2 5  ? -0.123  1.982   -2.857  1.00 0.00 ? 16 DT B H3     2 
ATOM 1189 H H71    . DT B 2 5  ? 4.897   4.003   -2.429  1.00 0.00 ? 16 DT B H71    2 
ATOM 1190 H H72    . DT B 2 5  ? 4.535   2.297   -2.136  1.00 0.00 ? 16 DT B H72    2 
ATOM 1191 H H73    . DT B 2 5  ? 4.662   2.896   -3.799  1.00 0.00 ? 16 DT B H73    2 
ATOM 1192 H H6     . DT B 2 5  ? 3.130   5.519   -2.838  1.00 0.00 ? 16 DT B H6     2 
ATOM 1193 P P      . DT B 2 6  ? -0.793  9.644   -0.552  1.00 0.00 ? 17 DT B P      2 
ATOM 1194 O OP1    . DT B 2 6  ? -1.388  10.992  -0.702  1.00 0.00 ? 17 DT B OP1    2 
ATOM 1195 O OP2    . DT B 2 6  ? 0.278   9.420   0.444   1.00 0.00 ? 17 DT B OP2    2 
ATOM 1196 O "O5'"  . DT B 2 6  ? -1.978  8.592   -0.262  1.00 0.00 ? 17 DT B "O5'"  2 
ATOM 1197 C "C5'"  . DT B 2 6  ? -3.180  8.641   -1.003  1.00 0.00 ? 17 DT B "C5'"  2 
ATOM 1198 C "C4'"  . DT B 2 6  ? -4.138  7.512   -0.618  1.00 0.00 ? 17 DT B "C4'"  2 
ATOM 1199 O "O4'"  . DT B 2 6  ? -3.519  6.277   -0.963  1.00 0.00 ? 17 DT B "O4'"  2 
ATOM 1200 C "C3'"  . DT B 2 6  ? -4.452  7.468   0.888   1.00 0.00 ? 17 DT B "C3'"  2 
ATOM 1201 O "O3'"  . DT B 2 6  ? -5.813  7.085   1.033   1.00 0.00 ? 17 DT B "O3'"  2 
ATOM 1202 C "C2'"  . DT B 2 6  ? -3.517  6.353   1.355   1.00 0.00 ? 17 DT B "C2'"  2 
ATOM 1203 C "C1'"  . DT B 2 6  ? -3.614  5.415   0.152   1.00 0.00 ? 17 DT B "C1'"  2 
ATOM 1204 N N1     . DT B 2 6  ? -2.591  4.330   0.124   1.00 0.00 ? 17 DT B N1     2 
ATOM 1205 C C2     . DT B 2 6  ? -3.020  3.030   -0.155  1.00 0.00 ? 17 DT B C2     2 
ATOM 1206 O O2     . DT B 2 6  ? -4.179  2.755   -0.453  1.00 0.00 ? 17 DT B O2     2 
ATOM 1207 N N3     . DT B 2 6  ? -2.061  2.031   -0.085  1.00 0.00 ? 17 DT B N3     2 
ATOM 1208 C C4     . DT B 2 6  ? -0.713  2.213   0.185   1.00 0.00 ? 17 DT B C4     2 
ATOM 1209 O O4     . DT B 2 6  ? 0.043   1.245   0.220   1.00 0.00 ? 17 DT B O4     2 
ATOM 1210 C C5     . DT B 2 6  ? -0.330  3.599   0.392   1.00 0.00 ? 17 DT B C5     2 
ATOM 1211 C C7     . DT B 2 6  ? 1.121   3.941   0.666   1.00 0.00 ? 17 DT B C7     2 
ATOM 1212 C C6     . DT B 2 6  ? -1.259  4.589   0.357   1.00 0.00 ? 17 DT B C6     2 
ATOM 1213 H "H5'"  . DT B 2 6  ? -2.961  8.563   -2.068  1.00 0.00 ? 17 DT B "H5'"  2 
ATOM 1214 H "H5''" . DT B 2 6  ? -3.680  9.594   -0.819  1.00 0.00 ? 17 DT B "H5''" 2 
ATOM 1215 H "H4'"  . DT B 2 6  ? -5.059  7.628   -1.192  1.00 0.00 ? 17 DT B "H4'"  2 
ATOM 1216 H "H3'"  . DT B 2 6  ? -4.258  8.419   1.387   1.00 0.00 ? 17 DT B "H3'"  2 
ATOM 1217 H "H2'"  . DT B 2 6  ? -2.517  6.762   1.482   1.00 0.00 ? 17 DT B "H2'"  2 
ATOM 1218 H "H2''" . DT B 2 6  ? -3.829  5.871   2.278   1.00 0.00 ? 17 DT B "H2''" 2 
ATOM 1219 H "H1'"  . DT B 2 6  ? -4.622  5.001   0.162   1.00 0.00 ? 17 DT B "H1'"  2 
ATOM 1220 H H3     . DT B 2 6  ? -2.390  1.083   -0.227  1.00 0.00 ? 17 DT B H3     2 
ATOM 1221 H H71    . DT B 2 6  ? 1.301   3.891   1.741   1.00 0.00 ? 17 DT B H71    2 
ATOM 1222 H H72    . DT B 2 6  ? 1.776   3.231   0.161   1.00 0.00 ? 17 DT B H72    2 
ATOM 1223 H H73    . DT B 2 6  ? 1.353   4.944   0.310   1.00 0.00 ? 17 DT B H73    2 
ATOM 1224 H H6     . DT B 2 6  ? -0.938  5.608   0.504   1.00 0.00 ? 17 DT B H6     2 
ATOM 1225 P P      . DG B 2 7  ? -6.529  6.856   2.466   1.00 0.00 ? 18 DG B P      2 
ATOM 1226 O OP1    . DG B 2 7  ? -7.868  7.484   2.418   1.00 0.00 ? 18 DG B OP1    2 
ATOM 1227 O OP2    . DG B 2 7  ? -5.586  7.220   3.546   1.00 0.00 ? 18 DG B OP2    2 
ATOM 1228 O "O5'"  . DG B 2 7  ? -6.721  5.252   2.474   1.00 0.00 ? 18 DG B "O5'"  2 
ATOM 1229 C "C5'"  . DG B 2 7  ? -7.568  4.625   1.528   1.00 0.00 ? 18 DG B "C5'"  2 
ATOM 1230 C "C4'"  . DG B 2 7  ? -7.656  3.108   1.731   1.00 0.00 ? 18 DG B "C4'"  2 
ATOM 1231 O "O4'"  . DG B 2 7  ? -6.366  2.545   1.538   1.00 0.00 ? 18 DG B "O4'"  2 
ATOM 1232 C "C3'"  . DG B 2 7  ? -8.127  2.717   3.139   1.00 0.00 ? 18 DG B "C3'"  2 
ATOM 1233 O "O3'"  . DG B 2 7  ? -8.946  1.565   3.021   1.00 0.00 ? 18 DG B "O3'"  2 
ATOM 1234 C "C2'"  . DG B 2 7  ? -6.802  2.382   3.816   1.00 0.00 ? 18 DG B "C2'"  2 
ATOM 1235 C "C1'"  . DG B 2 7  ? -6.043  1.744   2.657   1.00 0.00 ? 18 DG B "C1'"  2 
ATOM 1236 N N9     . DG B 2 7  ? -4.582  1.732   2.897   1.00 0.00 ? 18 DG B N9     2 
ATOM 1237 C C8     . DG B 2 7  ? -3.753  2.798   3.138   1.00 0.00 ? 18 DG B C8     2 
ATOM 1238 N N7     . DG B 2 7  ? -2.499  2.481   3.290   1.00 0.00 ? 18 DG B N7     2 
ATOM 1239 C C5     . DG B 2 7  ? -2.488  1.099   3.139   1.00 0.00 ? 18 DG B C5     2 
ATOM 1240 C C6     . DG B 2 7  ? -1.395  0.184   3.193   1.00 0.00 ? 18 DG B C6     2 
ATOM 1241 O O6     . DG B 2 7  ? -0.214  0.438   3.413   1.00 0.00 ? 18 DG B O6     2 
ATOM 1242 N N1     . DG B 2 7  ? -1.788  -1.132  2.961   1.00 0.00 ? 18 DG B N1     2 
ATOM 1243 C C2     . DG B 2 7  ? -3.094  -1.526  2.734   1.00 0.00 ? 18 DG B C2     2 
ATOM 1244 N N2     . DG B 2 7  ? -3.317  -2.832  2.555   1.00 0.00 ? 18 DG B N2     2 
ATOM 1245 N N3     . DG B 2 7  ? -4.129  -0.669  2.716   1.00 0.00 ? 18 DG B N3     2 
ATOM 1246 C C4     . DG B 2 7  ? -3.760  0.628   2.906   1.00 0.00 ? 18 DG B C4     2 
ATOM 1247 H "H5'"  . DG B 2 7  ? -7.199  4.819   0.521   1.00 0.00 ? 18 DG B "H5'"  2 
ATOM 1248 H "H5''" . DG B 2 7  ? -8.575  5.036   1.614   1.00 0.00 ? 18 DG B "H5''" 2 
ATOM 1249 H "H4'"  . DG B 2 7  ? -8.340  2.706   0.982   1.00 0.00 ? 18 DG B "H4'"  2 
ATOM 1250 H "H3'"  . DG B 2 7  ? -8.660  3.527   3.640   1.00 0.00 ? 18 DG B "H3'"  2 
ATOM 1251 H "H2'"  . DG B 2 7  ? -6.318  3.303   4.139   1.00 0.00 ? 18 DG B "H2'"  2 
ATOM 1252 H "H2''" . DG B 2 7  ? -6.903  1.704   4.658   1.00 0.00 ? 18 DG B "H2''" 2 
ATOM 1253 H "H1'"  . DG B 2 7  ? -6.419  0.734   2.492   1.00 0.00 ? 18 DG B "H1'"  2 
ATOM 1254 H H8     . DG B 2 7  ? -4.109  3.813   3.200   1.00 0.00 ? 18 DG B H8     2 
ATOM 1255 H H1     . DG B 2 7  ? -1.053  -1.831  2.963   1.00 0.00 ? 18 DG B H1     2 
ATOM 1256 H H21    . DG B 2 7  ? -2.549  -3.490  2.593   1.00 0.00 ? 18 DG B H21    2 
ATOM 1257 H H22    . DG B 2 7  ? -4.258  -3.159  2.390   1.00 0.00 ? 18 DG B H22    2 
ATOM 1258 P P      . DT B 2 8  ? -9.656  0.853   4.286   1.00 0.00 ? 19 DT B P      2 
ATOM 1259 O OP1    . DT B 2 8  ? -11.062 0.564   3.926   1.00 0.00 ? 19 DT B OP1    2 
ATOM 1260 O OP2    . DT B 2 8  ? -9.359  1.628   5.512   1.00 0.00 ? 19 DT B OP2    2 
ATOM 1261 O "O5'"  . DT B 2 8  ? -8.854  -0.544  4.363   1.00 0.00 ? 19 DT B "O5'"  2 
ATOM 1262 C "C5'"  . DT B 2 8  ? -8.931  -1.480  3.305   1.00 0.00 ? 19 DT B "C5'"  2 
ATOM 1263 C "C4'"  . DT B 2 8  ? -8.129  -2.752  3.602   1.00 0.00 ? 19 DT B "C4'"  2 
ATOM 1264 O "O4'"  . DT B 2 8  ? -6.767  -2.389  3.775   1.00 0.00 ? 19 DT B "O4'"  2 
ATOM 1265 C "C3'"  . DT B 2 8  ? -8.597  -3.456  4.885   1.00 0.00 ? 19 DT B "C3'"  2 
ATOM 1266 O "O3'"  . DT B 2 8  ? -8.504  -4.858  4.692   1.00 0.00 ? 19 DT B "O3'"  2 
ATOM 1267 C "C2'"  . DT B 2 8  ? -7.559  -2.979  5.898   1.00 0.00 ? 19 DT B "C2'"  2 
ATOM 1268 C "C1'"  . DT B 2 8  ? -6.313  -2.896  5.015   1.00 0.00 ? 19 DT B "C1'"  2 
ATOM 1269 N N1     . DT B 2 8  ? -5.246  -2.018  5.573   1.00 0.00 ? 19 DT B N1     2 
ATOM 1270 C C2     . DT B 2 8  ? -3.955  -2.533  5.715   1.00 0.00 ? 19 DT B C2     2 
ATOM 1271 O O2     . DT B 2 8  ? -3.660  -3.701  5.478   1.00 0.00 ? 19 DT B O2     2 
ATOM 1272 N N3     . DT B 2 8  ? -2.984  -1.641  6.147   1.00 0.00 ? 19 DT B N3     2 
ATOM 1273 C C4     . DT B 2 8  ? -3.179  -0.309  6.475   1.00 0.00 ? 19 DT B C4     2 
ATOM 1274 O O4     . DT B 2 8  ? -2.233  0.384   6.839   1.00 0.00 ? 19 DT B O4     2 
ATOM 1275 C C5     . DT B 2 8  ? -4.550  0.142   6.331   1.00 0.00 ? 19 DT B C5     2 
ATOM 1276 C C7     . DT B 2 8  ? -4.900  1.572   6.698   1.00 0.00 ? 19 DT B C7     2 
ATOM 1277 C C6     . DT B 2 8  ? -5.512  -0.704  5.884   1.00 0.00 ? 19 DT B C6     2 
ATOM 1278 H "H5'"  . DT B 2 8  ? -8.543  -1.031  2.390   1.00 0.00 ? 19 DT B "H5'"  2 
ATOM 1279 H "H5''" . DT B 2 8  ? -9.971  -1.762  3.141   1.00 0.00 ? 19 DT B "H5''" 2 
ATOM 1280 H "H4'"  . DT B 2 8  ? -8.221  -3.426  2.750   1.00 0.00 ? 19 DT B "H4'"  2 
ATOM 1281 H "H3'"  . DT B 2 8  ? -9.612  -3.169  5.161   1.00 0.00 ? 19 DT B "H3'"  2 
ATOM 1282 H "H2'"  . DT B 2 8  ? -7.862  -2.006  6.279   1.00 0.00 ? 19 DT B "H2'"  2 
ATOM 1283 H "H2''" . DT B 2 8  ? -7.422  -3.665  6.733   1.00 0.00 ? 19 DT B "H2''" 2 
ATOM 1284 H "H1'"  . DT B 2 8  ? -5.964  -3.914  4.841   1.00 0.00 ? 19 DT B "H1'"  2 
ATOM 1285 H H3     . DT B 2 8  ? -2.041  -1.995  6.228   1.00 0.00 ? 19 DT B H3     2 
ATOM 1286 H H71    . DT B 2 8  ? -5.973  1.681   6.859   1.00 0.00 ? 19 DT B H71    2 
ATOM 1287 H H72    . DT B 2 8  ? -4.384  1.851   7.617   1.00 0.00 ? 19 DT B H72    2 
ATOM 1288 H H73    . DT B 2 8  ? -4.583  2.239   5.898   1.00 0.00 ? 19 DT B H73    2 
ATOM 1289 H H6     . DT B 2 8  ? -6.516  -0.330  5.756   1.00 0.00 ? 19 DT B H6     2 
ATOM 1290 P P      . DG B 2 9  ? -8.992  -5.923  5.807   1.00 0.00 ? 20 DG B P      2 
ATOM 1291 O OP1    . DG B 2 9  ? -9.701  -7.024  5.117   1.00 0.00 ? 20 DG B OP1    2 
ATOM 1292 O OP2    . DG B 2 9  ? -9.666  -5.193  6.905   1.00 0.00 ? 20 DG B OP2    2 
ATOM 1293 O "O5'"  . DG B 2 9  ? -7.591  -6.492  6.368   1.00 0.00 ? 20 DG B "O5'"  2 
ATOM 1294 C "C5'"  . DG B 2 9  ? -6.790  -7.348  5.578   1.00 0.00 ? 20 DG B "C5'"  2 
ATOM 1295 C "C4'"  . DG B 2 9  ? -5.528  -7.799  6.321   1.00 0.00 ? 20 DG B "C4'"  2 
ATOM 1296 O "O4'"  . DG B 2 9  ? -4.694  -6.667  6.529   1.00 0.00 ? 20 DG B "O4'"  2 
ATOM 1297 C "C3'"  . DG B 2 9  ? -5.831  -8.409  7.701   1.00 0.00 ? 20 DG B "C3'"  2 
ATOM 1298 O "O3'"  . DG B 2 9  ? -4.915  -9.471  7.918   1.00 0.00 ? 20 DG B "O3'"  2 
ATOM 1299 C "C2'"  . DG B 2 9  ? -5.514  -7.232  8.623   1.00 0.00 ? 20 DG B "C2'"  2 
ATOM 1300 C "C1'"  . DG B 2 9  ? -4.315  -6.639  7.889   1.00 0.00 ? 20 DG B "C1'"  2 
ATOM 1301 N N9     . DG B 2 9  ? -3.985  -5.263  8.328   1.00 0.00 ? 20 DG B N9     2 
ATOM 1302 C C8     . DG B 2 9  ? -4.823  -4.191  8.507   1.00 0.00 ? 20 DG B C8     2 
ATOM 1303 N N7     . DG B 2 9  ? -4.222  -3.092  8.861   1.00 0.00 ? 20 DG B N7     2 
ATOM 1304 C C5     . DG B 2 9  ? -2.882  -3.455  8.932   1.00 0.00 ? 20 DG B C5     2 
ATOM 1305 C C6     . DG B 2 9  ? -1.738  -2.673  9.271   1.00 0.00 ? 20 DG B C6     2 
ATOM 1306 O O6     . DG B 2 9  ? -1.700  -1.475  9.544   1.00 0.00 ? 20 DG B O6     2 
ATOM 1307 N N1     . DG B 2 9  ? -0.565  -3.424  9.288   1.00 0.00 ? 20 DG B N1     2 
ATOM 1308 C C2     . DG B 2 9  ? -0.496  -4.772  8.981   1.00 0.00 ? 20 DG B C2     2 
ATOM 1309 N N2     . DG B 2 9  ? 0.702   -5.360  9.069   1.00 0.00 ? 20 DG B N2     2 
ATOM 1310 N N3     . DG B 2 9  ? -1.566  -5.499  8.622   1.00 0.00 ? 20 DG B N3     2 
ATOM 1311 C C4     . DG B 2 9  ? -2.728  -4.786  8.621   1.00 0.00 ? 20 DG B C4     2 
ATOM 1312 H "H5'"  . DG B 2 9  ? -6.498  -6.838  4.659   1.00 0.00 ? 20 DG B "H5'"  2 
ATOM 1313 H "H5''" . DG B 2 9  ? -7.362  -8.240  5.318   1.00 0.00 ? 20 DG B "H5''" 2 
ATOM 1314 H "H4'"  . DG B 2 9  ? -5.002  -8.523  5.698   1.00 0.00 ? 20 DG B "H4'"  2 
ATOM 1315 H "H3'"  . DG B 2 9  ? -6.862  -8.753  7.790   1.00 0.00 ? 20 DG B "H3'"  2 
ATOM 1316 H "H2'"  . DG B 2 9  ? -6.355  -6.538  8.629   1.00 0.00 ? 20 DG B "H2'"  2 
ATOM 1317 H "H2''" . DG B 2 9  ? -5.271  -7.520  9.643   1.00 0.00 ? 20 DG B "H2''" 2 
ATOM 1318 H "H1'"  . DG B 2 9  ? -3.456  -7.296  8.029   1.00 0.00 ? 20 DG B "H1'"  2 
ATOM 1319 H H8     . DG B 2 9  ? -5.891  -4.247  8.363   1.00 0.00 ? 20 DG B H8     2 
ATOM 1320 H H1     . DG B 2 9  ? 0.282   -2.931  9.541   1.00 0.00 ? 20 DG B H1     2 
ATOM 1321 H H21    . DG B 2 9  ? 1.513   -4.826  9.350   1.00 0.00 ? 20 DG B H21    2 
ATOM 1322 H H22    . DG B 2 9  ? 0.792   -6.342  8.850   1.00 0.00 ? 20 DG B H22    2 
ATOM 1323 P P      . DG B 2 10 ? -4.980  -10.446 9.206   1.00 0.00 ? 21 DG B P      2 
ATOM 1324 O OP1    . DG B 2 10 ? -5.112  -11.840 8.728   1.00 0.00 ? 21 DG B OP1    2 
ATOM 1325 O OP2    . DG B 2 10 ? -5.957  -9.908  10.180  1.00 0.00 ? 21 DG B OP2    2 
ATOM 1326 O "O5'"  . DG B 2 10 ? -3.503  -10.255 9.822   1.00 0.00 ? 21 DG B "O5'"  2 
ATOM 1327 C "C5'"  . DG B 2 10 ? -2.357  -10.740 9.147   1.00 0.00 ? 21 DG B "C5'"  2 
ATOM 1328 C "C4'"  . DG B 2 10 ? -1.072  -10.367 9.894   1.00 0.00 ? 21 DG B "C4'"  2 
ATOM 1329 O "O4'"  . DG B 2 10 ? -0.978  -8.951  9.974   1.00 0.00 ? 21 DG B "O4'"  2 
ATOM 1330 C "C3'"  . DG B 2 10 ? -1.035  -10.922 11.325  1.00 0.00 ? 21 DG B "C3'"  2 
ATOM 1331 O "O3'"  . DG B 2 10 ? 0.301   -11.296 11.631  1.00 0.00 ? 21 DG B "O3'"  2 
ATOM 1332 C "C2'"  . DG B 2 10 ? -1.489  -9.706  12.125  1.00 0.00 ? 21 DG B "C2'"  2 
ATOM 1333 C "C1'"  . DG B 2 10 ? -0.833  -8.581  11.332  1.00 0.00 ? 21 DG B "C1'"  2 
ATOM 1334 N N9     . DG B 2 10 ? -1.479  -7.274  11.587  1.00 0.00 ? 21 DG B N9     2 
ATOM 1335 C C8     . DG B 2 10 ? -2.807  -6.947  11.486  1.00 0.00 ? 21 DG B C8     2 
ATOM 1336 N N7     . DG B 2 10 ? -3.074  -5.698  11.747  1.00 0.00 ? 21 DG B N7     2 
ATOM 1337 C C5     . DG B 2 10 ? -1.831  -5.149  12.036  1.00 0.00 ? 21 DG B C5     2 
ATOM 1338 C C6     . DG B 2 10 ? -1.482  -3.807  12.373  1.00 0.00 ? 21 DG B C6     2 
ATOM 1339 O O6     . DG B 2 10 ? -2.229  -2.838  12.470  1.00 0.00 ? 21 DG B O6     2 
ATOM 1340 N N1     . DG B 2 10 ? -0.114  -3.649  12.584  1.00 0.00 ? 21 DG B N1     2 
ATOM 1341 C C2     . DG B 2 10 ? 0.813   -4.669  12.483  1.00 0.00 ? 21 DG B C2     2 
ATOM 1342 N N2     . DG B 2 10 ? 2.086   -4.367  12.759  1.00 0.00 ? 21 DG B N2     2 
ATOM 1343 N N3     . DG B 2 10 ? 0.485   -5.932  12.167  1.00 0.00 ? 21 DG B N3     2 
ATOM 1344 C C4     . DG B 2 10 ? -0.848  -6.105  11.948  1.00 0.00 ? 21 DG B C4     2 
ATOM 1345 H "H5'"  . DG B 2 10 ? -2.313  -10.312 8.143   1.00 0.00 ? 21 DG B "H5'"  2 
ATOM 1346 H "H5''" . DG B 2 10 ? -2.414  -11.827 9.062   1.00 0.00 ? 21 DG B "H5''" 2 
ATOM 1347 H "H4'"  . DG B 2 10 ? -0.224  -10.752 9.323   1.00 0.00 ? 21 DG B "H4'"  2 
ATOM 1348 H "H3'"  . DG B 2 10 ? -1.706  -11.773 11.455  1.00 0.00 ? 21 DG B "H3'"  2 
ATOM 1349 H "H2'"  . DG B 2 10 ? -2.576  -9.635  12.086  1.00 0.00 ? 21 DG B "H2'"  2 
ATOM 1350 H "H2''" . DG B 2 10 ? -1.173  -9.731  13.161  1.00 0.00 ? 21 DG B "H2''" 2 
ATOM 1351 H "H1'"  . DG B 2 10 ? 0.229   -8.547  11.577  1.00 0.00 ? 21 DG B "H1'"  2 
ATOM 1352 H H8     . DG B 2 10 ? -3.569  -7.662  11.217  1.00 0.00 ? 21 DG B H8     2 
ATOM 1353 H H1     . DG B 2 10 ? 0.200   -2.717  12.822  1.00 0.00 ? 21 DG B H1     2 
ATOM 1354 H H21    . DG B 2 10 ? 2.343   -3.426  13.027  1.00 0.00 ? 21 DG B H21    2 
ATOM 1355 H H22    . DG B 2 10 ? 2.793   -5.086  12.701  1.00 0.00 ? 21 DG B H22    2 
ATOM 1356 P P      . DC B 2 11 ? 0.749   -11.865 13.079  1.00 0.00 ? 22 DC B P      2 
ATOM 1357 O OP1    . DC B 2 11 ? 1.769   -12.917 12.867  1.00 0.00 ? 22 DC B OP1    2 
ATOM 1358 O OP2    . DC B 2 11 ? -0.462  -12.170 13.873  1.00 0.00 ? 22 DC B OP2    2 
ATOM 1359 O "O5'"  . DC B 2 11 ? 1.479   -10.587 13.744  1.00 0.00 ? 22 DC B "O5'"  2 
ATOM 1360 C "C5'"  . DC B 2 11 ? 2.698   -10.094 13.219  1.00 0.00 ? 22 DC B "C5'"  2 
ATOM 1361 C "C4'"  . DC B 2 11 ? 3.208   -8.885  14.009  1.00 0.00 ? 22 DC B "C4'"  2 
ATOM 1362 O "O4'"  . DC B 2 11 ? 2.229   -7.861  13.945  1.00 0.00 ? 22 DC B "O4'"  2 
ATOM 1363 C "C3'"  . DC B 2 11 ? 3.452   -9.197  15.492  1.00 0.00 ? 22 DC B "C3'"  2 
ATOM 1364 O "O3'"  . DC B 2 11 ? 4.584   -8.490  15.956  1.00 0.00 ? 22 DC B "O3'"  2 
ATOM 1365 C "C2'"  . DC B 2 11 ? 2.215   -8.612  16.162  1.00 0.00 ? 22 DC B "C2'"  2 
ATOM 1366 C "C1'"  . DC B 2 11 ? 1.960   -7.405  15.256  1.00 0.00 ? 22 DC B "C1'"  2 
ATOM 1367 N N1     . DC B 2 11 ? 0.570   -6.875  15.342  1.00 0.00 ? 22 DC B N1     2 
ATOM 1368 C C2     . DC B 2 11 ? 0.372   -5.513  15.578  1.00 0.00 ? 22 DC B C2     2 
ATOM 1369 O O2     . DC B 2 11 ? 1.311   -4.760  15.824  1.00 0.00 ? 22 DC B O2     2 
ATOM 1370 N N3     . DC B 2 11 ? -0.898  -5.019  15.522  1.00 0.00 ? 22 DC B N3     2 
ATOM 1371 C C4     . DC B 2 11 ? -1.944  -5.813  15.252  1.00 0.00 ? 22 DC B C4     2 
ATOM 1372 N N4     . DC B 2 11 ? -3.158  -5.264  15.160  1.00 0.00 ? 22 DC B N4     2 
ATOM 1373 C C5     . DC B 2 11 ? -1.768  -7.219  15.025  1.00 0.00 ? 22 DC B C5     2 
ATOM 1374 C C6     . DC B 2 11 ? -0.501  -7.694  15.076  1.00 0.00 ? 22 DC B C6     2 
ATOM 1375 H "H5'"  . DC B 2 11 ? 2.554   -9.797  12.179  1.00 0.00 ? 22 DC B "H5'"  2 
ATOM 1376 H "H5''" . DC B 2 11 ? 3.456   -10.878 13.255  1.00 0.00 ? 22 DC B "H5''" 2 
ATOM 1377 H "H4'"  . DC B 2 11 ? 4.133   -8.535  13.547  1.00 0.00 ? 22 DC B "H4'"  2 
ATOM 1378 H "H3'"  . DC B 2 11 ? 3.566   -10.264 15.691  1.00 0.00 ? 22 DC B "H3'"  2 
ATOM 1379 H "HO3'" . DC B 2 11 ? 4.708   -8.689  16.888  1.00 0.00 ? 22 DC B "HO3'" 2 
ATOM 1380 H "H2'"  . DC B 2 11 ? 1.410   -9.344  16.118  1.00 0.00 ? 22 DC B "H2'"  2 
ATOM 1381 H "H2''" . DC B 2 11 ? 2.396   -8.319  17.197  1.00 0.00 ? 22 DC B "H2''" 2 
ATOM 1382 H "H1'"  . DC B 2 11 ? 2.710   -6.651  15.496  1.00 0.00 ? 22 DC B "H1'"  2 
ATOM 1383 H H41    . DC B 2 11 ? -3.259  -4.263  15.271  1.00 0.00 ? 22 DC B H41    2 
ATOM 1384 H H42    . DC B 2 11 ? -3.958  -5.830  14.919  1.00 0.00 ? 22 DC B H42    2 
ATOM 1385 H H5     . DC B 2 11 ? -2.582  -7.894  14.799  1.00 0.00 ? 22 DC B H5     2 
ATOM 1386 H H6     . DC B 2 11 ? -0.331  -8.742  14.899  1.00 0.00 ? 22 DC B H6     2 
# 
